data_4LPF
# 
_entry.id   4LPF 
# 
_audit_conform.dict_name       mmcif_pdbx.dic 
_audit_conform.dict_version    5.381 
_audit_conform.dict_location   http://mmcif.pdb.org/dictionaries/ascii/mmcif_pdbx.dic 
# 
loop_
_database_2.database_id 
_database_2.database_code 
_database_2.pdbx_database_accession 
_database_2.pdbx_DOI 
PDB   4LPF         pdb_00004lpf 10.2210/pdb4lpf/pdb 
RCSB  RCSB080920   ?            ?                   
WWPDB D_1000080920 ?            ?                   
# 
loop_
_pdbx_database_related.db_name 
_pdbx_database_related.db_id 
_pdbx_database_related.details 
_pdbx_database_related.content_type 
PDB 4GQU 'The native structure of Mycobacterium tuberculosis imidazole glycerol phosphate dehydratase' unspecified 
PDB 4LOM .                                                                                             unspecified 
# 
_pdbx_database_status.status_code                     REL 
_pdbx_database_status.entry_id                        4LPF 
_pdbx_database_status.recvd_initial_deposition_date   2013-07-16 
_pdbx_database_status.deposit_site                    RCSB 
_pdbx_database_status.process_site                    PDBJ 
_pdbx_database_status.methods_development_category    ? 
_pdbx_database_status.status_code_sf                  REL 
_pdbx_database_status.status_code_mr                  ? 
_pdbx_database_status.SG_entry                        ? 
_pdbx_database_status.status_code_cs                  ? 
_pdbx_database_status.pdb_format_compatible           Y 
_pdbx_database_status.status_code_nmr_data            ? 
# 
loop_
_audit_author.name 
_audit_author.pdbx_ordinal 
'Ahangar, M.S.' 1 
'Vyas, R.'      2 
'Nasir, N.'     3 
'Biswal, B.K.'  4 
# 
_citation.id                        primary 
_citation.title                     
;Crystal structures of the native, substrate- 
bound and inhibited forms of  Mycobacterium tuberculosis  imidazole glycerol phosphate dehydratase
;
_citation.journal_abbrev            'Acta Crystallogr.,Sect.D' 
_citation.journal_volume            ? 
_citation.page_first                ? 
_citation.page_last                 ? 
_citation.year                      2013 
_citation.journal_id_ASTM           ABCRE6 
_citation.country                   DK 
_citation.journal_id_ISSN           0907-4449 
_citation.journal_id_CSD            0766 
_citation.book_publisher            ? 
_citation.pdbx_database_id_PubMed   ? 
_citation.pdbx_database_id_DOI      ? 
# 
loop_
_citation_author.citation_id 
_citation_author.name 
_citation_author.ordinal 
_citation_author.identifier_ORCID 
primary 'Ahangar, M.S.' 1 ? 
primary 'Vyas, R.'      2 ? 
primary 'Nasir, N.'     3 ? 
primary 'Biswal, B.K.'  4 ? 
# 
_cell.entry_id           4LPF 
_cell.length_a           112.211 
_cell.length_b           112.211 
_cell.length_c           112.211 
_cell.angle_alpha        90.00 
_cell.angle_beta         90.00 
_cell.angle_gamma        90.00 
_cell.Z_PDB              24 
_cell.pdbx_unique_axis   ? 
_cell.length_a_esd       ? 
_cell.length_b_esd       ? 
_cell.length_c_esd       ? 
_cell.angle_alpha_esd    ? 
_cell.angle_beta_esd     ? 
_cell.angle_gamma_esd    ? 
# 
_symmetry.entry_id                         4LPF 
_symmetry.space_group_name_H-M             'P 4 3 2' 
_symmetry.pdbx_full_space_group_name_H-M   ? 
_symmetry.cell_setting                     ? 
_symmetry.Int_Tables_number                207 
_symmetry.space_group_name_Hall            ? 
# 
loop_
_entity.id 
_entity.type 
_entity.src_method 
_entity.pdbx_description 
_entity.formula_weight 
_entity.pdbx_number_of_molecules 
_entity.pdbx_ec 
_entity.pdbx_mutation 
_entity.pdbx_fragment 
_entity.details 
1 polymer     man 'Imidazoleglycerol-phosphate dehydratase' 23633.516 1  4.2.1.19 ? 'UNP residues 2-210' ? 
2 non-polymer syn 3-AMINO-1,2,4-TRIAZOLE                    84.080    1  ?        ? ?                    ? 
3 non-polymer syn 'MANGANESE (II) ION'                      54.938    3  ?        ? ?                    ? 
4 water       nat water                                     18.015    71 ?        ? ?                    ? 
# 
_entity_name_com.entity_id   1 
_entity_name_com.name        IGPD 
# 
_entity_poly.entity_id                      1 
_entity_poly.type                           'polypeptide(L)' 
_entity_poly.nstd_linkage                   no 
_entity_poly.nstd_monomer                   no 
_entity_poly.pdbx_seq_one_letter_code       
;MHHHHHHTTTQTAKASRRARIERRTRESDIVIELDLDGTGQVAVDTGVPFYDHMLTALGSHASFDLTVRATGDVEIEAHH
TIEDTAIALGTALGQALGDKRGIRRFGDAFIPMDETLAHAAVDLSGRPYCVHTGEPDHLQHTTIAGSSVPYHTVINRHVF
ESLAANARIALHVRVLYGRDPHHITEAQYKAVARALRQAVEPDPRVSGVPSTKGAL
;
_entity_poly.pdbx_seq_one_letter_code_can   
;MHHHHHHTTTQTAKASRRARIERRTRESDIVIELDLDGTGQVAVDTGVPFYDHMLTALGSHASFDLTVRATGDVEIEAHH
TIEDTAIALGTALGQALGDKRGIRRFGDAFIPMDETLAHAAVDLSGRPYCVHTGEPDHLQHTTIAGSSVPYHTVINRHVF
ESLAANARIALHVRVLYGRDPHHITEAQYKAVARALRQAVEPDPRVSGVPSTKGAL
;
_entity_poly.pdbx_strand_id                 A 
_entity_poly.pdbx_target_identifier         ? 
# 
loop_
_entity_poly_seq.entity_id 
_entity_poly_seq.num 
_entity_poly_seq.mon_id 
_entity_poly_seq.hetero 
1 1   MET n 
1 2   HIS n 
1 3   HIS n 
1 4   HIS n 
1 5   HIS n 
1 6   HIS n 
1 7   HIS n 
1 8   THR n 
1 9   THR n 
1 10  THR n 
1 11  GLN n 
1 12  THR n 
1 13  ALA n 
1 14  LYS n 
1 15  ALA n 
1 16  SER n 
1 17  ARG n 
1 18  ARG n 
1 19  ALA n 
1 20  ARG n 
1 21  ILE n 
1 22  GLU n 
1 23  ARG n 
1 24  ARG n 
1 25  THR n 
1 26  ARG n 
1 27  GLU n 
1 28  SER n 
1 29  ASP n 
1 30  ILE n 
1 31  VAL n 
1 32  ILE n 
1 33  GLU n 
1 34  LEU n 
1 35  ASP n 
1 36  LEU n 
1 37  ASP n 
1 38  GLY n 
1 39  THR n 
1 40  GLY n 
1 41  GLN n 
1 42  VAL n 
1 43  ALA n 
1 44  VAL n 
1 45  ASP n 
1 46  THR n 
1 47  GLY n 
1 48  VAL n 
1 49  PRO n 
1 50  PHE n 
1 51  TYR n 
1 52  ASP n 
1 53  HIS n 
1 54  MET n 
1 55  LEU n 
1 56  THR n 
1 57  ALA n 
1 58  LEU n 
1 59  GLY n 
1 60  SER n 
1 61  HIS n 
1 62  ALA n 
1 63  SER n 
1 64  PHE n 
1 65  ASP n 
1 66  LEU n 
1 67  THR n 
1 68  VAL n 
1 69  ARG n 
1 70  ALA n 
1 71  THR n 
1 72  GLY n 
1 73  ASP n 
1 74  VAL n 
1 75  GLU n 
1 76  ILE n 
1 77  GLU n 
1 78  ALA n 
1 79  HIS n 
1 80  HIS n 
1 81  THR n 
1 82  ILE n 
1 83  GLU n 
1 84  ASP n 
1 85  THR n 
1 86  ALA n 
1 87  ILE n 
1 88  ALA n 
1 89  LEU n 
1 90  GLY n 
1 91  THR n 
1 92  ALA n 
1 93  LEU n 
1 94  GLY n 
1 95  GLN n 
1 96  ALA n 
1 97  LEU n 
1 98  GLY n 
1 99  ASP n 
1 100 LYS n 
1 101 ARG n 
1 102 GLY n 
1 103 ILE n 
1 104 ARG n 
1 105 ARG n 
1 106 PHE n 
1 107 GLY n 
1 108 ASP n 
1 109 ALA n 
1 110 PHE n 
1 111 ILE n 
1 112 PRO n 
1 113 MET n 
1 114 ASP n 
1 115 GLU n 
1 116 THR n 
1 117 LEU n 
1 118 ALA n 
1 119 HIS n 
1 120 ALA n 
1 121 ALA n 
1 122 VAL n 
1 123 ASP n 
1 124 LEU n 
1 125 SER n 
1 126 GLY n 
1 127 ARG n 
1 128 PRO n 
1 129 TYR n 
1 130 CYS n 
1 131 VAL n 
1 132 HIS n 
1 133 THR n 
1 134 GLY n 
1 135 GLU n 
1 136 PRO n 
1 137 ASP n 
1 138 HIS n 
1 139 LEU n 
1 140 GLN n 
1 141 HIS n 
1 142 THR n 
1 143 THR n 
1 144 ILE n 
1 145 ALA n 
1 146 GLY n 
1 147 SER n 
1 148 SER n 
1 149 VAL n 
1 150 PRO n 
1 151 TYR n 
1 152 HIS n 
1 153 THR n 
1 154 VAL n 
1 155 ILE n 
1 156 ASN n 
1 157 ARG n 
1 158 HIS n 
1 159 VAL n 
1 160 PHE n 
1 161 GLU n 
1 162 SER n 
1 163 LEU n 
1 164 ALA n 
1 165 ALA n 
1 166 ASN n 
1 167 ALA n 
1 168 ARG n 
1 169 ILE n 
1 170 ALA n 
1 171 LEU n 
1 172 HIS n 
1 173 VAL n 
1 174 ARG n 
1 175 VAL n 
1 176 LEU n 
1 177 TYR n 
1 178 GLY n 
1 179 ARG n 
1 180 ASP n 
1 181 PRO n 
1 182 HIS n 
1 183 HIS n 
1 184 ILE n 
1 185 THR n 
1 186 GLU n 
1 187 ALA n 
1 188 GLN n 
1 189 TYR n 
1 190 LYS n 
1 191 ALA n 
1 192 VAL n 
1 193 ALA n 
1 194 ARG n 
1 195 ALA n 
1 196 LEU n 
1 197 ARG n 
1 198 GLN n 
1 199 ALA n 
1 200 VAL n 
1 201 GLU n 
1 202 PRO n 
1 203 ASP n 
1 204 PRO n 
1 205 ARG n 
1 206 VAL n 
1 207 SER n 
1 208 GLY n 
1 209 VAL n 
1 210 PRO n 
1 211 SER n 
1 212 THR n 
1 213 LYS n 
1 214 GLY n 
1 215 ALA n 
1 216 LEU n 
# 
_entity_src_gen.entity_id                          1 
_entity_src_gen.pdbx_src_id                        1 
_entity_src_gen.pdbx_alt_source_flag               sample 
_entity_src_gen.pdbx_seq_type                      ? 
_entity_src_gen.pdbx_beg_seq_num                   ? 
_entity_src_gen.pdbx_end_seq_num                   ? 
_entity_src_gen.gene_src_common_name               ? 
_entity_src_gen.gene_src_genus                     ? 
_entity_src_gen.pdbx_gene_src_gene                 'hisB, RVBD_1601' 
_entity_src_gen.gene_src_species                   ? 
_entity_src_gen.gene_src_strain                    ? 
_entity_src_gen.gene_src_tissue                    ? 
_entity_src_gen.gene_src_tissue_fraction           ? 
_entity_src_gen.gene_src_details                   ? 
_entity_src_gen.pdbx_gene_src_fragment             ? 
_entity_src_gen.pdbx_gene_src_scientific_name      'Mycobacterium tuberculosis H37Rv' 
_entity_src_gen.pdbx_gene_src_ncbi_taxonomy_id     83332 
_entity_src_gen.pdbx_gene_src_variant              ? 
_entity_src_gen.pdbx_gene_src_cell_line            ? 
_entity_src_gen.pdbx_gene_src_atcc                 ? 
_entity_src_gen.pdbx_gene_src_organ                ? 
_entity_src_gen.pdbx_gene_src_organelle            ? 
_entity_src_gen.pdbx_gene_src_cell                 ? 
_entity_src_gen.pdbx_gene_src_cellular_location    ? 
_entity_src_gen.host_org_common_name               ? 
_entity_src_gen.pdbx_host_org_scientific_name      'Mycobacterium smegmatis' 
_entity_src_gen.pdbx_host_org_ncbi_taxonomy_id     1772 
_entity_src_gen.host_org_genus                     ? 
_entity_src_gen.pdbx_host_org_gene                 ? 
_entity_src_gen.pdbx_host_org_organ                ? 
_entity_src_gen.host_org_species                   ? 
_entity_src_gen.pdbx_host_org_tissue               ? 
_entity_src_gen.pdbx_host_org_tissue_fraction      ? 
_entity_src_gen.pdbx_host_org_strain               'mc2(4517)' 
_entity_src_gen.pdbx_host_org_variant              ? 
_entity_src_gen.pdbx_host_org_cell_line            ? 
_entity_src_gen.pdbx_host_org_atcc                 ? 
_entity_src_gen.pdbx_host_org_culture_collection   ? 
_entity_src_gen.pdbx_host_org_cell                 ? 
_entity_src_gen.pdbx_host_org_organelle            ? 
_entity_src_gen.pdbx_host_org_cellular_location    ? 
_entity_src_gen.pdbx_host_org_vector_type          plasmid 
_entity_src_gen.pdbx_host_org_vector               ? 
_entity_src_gen.host_org_details                   ? 
_entity_src_gen.expression_system_id               ? 
_entity_src_gen.plasmid_name                       pYUB1062 
_entity_src_gen.plasmid_details                    ? 
_entity_src_gen.pdbx_description                   ? 
# 
_struct_ref.id                         1 
_struct_ref.db_name                    UNP 
_struct_ref.db_code                    I6XBW5_MYCTU 
_struct_ref.pdbx_db_accession          I6XBW5 
_struct_ref.entity_id                  1 
_struct_ref.pdbx_seq_one_letter_code   
;TTTQTAKASRRARIERRTRESDIVIELDLDGTGQVAVDTGVPFYDHMLTALGSHASFDLTVRATGDVEIEAHHTIEDTAI
ALGTALGQALGDKRGIRRFGDAFIPMDETLAHAAVDLSGRPYCVHTGEPDHLQHTTIAGSSVPYHTVINRHVFESLAANA
RIALHVRVLYGRDPHHITEAQYKAVARALRQAVEPDPRVSGVPSTKGAL
;
_struct_ref.pdbx_align_begin           2 
_struct_ref.pdbx_db_isoform            ? 
# 
_struct_ref_seq.align_id                      1 
_struct_ref_seq.ref_id                        1 
_struct_ref_seq.pdbx_PDB_id_code              4LPF 
_struct_ref_seq.pdbx_strand_id                A 
_struct_ref_seq.seq_align_beg                 8 
_struct_ref_seq.pdbx_seq_align_beg_ins_code   ? 
_struct_ref_seq.seq_align_end                 216 
_struct_ref_seq.pdbx_seq_align_end_ins_code   ? 
_struct_ref_seq.pdbx_db_accession             I6XBW5 
_struct_ref_seq.db_align_beg                  2 
_struct_ref_seq.pdbx_db_align_beg_ins_code    ? 
_struct_ref_seq.db_align_end                  210 
_struct_ref_seq.pdbx_db_align_end_ins_code    ? 
_struct_ref_seq.pdbx_auth_seq_align_beg       2 
_struct_ref_seq.pdbx_auth_seq_align_end       210 
# 
loop_
_struct_ref_seq_dif.align_id 
_struct_ref_seq_dif.pdbx_pdb_id_code 
_struct_ref_seq_dif.mon_id 
_struct_ref_seq_dif.pdbx_pdb_strand_id 
_struct_ref_seq_dif.seq_num 
_struct_ref_seq_dif.pdbx_pdb_ins_code 
_struct_ref_seq_dif.pdbx_seq_db_name 
_struct_ref_seq_dif.pdbx_seq_db_accession_code 
_struct_ref_seq_dif.db_mon_id 
_struct_ref_seq_dif.pdbx_seq_db_seq_num 
_struct_ref_seq_dif.details 
_struct_ref_seq_dif.pdbx_auth_seq_num 
_struct_ref_seq_dif.pdbx_ordinal 
1 4LPF MET A 1 ? UNP I6XBW5 ? ? 'expression tag' -5 1 
1 4LPF HIS A 2 ? UNP I6XBW5 ? ? 'expression tag' -4 2 
1 4LPF HIS A 3 ? UNP I6XBW5 ? ? 'expression tag' -3 3 
1 4LPF HIS A 4 ? UNP I6XBW5 ? ? 'expression tag' -2 4 
1 4LPF HIS A 5 ? UNP I6XBW5 ? ? 'expression tag' -1 5 
1 4LPF HIS A 6 ? UNP I6XBW5 ? ? 'expression tag' 0  6 
1 4LPF HIS A 7 ? UNP I6XBW5 ? ? 'expression tag' 1  7 
# 
loop_
_chem_comp.id 
_chem_comp.type 
_chem_comp.mon_nstd_flag 
_chem_comp.name 
_chem_comp.pdbx_synonyms 
_chem_comp.formula 
_chem_comp.formula_weight 
3TR non-polymer         . 3-AMINO-1,2,4-TRIAZOLE AMITROLE 'C2 H4 N4'       84.080  
ALA 'L-peptide linking' y ALANINE                ?        'C3 H7 N O2'     89.093  
ARG 'L-peptide linking' y ARGININE               ?        'C6 H15 N4 O2 1' 175.209 
ASN 'L-peptide linking' y ASPARAGINE             ?        'C4 H8 N2 O3'    132.118 
ASP 'L-peptide linking' y 'ASPARTIC ACID'        ?        'C4 H7 N O4'     133.103 
CYS 'L-peptide linking' y CYSTEINE               ?        'C3 H7 N O2 S'   121.158 
GLN 'L-peptide linking' y GLUTAMINE              ?        'C5 H10 N2 O3'   146.144 
GLU 'L-peptide linking' y 'GLUTAMIC ACID'        ?        'C5 H9 N O4'     147.129 
GLY 'peptide linking'   y GLYCINE                ?        'C2 H5 N O2'     75.067  
HIS 'L-peptide linking' y HISTIDINE              ?        'C6 H10 N3 O2 1' 156.162 
HOH non-polymer         . WATER                  ?        'H2 O'           18.015  
ILE 'L-peptide linking' y ISOLEUCINE             ?        'C6 H13 N O2'    131.173 
LEU 'L-peptide linking' y LEUCINE                ?        'C6 H13 N O2'    131.173 
LYS 'L-peptide linking' y LYSINE                 ?        'C6 H15 N2 O2 1' 147.195 
MET 'L-peptide linking' y METHIONINE             ?        'C5 H11 N O2 S'  149.211 
MN  non-polymer         . 'MANGANESE (II) ION'   ?        'Mn 2'           54.938  
PHE 'L-peptide linking' y PHENYLALANINE          ?        'C9 H11 N O2'    165.189 
PRO 'L-peptide linking' y PROLINE                ?        'C5 H9 N O2'     115.130 
SER 'L-peptide linking' y SERINE                 ?        'C3 H7 N O3'     105.093 
THR 'L-peptide linking' y THREONINE              ?        'C4 H9 N O3'     119.119 
TYR 'L-peptide linking' y TYROSINE               ?        'C9 H11 N O3'    181.189 
VAL 'L-peptide linking' y VALINE                 ?        'C5 H11 N O2'    117.146 
# 
_exptl.entry_id          4LPF 
_exptl.method            'X-RAY DIFFRACTION' 
_exptl.crystals_number   1 
# 
_exptl_crystal.id                    1 
_exptl_crystal.density_meas          ? 
_exptl_crystal.density_Matthews      2.49 
_exptl_crystal.density_percent_sol   50.62 
_exptl_crystal.description           ? 
_exptl_crystal.F_000                 ? 
_exptl_crystal.preparation           ? 
# 
_exptl_crystal_grow.crystal_id      1 
_exptl_crystal_grow.method          'VAPOR DIFFUSION, HANGING DROP' 
_exptl_crystal_grow.temp            298 
_exptl_crystal_grow.temp_details    ? 
_exptl_crystal_grow.pH              8.5 
_exptl_crystal_grow.pdbx_details    
'20% PEG1500, 0.2M SODIUM CITRATE, 0.1M TRIS HCL, pH 8.5, VAPOR DIFFUSION, HANGING DROP, temperature 298K' 
_exptl_crystal_grow.pdbx_pH_range   . 
# 
_diffrn.id                     1 
_diffrn.ambient_temp           100 
_diffrn.ambient_temp_details   ? 
_diffrn.crystal_id             1 
# 
_diffrn_detector.diffrn_id              1 
_diffrn_detector.detector               'IMAGE PLATE' 
_diffrn_detector.type                   'RIGAKU RAXIS IV++' 
_diffrn_detector.pdbx_collection_date   2011-08-24 
_diffrn_detector.details                ? 
# 
_diffrn_radiation.diffrn_id                        1 
_diffrn_radiation.wavelength_id                    1 
_diffrn_radiation.pdbx_monochromatic_or_laue_m_l   M 
_diffrn_radiation.monochromator                    ? 
_diffrn_radiation.pdbx_diffrn_protocol             'SINGLE WAVELENGTH' 
_diffrn_radiation.pdbx_scattering_type             x-ray 
# 
_diffrn_radiation_wavelength.id           1 
_diffrn_radiation_wavelength.wavelength   1.5418 
_diffrn_radiation_wavelength.wt           1.0 
# 
_diffrn_source.diffrn_id                   1 
_diffrn_source.source                      'ROTATING ANODE' 
_diffrn_source.type                        'RIGAKU FR-E+ DW' 
_diffrn_source.pdbx_synchrotron_site       ? 
_diffrn_source.pdbx_synchrotron_beamline   ? 
_diffrn_source.pdbx_wavelength             ? 
_diffrn_source.pdbx_wavelength_list        1.5418 
# 
_reflns.entry_id                     4LPF 
_reflns.observed_criterion_sigma_I   0.00 
_reflns.observed_criterion_sigma_F   0.00 
_reflns.d_resolution_low             31.2 
_reflns.d_resolution_high            2.30 
_reflns.number_obs                   11018 
_reflns.number_all                   ? 
_reflns.percent_possible_obs         97.5 
_reflns.pdbx_Rmerge_I_obs            ? 
_reflns.pdbx_Rsym_value              ? 
_reflns.pdbx_netI_over_sigmaI        ? 
_reflns.B_iso_Wilson_estimate        ? 
_reflns.pdbx_redundancy              ? 
_reflns.R_free_details               ? 
_reflns.limit_h_max                  ? 
_reflns.limit_h_min                  ? 
_reflns.limit_k_max                  ? 
_reflns.limit_k_min                  ? 
_reflns.limit_l_max                  ? 
_reflns.limit_l_min                  ? 
_reflns.observed_criterion_F_max     ? 
_reflns.observed_criterion_F_min     ? 
_reflns.pdbx_chi_squared             ? 
_reflns.pdbx_scaling_rejects         ? 
_reflns.pdbx_ordinal                 1 
_reflns.pdbx_diffrn_id               1 
# 
_reflns_shell.d_res_high                  2.30 
_reflns_shell.d_res_low                   2.38 
_reflns_shell.percent_possible_all        89.4 
_reflns_shell.Rmerge_I_obs                ? 
_reflns_shell.pdbx_Rsym_value             ? 
_reflns_shell.meanI_over_sigI_obs         ? 
_reflns_shell.pdbx_redundancy             ? 
_reflns_shell.percent_possible_obs        ? 
_reflns_shell.number_unique_all           ? 
_reflns_shell.number_measured_all         ? 
_reflns_shell.number_measured_obs         ? 
_reflns_shell.number_unique_obs           ? 
_reflns_shell.pdbx_chi_squared            ? 
_reflns_shell.pdbx_rejects                ? 
_reflns_shell.pdbx_netI_over_sigmaI_obs   ? 
_reflns_shell.number_possible             ? 
_reflns_shell.Rmerge_F_all                ? 
_reflns_shell.Rmerge_F_obs                ? 
_reflns_shell.Rmerge_I_all                ? 
_reflns_shell.meanI_over_sigI_all         ? 
_reflns_shell.pdbx_Rrim_I_all             ? 
_reflns_shell.pdbx_Rpim_I_all             ? 
_reflns_shell.pdbx_ordinal                1 
_reflns_shell.pdbx_diffrn_id              1 
# 
_refine.entry_id                                 4LPF 
_refine.ls_number_reflns_obs                     10495 
_refine.ls_number_reflns_all                     ? 
_refine.pdbx_ls_sigma_I                          ? 
_refine.pdbx_ls_sigma_F                          ? 
_refine.pdbx_data_cutoff_high_absF               ? 
_refine.pdbx_data_cutoff_low_absF                ? 
_refine.pdbx_data_cutoff_high_rms_absF           ? 
_refine.ls_d_res_low                             31.12 
_refine.ls_d_res_high                            2.30 
_refine.ls_percent_reflns_obs                    97.43 
_refine.ls_R_factor_obs                          0.18772 
_refine.ls_R_factor_all                          ? 
_refine.ls_R_factor_R_work                       0.18603 
_refine.ls_R_factor_R_free                       0.22111 
_refine.ls_R_factor_R_free_error                 ? 
_refine.ls_R_factor_R_free_error_details         ? 
_refine.ls_percent_reflns_R_free                 4.7 
_refine.ls_number_reflns_R_free                  523 
_refine.ls_number_parameters                     ? 
_refine.ls_number_restraints                     ? 
_refine.occupancy_min                            ? 
_refine.occupancy_max                            ? 
_refine.correlation_coeff_Fo_to_Fc               0.941 
_refine.correlation_coeff_Fo_to_Fc_free          0.921 
_refine.B_iso_mean                               24.374 
_refine.aniso_B[1][1]                            0.00 
_refine.aniso_B[2][2]                            0.00 
_refine.aniso_B[3][3]                            0.00 
_refine.aniso_B[1][2]                            0.00 
_refine.aniso_B[1][3]                            0.00 
_refine.aniso_B[2][3]                            0.00 
_refine.solvent_model_details                    MASK 
_refine.solvent_model_param_ksol                 ? 
_refine.solvent_model_param_bsol                 ? 
_refine.pdbx_solvent_vdw_probe_radii             1.20 
_refine.pdbx_solvent_ion_probe_radii             0.80 
_refine.pdbx_solvent_shrinkage_radii             0.80 
_refine.pdbx_ls_cross_valid_method               THROUGHOUT 
_refine.details                                  'HYDROGENS HAVE BEEN USED IF PRESENT IN THE INPUT' 
_refine.pdbx_starting_model                      4GQU 
_refine.pdbx_method_to_determine_struct          'MOLECULAR REPLACEMENT' 
_refine.pdbx_isotropic_thermal_model             ? 
_refine.pdbx_stereochemistry_target_values       'MAXIMUM LIKELIHOOD' 
_refine.pdbx_stereochem_target_val_spec_case     ? 
_refine.pdbx_R_Free_selection_details            RANDOM 
_refine.pdbx_overall_ESU_R                       0.263 
_refine.pdbx_overall_ESU_R_Free                  0.200 
_refine.overall_SU_ML                            0.143 
_refine.pdbx_overall_phase_error                 ? 
_refine.overall_SU_B                             6.057 
_refine.overall_SU_R_Cruickshank_DPI             ? 
_refine.ls_redundancy_reflns_obs                 ? 
_refine.B_iso_min                                ? 
_refine.B_iso_max                                ? 
_refine.overall_SU_R_free                        ? 
_refine.ls_wR_factor_R_free                      ? 
_refine.ls_wR_factor_R_work                      ? 
_refine.overall_FOM_free_R_set                   ? 
_refine.overall_FOM_work_R_set                   ? 
_refine.pdbx_diffrn_id                           1 
_refine.pdbx_refine_id                           'X-RAY DIFFRACTION' 
_refine.pdbx_TLS_residual_ADP_flag               ? 
_refine.pdbx_overall_SU_R_free_Cruickshank_DPI   ? 
_refine.pdbx_overall_SU_R_Blow_DPI               ? 
_refine.pdbx_overall_SU_R_free_Blow_DPI          ? 
# 
_refine_hist.pdbx_refine_id                   'X-RAY DIFFRACTION' 
_refine_hist.cycle_id                         LAST 
_refine_hist.pdbx_number_atoms_protein        1469 
_refine_hist.pdbx_number_atoms_nucleic_acid   0 
_refine_hist.pdbx_number_atoms_ligand         9 
_refine_hist.number_atoms_solvent             71 
_refine_hist.number_atoms_total               1549 
_refine_hist.d_res_high                       2.30 
_refine_hist.d_res_low                        31.12 
# 
loop_
_refine_ls_restr.type 
_refine_ls_restr.dev_ideal 
_refine_ls_restr.dev_ideal_target 
_refine_ls_restr.weight 
_refine_ls_restr.number 
_refine_ls_restr.pdbx_restraint_function 
_refine_ls_restr.pdbx_refine_id 
r_bond_refined_d             0.006  0.019  ? 1505 ? 'X-RAY DIFFRACTION' 
r_bond_other_d               ?      ?      ? ?    ? 'X-RAY DIFFRACTION' 
r_angle_refined_deg          1.236  1.941  ? 2045 ? 'X-RAY DIFFRACTION' 
r_angle_other_deg            ?      ?      ? ?    ? 'X-RAY DIFFRACTION' 
r_dihedral_angle_1_deg       5.972  5.000  ? 189  ? 'X-RAY DIFFRACTION' 
r_dihedral_angle_2_deg       39.125 22.027 ? 74   ? 'X-RAY DIFFRACTION' 
r_dihedral_angle_3_deg       18.074 15.000 ? 233  ? 'X-RAY DIFFRACTION' 
r_dihedral_angle_4_deg       19.628 15.000 ? 18   ? 'X-RAY DIFFRACTION' 
r_chiral_restr               0.078  0.200  ? 233  ? 'X-RAY DIFFRACTION' 
r_gen_planes_refined         0.004  0.021  ? 1169 ? 'X-RAY DIFFRACTION' 
r_gen_planes_other           ?      ?      ? ?    ? 'X-RAY DIFFRACTION' 
r_nbd_refined                ?      ?      ? ?    ? 'X-RAY DIFFRACTION' 
r_nbd_other                  ?      ?      ? ?    ? 'X-RAY DIFFRACTION' 
r_nbtor_refined              ?      ?      ? ?    ? 'X-RAY DIFFRACTION' 
r_nbtor_other                ?      ?      ? ?    ? 'X-RAY DIFFRACTION' 
r_xyhbond_nbd_refined        ?      ?      ? ?    ? 'X-RAY DIFFRACTION' 
r_xyhbond_nbd_other          ?      ?      ? ?    ? 'X-RAY DIFFRACTION' 
r_metal_ion_refined          ?      ?      ? ?    ? 'X-RAY DIFFRACTION' 
r_metal_ion_other            ?      ?      ? ?    ? 'X-RAY DIFFRACTION' 
r_symmetry_vdw_refined       ?      ?      ? ?    ? 'X-RAY DIFFRACTION' 
r_symmetry_vdw_other         ?      ?      ? ?    ? 'X-RAY DIFFRACTION' 
r_symmetry_hbond_refined     ?      ?      ? ?    ? 'X-RAY DIFFRACTION' 
r_symmetry_hbond_other       ?      ?      ? ?    ? 'X-RAY DIFFRACTION' 
r_symmetry_metal_ion_refined ?      ?      ? ?    ? 'X-RAY DIFFRACTION' 
r_symmetry_metal_ion_other   ?      ?      ? ?    ? 'X-RAY DIFFRACTION' 
r_mcbond_it                  ?      ?      ? ?    ? 'X-RAY DIFFRACTION' 
r_mcbond_other               ?      ?      ? ?    ? 'X-RAY DIFFRACTION' 
r_mcangle_it                 ?      ?      ? ?    ? 'X-RAY DIFFRACTION' 
r_mcangle_other              ?      ?      ? ?    ? 'X-RAY DIFFRACTION' 
r_scbond_it                  ?      ?      ? ?    ? 'X-RAY DIFFRACTION' 
r_scbond_other               ?      ?      ? ?    ? 'X-RAY DIFFRACTION' 
r_scangle_it                 ?      ?      ? ?    ? 'X-RAY DIFFRACTION' 
r_scangle_other              ?      ?      ? ?    ? 'X-RAY DIFFRACTION' 
r_long_range_B_refined       ?      ?      ? ?    ? 'X-RAY DIFFRACTION' 
r_long_range_B_other         ?      ?      ? ?    ? 'X-RAY DIFFRACTION' 
r_rigid_bond_restr           ?      ?      ? ?    ? 'X-RAY DIFFRACTION' 
r_sphericity_free            ?      ?      ? ?    ? 'X-RAY DIFFRACTION' 
r_sphericity_bonded          ?      ?      ? ?    ? 'X-RAY DIFFRACTION' 
# 
_refine_ls_shell.pdbx_refine_id                   'X-RAY DIFFRACTION' 
_refine_ls_shell.pdbx_total_number_of_bins_used   20 
_refine_ls_shell.d_res_high                       2.300 
_refine_ls_shell.d_res_low                        2.359 
_refine_ls_shell.number_reflns_R_work             680 
_refine_ls_shell.R_factor_R_work                  0.224 
_refine_ls_shell.percent_reflns_obs               89.35 
_refine_ls_shell.R_factor_R_free                  0.237 
_refine_ls_shell.R_factor_R_free_error            ? 
_refine_ls_shell.percent_reflns_R_free            ? 
_refine_ls_shell.number_reflns_R_free             33 
_refine_ls_shell.number_reflns_all                ? 
_refine_ls_shell.R_factor_all                     ? 
_refine_ls_shell.number_reflns_obs                ? 
_refine_ls_shell.redundancy_reflns_obs            ? 
# 
_struct.entry_id                  4LPF 
_struct.title                     
'Crystal structure of Mycobacterium tuberculosis imidazole glycerol phosphate dehydratase in complex with an inhibitor' 
_struct.pdbx_model_details        ? 
_struct.pdbx_CASP_flag            ? 
_struct.pdbx_model_type_details   ? 
# 
_struct_keywords.entry_id        4LPF 
_struct_keywords.pdbx_keywords   LYASE 
_struct_keywords.text            'Dehydratase, LYASE' 
# 
loop_
_struct_asym.id 
_struct_asym.pdbx_blank_PDB_chainid_flag 
_struct_asym.pdbx_modified 
_struct_asym.entity_id 
_struct_asym.details 
A N N 1 ? 
B N N 2 ? 
C N N 3 ? 
D N N 3 ? 
E N N 3 ? 
F N N 4 ? 
# 
_struct_biol.id        1 
_struct_biol.details   ? 
# 
loop_
_struct_conf.conf_type_id 
_struct_conf.id 
_struct_conf.pdbx_PDB_helix_id 
_struct_conf.beg_label_comp_id 
_struct_conf.beg_label_asym_id 
_struct_conf.beg_label_seq_id 
_struct_conf.pdbx_beg_PDB_ins_code 
_struct_conf.end_label_comp_id 
_struct_conf.end_label_asym_id 
_struct_conf.end_label_seq_id 
_struct_conf.pdbx_end_PDB_ins_code 
_struct_conf.beg_auth_comp_id 
_struct_conf.beg_auth_asym_id 
_struct_conf.beg_auth_seq_id 
_struct_conf.end_auth_comp_id 
_struct_conf.end_auth_asym_id 
_struct_conf.end_auth_seq_id 
_struct_conf.pdbx_PDB_helix_class 
_struct_conf.details 
_struct_conf.pdbx_PDB_helix_length 
HELX_P HELX_P1 1 VAL A 48  ? ALA A 62  ? VAL A 42  ALA A 56  1 ? 15 
HELX_P HELX_P2 2 ALA A 78  ? GLY A 98  ? ALA A 72  GLY A 92  1 ? 21 
HELX_P HELX_P3 3 PRO A 136 ? HIS A 141 ? PRO A 130 HIS A 135 5 ? 6  
HELX_P HELX_P4 4 VAL A 154 ? ARG A 168 ? VAL A 148 ARG A 162 1 ? 15 
HELX_P HELX_P5 5 ASP A 180 ? GLU A 201 ? ASP A 174 GLU A 195 1 ? 22 
# 
_struct_conf_type.id          HELX_P 
_struct_conf_type.criteria    ? 
_struct_conf_type.reference   ? 
# 
loop_
_struct_conn.id 
_struct_conn.conn_type_id 
_struct_conn.pdbx_leaving_atom_flag 
_struct_conn.pdbx_PDB_id 
_struct_conn.ptnr1_label_asym_id 
_struct_conn.ptnr1_label_comp_id 
_struct_conn.ptnr1_label_seq_id 
_struct_conn.ptnr1_label_atom_id 
_struct_conn.pdbx_ptnr1_label_alt_id 
_struct_conn.pdbx_ptnr1_PDB_ins_code 
_struct_conn.pdbx_ptnr1_standard_comp_id 
_struct_conn.ptnr1_symmetry 
_struct_conn.ptnr2_label_asym_id 
_struct_conn.ptnr2_label_comp_id 
_struct_conn.ptnr2_label_seq_id 
_struct_conn.ptnr2_label_atom_id 
_struct_conn.pdbx_ptnr2_label_alt_id 
_struct_conn.pdbx_ptnr2_PDB_ins_code 
_struct_conn.ptnr1_auth_asym_id 
_struct_conn.ptnr1_auth_comp_id 
_struct_conn.ptnr1_auth_seq_id 
_struct_conn.ptnr2_auth_asym_id 
_struct_conn.ptnr2_auth_comp_id 
_struct_conn.ptnr2_auth_seq_id 
_struct_conn.ptnr2_symmetry 
_struct_conn.pdbx_ptnr3_label_atom_id 
_struct_conn.pdbx_ptnr3_label_seq_id 
_struct_conn.pdbx_ptnr3_label_comp_id 
_struct_conn.pdbx_ptnr3_label_asym_id 
_struct_conn.pdbx_ptnr3_label_alt_id 
_struct_conn.pdbx_ptnr3_PDB_ins_code 
_struct_conn.details 
_struct_conn.pdbx_dist_value 
_struct_conn.pdbx_value_order 
_struct_conn.pdbx_role 
metalc1 metalc ? ? A HIS 53  NE2 ? ? ? 1_555 D MN  . MN ? ? A HIS 47  A MN  303 1_555 ? ? ? ? ? ? ? 2.304 ? ? 
metalc2 metalc ? ? A HIS 79  NE2 ? ? ? 1_555 C MN  . MN ? ? A HIS 73  A MN  302 1_555 ? ? ? ? ? ? ? 2.198 ? ? 
metalc3 metalc ? ? A GLU 83  OE1 ? ? ? 1_555 C MN  . MN ? ? A GLU 77  A MN  302 1_555 ? ? ? ? ? ? ? 2.258 ? ? 
metalc4 metalc ? ? A HIS 158 NE2 ? ? ? 1_555 C MN  . MN ? ? A HIS 152 A MN  302 1_555 ? ? ? ? ? ? ? 2.248 ? ? 
metalc5 metalc ? ? A HIS 182 NE2 ? ? ? 1_555 D MN  . MN ? ? A HIS 176 A MN  303 1_555 ? ? ? ? ? ? ? 2.168 ? ? 
metalc6 metalc ? ? A GLU 186 OE1 ? ? ? 1_555 D MN  . MN ? ? A GLU 180 A MN  303 1_555 ? ? ? ? ? ? ? 2.286 ? ? 
metalc7 metalc ? ? B 3TR .   N4  ? ? ? 1_555 C MN  . MN ? ? A 3TR 301 A MN  302 1_555 ? ? ? ? ? ? ? 2.242 ? ? 
metalc8 metalc ? ? C MN  .   MN  ? ? ? 1_555 F HOH . O  ? ? A MN  302 A HOH 525 1_555 ? ? ? ? ? ? ? 2.155 ? ? 
# 
_struct_conn_type.id          metalc 
_struct_conn_type.criteria    ? 
_struct_conn_type.reference   ? 
# 
loop_
_struct_sheet.id 
_struct_sheet.type 
_struct_sheet.number_strands 
_struct_sheet.details 
A ? 4 ? 
B ? 4 ? 
C ? 2 ? 
# 
loop_
_struct_sheet_order.sheet_id 
_struct_sheet_order.range_id_1 
_struct_sheet_order.range_id_2 
_struct_sheet_order.offset 
_struct_sheet_order.sense 
A 1 2 ? anti-parallel 
A 2 3 ? anti-parallel 
A 3 4 ? parallel      
B 1 2 ? anti-parallel 
B 2 3 ? anti-parallel 
B 3 4 ? parallel      
C 1 2 ? anti-parallel 
# 
loop_
_struct_sheet_range.sheet_id 
_struct_sheet_range.id 
_struct_sheet_range.beg_label_comp_id 
_struct_sheet_range.beg_label_asym_id 
_struct_sheet_range.beg_label_seq_id 
_struct_sheet_range.pdbx_beg_PDB_ins_code 
_struct_sheet_range.end_label_comp_id 
_struct_sheet_range.end_label_asym_id 
_struct_sheet_range.end_label_seq_id 
_struct_sheet_range.pdbx_end_PDB_ins_code 
_struct_sheet_range.beg_auth_comp_id 
_struct_sheet_range.beg_auth_asym_id 
_struct_sheet_range.beg_auth_seq_id 
_struct_sheet_range.end_auth_comp_id 
_struct_sheet_range.end_auth_asym_id 
_struct_sheet_range.end_auth_seq_id 
A 1 ARG A 18  ? ARG A 24  ? ARG A 12  ARG A 18  
A 2 SER A 28  ? ASP A 35  ? SER A 22  ASP A 29  
A 3 ASP A 65  ? GLY A 72  ? ASP A 59  GLY A 66  
A 4 VAL A 42  ? ASP A 45  ? VAL A 36  ASP A 39  
B 1 PHE A 106 ? MET A 113 ? PHE A 100 MET A 107 
B 2 THR A 116 ? ASP A 123 ? THR A 110 ASP A 117 
B 3 ALA A 170 ? TYR A 177 ? ALA A 164 TYR A 171 
B 4 TYR A 129 ? THR A 133 ? TYR A 123 THR A 127 
C 1 THR A 143 ? ILE A 144 ? THR A 137 ILE A 138 
C 2 TYR A 151 ? HIS A 152 ? TYR A 145 HIS A 146 
# 
loop_
_pdbx_struct_sheet_hbond.sheet_id 
_pdbx_struct_sheet_hbond.range_id_1 
_pdbx_struct_sheet_hbond.range_id_2 
_pdbx_struct_sheet_hbond.range_1_label_atom_id 
_pdbx_struct_sheet_hbond.range_1_label_comp_id 
_pdbx_struct_sheet_hbond.range_1_label_asym_id 
_pdbx_struct_sheet_hbond.range_1_label_seq_id 
_pdbx_struct_sheet_hbond.range_1_PDB_ins_code 
_pdbx_struct_sheet_hbond.range_1_auth_atom_id 
_pdbx_struct_sheet_hbond.range_1_auth_comp_id 
_pdbx_struct_sheet_hbond.range_1_auth_asym_id 
_pdbx_struct_sheet_hbond.range_1_auth_seq_id 
_pdbx_struct_sheet_hbond.range_2_label_atom_id 
_pdbx_struct_sheet_hbond.range_2_label_comp_id 
_pdbx_struct_sheet_hbond.range_2_label_asym_id 
_pdbx_struct_sheet_hbond.range_2_label_seq_id 
_pdbx_struct_sheet_hbond.range_2_PDB_ins_code 
_pdbx_struct_sheet_hbond.range_2_auth_atom_id 
_pdbx_struct_sheet_hbond.range_2_auth_comp_id 
_pdbx_struct_sheet_hbond.range_2_auth_asym_id 
_pdbx_struct_sheet_hbond.range_2_auth_seq_id 
A 1 2 N ILE A 21  ? N ILE A 15  O ILE A 32  ? O ILE A 26  
A 2 3 N ASP A 29  ? N ASP A 23  O THR A 71  ? O THR A 65  
A 3 4 O ALA A 70  ? O ALA A 64  N ASP A 45  ? N ASP A 39  
B 1 2 N GLY A 107 ? N GLY A 101 O VAL A 122 ? O VAL A 116 
B 2 3 N HIS A 119 ? N HIS A 113 O ARG A 174 ? O ARG A 168 
B 3 4 O LEU A 171 ? O LEU A 165 N TYR A 129 ? N TYR A 123 
C 1 2 N ILE A 144 ? N ILE A 138 O TYR A 151 ? O TYR A 145 
# 
loop_
_struct_site.id 
_struct_site.pdbx_evidence_code 
_struct_site.pdbx_auth_asym_id 
_struct_site.pdbx_auth_comp_id 
_struct_site.pdbx_auth_seq_id 
_struct_site.pdbx_auth_ins_code 
_struct_site.pdbx_num_residues 
_struct_site.details 
AC1 Software A 3TR 301 ? 12 'BINDING SITE FOR RESIDUE 3TR A 301' 
AC2 Software A MN  302 ? 6  'BINDING SITE FOR RESIDUE MN A 302'  
AC3 Software A MN  303 ? 6  'BINDING SITE FOR RESIDUE MN A 303'  
AC4 Software A MN  304 ? 3  'BINDING SITE FOR RESIDUE MN A 304'  
# 
loop_
_struct_site_gen.id 
_struct_site_gen.site_id 
_struct_site_gen.pdbx_num_res 
_struct_site_gen.label_comp_id 
_struct_site_gen.label_asym_id 
_struct_site_gen.label_seq_id 
_struct_site_gen.pdbx_auth_ins_code 
_struct_site_gen.auth_comp_id 
_struct_site_gen.auth_asym_id 
_struct_site_gen.auth_seq_id 
_struct_site_gen.label_atom_id 
_struct_site_gen.label_alt_id 
_struct_site_gen.symmetry 
_struct_site_gen.details 
1  AC1 12 HIS A 79  ? HIS A 73  . ? 1_555  ? 
2  AC1 12 HIS A 80  ? HIS A 74  . ? 1_555  ? 
3  AC1 12 GLU A 83  ? GLU A 77  . ? 1_555  ? 
4  AC1 12 MET A 113 ? MET A 107 . ? 16_555 ? 
5  AC1 12 ARG A 127 ? ARG A 121 . ? 24_555 ? 
6  AC1 12 HIS A 182 ? HIS A 176 . ? 16_555 ? 
7  AC1 12 HIS A 183 ? HIS A 177 . ? 16_555 ? 
8  AC1 12 GLU A 186 ? GLU A 180 . ? 16_555 ? 
9  AC1 12 MN  C .   ? MN  A 302 . ? 1_555  ? 
10 AC1 12 MN  D .   ? MN  A 303 . ? 16_555 ? 
11 AC1 12 HOH F .   ? HOH A 525 . ? 1_555  ? 
12 AC1 12 HOH F .   ? HOH A 550 . ? 1_555  ? 
13 AC2 6  HIS A 79  ? HIS A 73  . ? 1_555  ? 
14 AC2 6  GLU A 83  ? GLU A 77  . ? 1_555  ? 
15 AC2 6  HIS A 158 ? HIS A 152 . ? 1_555  ? 
16 AC2 6  HIS A 183 ? HIS A 177 . ? 16_555 ? 
17 AC2 6  3TR B .   ? 3TR A 301 . ? 1_555  ? 
18 AC2 6  HOH F .   ? HOH A 525 . ? 1_555  ? 
19 AC3 6  HIS A 53  ? HIS A 47  . ? 1_555  ? 
20 AC3 6  HIS A 80  ? HIS A 74  . ? 15_555 ? 
21 AC3 6  HIS A 182 ? HIS A 176 . ? 1_555  ? 
22 AC3 6  GLU A 186 ? GLU A 180 . ? 1_555  ? 
23 AC3 6  3TR B .   ? 3TR A 301 . ? 15_555 ? 
24 AC3 6  HOH F .   ? HOH A 550 . ? 15_555 ? 
25 AC4 3  ARG A 174 ? ARG A 168 . ? 1_555  ? 
26 AC4 3  ARG A 174 ? ARG A 168 . ? 7_555  ? 
27 AC4 3  ARG A 174 ? ARG A 168 . ? 10_555 ? 
# 
_atom_sites.entry_id                    4LPF 
_atom_sites.fract_transf_matrix[1][1]   0.00066324 
_atom_sites.fract_transf_matrix[1][2]   0.00328883 
_atom_sites.fract_transf_matrix[1][3]   -0.00825636 
_atom_sites.fract_transf_matrix[2][1]   -0.00839731 
_atom_sites.fract_transf_matrix[2][2]   -0.00247918 
_atom_sites.fract_transf_matrix[2][3]   -0.00166212 
_atom_sites.fract_transf_matrix[3][1]   -0.00291017 
_atom_sites.fract_transf_matrix[3][2]   0.00790323 
_atom_sites.fract_transf_matrix[3][3]   0.00291439 
_atom_sites.fract_transf_vector[1]      -0.195847 
_atom_sites.fract_transf_vector[2]      0.094430 
_atom_sites.fract_transf_vector[3]      0.341077 
# 
loop_
_atom_type.symbol 
C  
MN 
N  
O  
S  
# 
loop_
_atom_site.group_PDB 
_atom_site.id 
_atom_site.type_symbol 
_atom_site.label_atom_id 
_atom_site.label_alt_id 
_atom_site.label_comp_id 
_atom_site.label_asym_id 
_atom_site.label_entity_id 
_atom_site.label_seq_id 
_atom_site.pdbx_PDB_ins_code 
_atom_site.Cartn_x 
_atom_site.Cartn_y 
_atom_site.Cartn_z 
_atom_site.occupancy 
_atom_site.B_iso_or_equiv 
_atom_site.pdbx_formal_charge 
_atom_site.auth_seq_id 
_atom_site.auth_comp_id 
_atom_site.auth_asym_id 
_atom_site.auth_atom_id 
_atom_site.pdbx_PDB_model_num 
ATOM   1    N  N   . SER A 1 16  ? -12.285 0.389   17.607  1.00 39.66 ? 10  SER A N   1 
ATOM   2    C  CA  . SER A 1 16  ? -11.887 -0.983  18.040  1.00 40.94 ? 10  SER A CA  1 
ATOM   3    C  C   . SER A 1 16  ? -10.541 -1.382  17.413  1.00 40.51 ? 10  SER A C   1 
ATOM   4    O  O   . SER A 1 16  ? -9.585  -1.690  18.134  1.00 42.32 ? 10  SER A O   1 
ATOM   5    C  CB  . SER A 1 16  ? -12.991 -1.997  17.704  1.00 41.73 ? 10  SER A CB  1 
ATOM   6    O  OG  . SER A 1 16  ? -12.933 -3.127  18.560  1.00 41.98 ? 10  SER A OG  1 
ATOM   7    N  N   . ARG A 1 17  ? -10.466 -1.359  16.079  1.00 37.57 ? 11  ARG A N   1 
ATOM   8    C  CA  . ARG A 1 17  ? -9.206  -1.614  15.364  1.00 34.06 ? 11  ARG A CA  1 
ATOM   9    C  C   . ARG A 1 17  ? -8.727  -0.356  14.628  1.00 32.95 ? 11  ARG A C   1 
ATOM   10   O  O   . ARG A 1 17  ? -8.800  -0.253  13.399  1.00 30.77 ? 11  ARG A O   1 
ATOM   11   C  CB  . ARG A 1 17  ? -9.341  -2.815  14.425  1.00 33.47 ? 11  ARG A CB  1 
ATOM   12   C  CG  . ARG A 1 17  ? -9.664  -4.116  15.148  1.00 33.41 ? 11  ARG A CG  1 
ATOM   13   C  CD  . ARG A 1 17  ? -9.348  -5.342  14.305  1.00 32.92 ? 11  ARG A CD  1 
ATOM   14   N  NE  . ARG A 1 17  ? -10.250 -5.479  13.160  1.00 32.50 ? 11  ARG A NE  1 
ATOM   15   C  CZ  . ARG A 1 17  ? -10.089 -6.367  12.182  1.00 31.74 ? 11  ARG A CZ  1 
ATOM   16   N  NH1 . ARG A 1 17  ? -9.058  -7.203  12.200  1.00 31.30 ? 11  ARG A NH1 1 
ATOM   17   N  NH2 . ARG A 1 17  ? -10.953 -6.417  11.181  1.00 31.17 ? 11  ARG A NH2 1 
ATOM   18   N  N   . ARG A 1 18  ? -8.248  0.604   15.413  1.00 33.05 ? 12  ARG A N   1 
ATOM   19   C  CA  . ARG A 1 18  ? -7.810  1.902   14.914  1.00 32.00 ? 12  ARG A CA  1 
ATOM   20   C  C   . ARG A 1 18  ? -6.356  2.140   15.278  1.00 30.10 ? 12  ARG A C   1 
ATOM   21   O  O   . ARG A 1 18  ? -5.811  1.464   16.151  1.00 29.48 ? 12  ARG A O   1 
ATOM   22   C  CB  . ARG A 1 18  ? -8.644  3.021   15.535  1.00 34.45 ? 12  ARG A CB  1 
ATOM   23   C  CG  . ARG A 1 18  ? -10.071 3.133   15.034  1.00 37.69 ? 12  ARG A CG  1 
ATOM   24   C  CD  . ARG A 1 18  ? -10.837 4.062   15.957  1.00 40.87 ? 12  ARG A CD  1 
ATOM   25   N  NE  . ARG A 1 18  ? -12.085 4.550   15.378  1.00 44.90 ? 12  ARG A NE  1 
ATOM   26   C  CZ  . ARG A 1 18  ? -13.262 3.934   15.485  1.00 47.80 ? 12  ARG A CZ  1 
ATOM   27   N  NH1 . ARG A 1 18  ? -13.366 2.780   16.140  1.00 47.58 ? 12  ARG A NH1 1 
ATOM   28   N  NH2 . ARG A 1 18  ? -14.340 4.474   14.929  1.00 48.25 ? 12  ARG A NH2 1 
ATOM   29   N  N   . ALA A 1 19  ? -5.733  3.108   14.612  1.00 27.73 ? 13  ALA A N   1 
ATOM   30   C  CA  . ALA A 1 19  ? -4.397  3.557   14.978  1.00 26.77 ? 13  ALA A CA  1 
ATOM   31   C  C   . ALA A 1 19  ? -4.122  4.925   14.382  1.00 26.90 ? 13  ALA A C   1 
ATOM   32   O  O   . ALA A 1 19  ? -4.483  5.207   13.234  1.00 26.96 ? 13  ALA A O   1 
ATOM   33   C  CB  . ALA A 1 19  ? -3.330  2.554   14.542  1.00 26.52 ? 13  ALA A CB  1 
ATOM   34   N  N   . ARG A 1 20  ? -3.494  5.774   15.185  1.00 26.97 ? 14  ARG A N   1 
ATOM   35   C  CA  . ARG A 1 20  ? -2.998  7.049   14.721  1.00 26.88 ? 14  ARG A CA  1 
ATOM   36   C  C   . ARG A 1 20  ? -1.488  7.013   14.857  1.00 26.42 ? 14  ARG A C   1 
ATOM   37   O  O   . ARG A 1 20  ? -0.964  6.785   15.943  1.00 25.95 ? 14  ARG A O   1 
ATOM   38   C  CB  . ARG A 1 20  ? -3.592  8.200   15.536  1.00 27.75 ? 14  ARG A CB  1 
ATOM   39   C  CG  . ARG A 1 20  ? -3.218  9.571   15.007  1.00 29.74 ? 14  ARG A CG  1 
ATOM   40   C  CD  . ARG A 1 20  ? -3.568  10.684  15.988  1.00 31.51 ? 14  ARG A CD  1 
ATOM   41   N  NE  . ARG A 1 20  ? -2.725  11.858  15.767  1.00 32.41 ? 14  ARG A NE  1 
ATOM   42   C  CZ  . ARG A 1 20  ? -2.995  12.831  14.901  1.00 33.63 ? 14  ARG A CZ  1 
ATOM   43   N  NH1 . ARG A 1 20  ? -4.101  12.789  14.163  1.00 33.97 ? 14  ARG A NH1 1 
ATOM   44   N  NH2 . ARG A 1 20  ? -2.153  13.852  14.771  1.00 33.93 ? 14  ARG A NH2 1 
ATOM   45   N  N   . ILE A 1 21  ? -0.800  7.214   13.739  1.00 26.28 ? 15  ILE A N   1 
ATOM   46   C  CA  . ILE A 1 21  ? 0.655   7.206   13.705  1.00 25.91 ? 15  ILE A CA  1 
ATOM   47   C  C   . ILE A 1 21  ? 1.161   8.556   13.197  1.00 26.53 ? 15  ILE A C   1 
ATOM   48   O  O   . ILE A 1 21  ? 0.705   9.054   12.166  1.00 26.07 ? 15  ILE A O   1 
ATOM   49   C  CB  . ILE A 1 21  ? 1.202   6.031   12.840  1.00 25.61 ? 15  ILE A CB  1 
ATOM   50   C  CG1 . ILE A 1 21  ? 0.811   4.670   13.441  1.00 25.24 ? 15  ILE A CG1 1 
ATOM   51   C  CG2 . ILE A 1 21  ? 2.718   6.111   12.667  1.00 25.23 ? 15  ILE A CG2 1 
ATOM   52   C  CD1 . ILE A 1 21  ? 1.376   4.380   14.823  1.00 24.77 ? 15  ILE A CD1 1 
ATOM   53   N  N   . GLU A 1 22  ? 2.074   9.150   13.961  1.00 27.07 ? 16  GLU A N   1 
ATOM   54   C  CA  . GLU A 1 22  ? 2.803   10.344  13.552  1.00 28.37 ? 16  GLU A CA  1 
ATOM   55   C  C   . GLU A 1 22  ? 4.265   9.964   13.341  1.00 28.69 ? 16  GLU A C   1 
ATOM   56   O  O   . GLU A 1 22  ? 4.876   9.315   14.191  1.00 28.63 ? 16  GLU A O   1 
ATOM   57   C  CB  . GLU A 1 22  ? 2.697   11.450  14.604  1.00 29.24 ? 16  GLU A CB  1 
ATOM   58   C  CG  . GLU A 1 22  ? 1.282   11.937  14.877  1.00 30.88 ? 16  GLU A CG  1 
ATOM   59   C  CD  . GLU A 1 22  ? 1.225   13.008  15.955  1.00 32.92 ? 16  GLU A CD  1 
ATOM   60   O  OE1 . GLU A 1 22  ? 1.892   14.058  15.803  1.00 33.27 ? 16  GLU A OE1 1 
ATOM   61   O  OE2 . GLU A 1 22  ? 0.504   12.807  16.955  1.00 33.84 ? 16  GLU A OE2 1 
ATOM   62   N  N   . ARG A 1 23  ? 4.822   10.364  12.206  1.00 29.19 ? 17  ARG A N   1 
ATOM   63   C  CA  . ARG A 1 23  ? 6.199   10.036  11.886  1.00 30.04 ? 17  ARG A CA  1 
ATOM   64   C  C   . ARG A 1 23  ? 6.956   11.266  11.387  1.00 30.83 ? 17  ARG A C   1 
ATOM   65   O  O   . ARG A 1 23  ? 6.763   11.714  10.255  1.00 29.70 ? 17  ARG A O   1 
ATOM   66   C  CB  . ARG A 1 23  ? 6.246   8.895   10.863  1.00 30.10 ? 17  ARG A CB  1 
ATOM   67   C  CG  . ARG A 1 23  ? 7.632   8.319   10.642  1.00 30.54 ? 17  ARG A CG  1 
ATOM   68   C  CD  . ARG A 1 23  ? 7.636   7.302   9.515   1.00 29.63 ? 17  ARG A CD  1 
ATOM   69   N  NE  . ARG A 1 23  ? 8.973   7.156   8.950   1.00 29.72 ? 17  ARG A NE  1 
ATOM   70   C  CZ  . ARG A 1 23  ? 9.957   6.456   9.510   1.00 29.49 ? 17  ARG A CZ  1 
ATOM   71   N  NH1 . ARG A 1 23  ? 9.761   5.819   10.658  1.00 29.49 ? 17  ARG A NH1 1 
ATOM   72   N  NH2 . ARG A 1 23  ? 11.143  6.395   8.922   1.00 29.42 ? 17  ARG A NH2 1 
ATOM   73   N  N   . ARG A 1 24  ? 7.808   11.809  12.253  1.00 33.01 ? 18  ARG A N   1 
ATOM   74   C  CA  . ARG A 1 24  ? 8.637   12.965  11.913  1.00 34.92 ? 18  ARG A CA  1 
ATOM   75   C  C   . ARG A 1 24  ? 10.083  12.542  11.657  1.00 34.92 ? 18  ARG A C   1 
ATOM   76   O  O   . ARG A 1 24  ? 10.785  12.114  12.572  1.00 35.24 ? 18  ARG A O   1 
ATOM   77   C  CB  . ARG A 1 24  ? 8.593   14.031  13.022  1.00 36.60 ? 18  ARG A CB  1 
ATOM   78   C  CG  . ARG A 1 24  ? 7.226   14.642  13.294  1.00 39.19 ? 18  ARG A CG  1 
ATOM   79   C  CD  . ARG A 1 24  ? 7.348   16.061  13.842  1.00 41.48 ? 18  ARG A CD  1 
ATOM   80   N  NE  . ARG A 1 24  ? 6.129   16.501  14.528  1.00 43.39 ? 18  ARG A NE  1 
ATOM   81   C  CZ  . ARG A 1 24  ? 5.153   17.230  13.981  1.00 45.71 ? 18  ARG A CZ  1 
ATOM   82   N  NH1 . ARG A 1 24  ? 5.220   17.635  12.715  1.00 45.81 ? 18  ARG A NH1 1 
ATOM   83   N  NH2 . ARG A 1 24  ? 4.096   17.568  14.714  1.00 48.46 ? 18  ARG A NH2 1 
ATOM   84   N  N   . THR A 1 25  ? 10.513  12.650  10.404  1.00 34.64 ? 19  THR A N   1 
ATOM   85   C  CA  . THR A 1 25  ? 11.904  12.417  10.038  1.00 35.44 ? 19  THR A CA  1 
ATOM   86   C  C   . THR A 1 25  ? 12.524  13.725  9.550   1.00 37.37 ? 19  THR A C   1 
ATOM   87   O  O   . THR A 1 25  ? 11.847  14.756  9.491   1.00 37.52 ? 19  THR A O   1 
ATOM   88   C  CB  . THR A 1 25  ? 12.041  11.335  8.945   1.00 35.03 ? 19  THR A CB  1 
ATOM   89   O  OG1 . THR A 1 25  ? 11.312  11.727  7.772   1.00 34.13 ? 19  THR A OG1 1 
ATOM   90   C  CG2 . THR A 1 25  ? 11.526  9.985   9.444   1.00 34.37 ? 19  THR A CG2 1 
ATOM   91   N  N   . ARG A 1 26  ? 13.809  13.692  9.213   1.00 39.83 ? 20  ARG A N   1 
ATOM   92   C  CA  . ARG A 1 26  ? 14.452  14.848  8.598   1.00 42.39 ? 20  ARG A CA  1 
ATOM   93   C  C   . ARG A 1 26  ? 13.888  15.095  7.201   1.00 40.32 ? 20  ARG A C   1 
ATOM   94   O  O   . ARG A 1 26  ? 13.721  16.240  6.778   1.00 39.67 ? 20  ARG A O   1 
ATOM   95   C  CB  . ARG A 1 26  ? 15.976  14.673  8.558   1.00 47.87 ? 20  ARG A CB  1 
ATOM   96   C  CG  . ARG A 1 26  ? 16.691  15.298  9.753   1.00 53.42 ? 20  ARG A CG  1 
ATOM   97   C  CD  . ARG A 1 26  ? 18.103  14.753  9.952   1.00 58.68 ? 20  ARG A CD  1 
ATOM   98   N  NE  . ARG A 1 26  ? 18.108  13.370  10.445  1.00 62.46 ? 20  ARG A NE  1 
ATOM   99   C  CZ  . ARG A 1 26  ? 17.947  13.011  11.719  1.00 63.15 ? 20  ARG A CZ  1 
ATOM   100  N  NH1 . ARG A 1 26  ? 17.764  13.928  12.665  1.00 63.53 ? 20  ARG A NH1 1 
ATOM   101  N  NH2 . ARG A 1 26  ? 17.966  11.728  12.050  1.00 63.00 ? 20  ARG A NH2 1 
ATOM   102  N  N   . GLU A 1 27  ? 13.560  14.008  6.511   1.00 38.25 ? 21  GLU A N   1 
ATOM   103  C  CA  . GLU A 1 27  ? 13.085  14.062  5.132   1.00 36.89 ? 21  GLU A CA  1 
ATOM   104  C  C   . GLU A 1 27  ? 11.616  14.464  4.999   1.00 35.22 ? 21  GLU A C   1 
ATOM   105  O  O   . GLU A 1 27  ? 11.229  15.089  4.007   1.00 35.01 ? 21  GLU A O   1 
ATOM   106  C  CB  . GLU A 1 27  ? 13.294  12.710  4.442   1.00 36.87 ? 21  GLU A CB  1 
ATOM   107  C  CG  . GLU A 1 27  ? 14.749  12.326  4.214   1.00 38.25 ? 21  GLU A CG  1 
ATOM   108  C  CD  . GLU A 1 27  ? 15.427  11.761  5.451   1.00 38.22 ? 21  GLU A CD  1 
ATOM   109  O  OE1 . GLU A 1 27  ? 14.720  11.281  6.367   1.00 36.56 ? 21  GLU A OE1 1 
ATOM   110  O  OE2 . GLU A 1 27  ? 16.675  11.797  5.496   1.00 38.52 ? 21  GLU A OE2 1 
ATOM   111  N  N   . SER A 1 28  ? 10.794  14.088  5.977   1.00 32.83 ? 22  SER A N   1 
ATOM   112  C  CA  . SER A 1 28  ? 9.352   14.230  5.819   1.00 31.74 ? 22  SER A CA  1 
ATOM   113  C  C   . SER A 1 28  ? 8.538   14.224  7.111   1.00 30.88 ? 22  SER A C   1 
ATOM   114  O  O   . SER A 1 28  ? 9.051   13.971  8.206   1.00 29.48 ? 22  SER A O   1 
ATOM   115  C  CB  . SER A 1 28  ? 8.817   13.146  4.873   1.00 31.72 ? 22  SER A CB  1 
ATOM   116  O  OG  . SER A 1 28  ? 8.753   11.898  5.525   1.00 31.23 ? 22  SER A OG  1 
ATOM   117  N  N   . ASP A 1 29  ? 7.245   14.479  6.944   1.00 30.68 ? 23  ASP A N   1 
ATOM   118  C  CA  . ASP A 1 29  ? 6.316   14.605  8.043   1.00 31.22 ? 23  ASP A CA  1 
ATOM   119  C  C   . ASP A 1 29  ? 4.995   13.885  7.735   1.00 30.35 ? 23  ASP A C   1 
ATOM   120  O  O   . ASP A 1 29  ? 4.263   14.291  6.826   1.00 30.58 ? 23  ASP A O   1 
ATOM   121  C  CB  . ASP A 1 29  ? 6.060   16.082  8.271   1.00 33.55 ? 23  ASP A CB  1 
ATOM   122  C  CG  . ASP A 1 29  ? 5.941   16.412  9.708   1.00 35.75 ? 23  ASP A CG  1 
ATOM   123  O  OD1 . ASP A 1 29  ? 4.781   16.459  10.188  1.00 36.81 ? 23  ASP A OD1 1 
ATOM   124  O  OD2 . ASP A 1 29  ? 7.007   16.597  10.351  1.00 36.83 ? 23  ASP A OD2 1 
ATOM   125  N  N   . ILE A 1 30  ? 4.696   12.828  8.491   1.00 28.08 ? 24  ILE A N   1 
ATOM   126  C  CA  . ILE A 1 30  ? 3.545   11.955  8.209   1.00 26.27 ? 24  ILE A CA  1 
ATOM   127  C  C   . ILE A 1 30  ? 2.563   11.855  9.386   1.00 25.79 ? 24  ILE A C   1 
ATOM   128  O  O   . ILE A 1 30  ? 2.977   11.643  10.527  1.00 25.75 ? 24  ILE A O   1 
ATOM   129  C  CB  . ILE A 1 30  ? 3.981   10.503  7.841   1.00 26.22 ? 24  ILE A CB  1 
ATOM   130  C  CG1 . ILE A 1 30  ? 5.341   10.450  7.114   1.00 25.83 ? 24  ILE A CG1 1 
ATOM   131  C  CG2 . ILE A 1 30  ? 2.886   9.779   7.066   1.00 26.07 ? 24  ILE A CG2 1 
ATOM   132  C  CD1 . ILE A 1 30  ? 5.341   10.948  5.684   1.00 25.76 ? 24  ILE A CD1 1 
ATOM   133  N  N   . VAL A 1 31  ? 1.271   12.015  9.095   1.00 24.78 ? 25  VAL A N   1 
ATOM   134  C  CA  . VAL A 1 31  ? 0.189   11.628  10.010  1.00 25.06 ? 25  VAL A CA  1 
ATOM   135  C  C   . VAL A 1 31  ? -0.697  10.601  9.300   1.00 25.03 ? 25  VAL A C   1 
ATOM   136  O  O   . VAL A 1 31  ? -1.137  10.837  8.170   1.00 24.76 ? 25  VAL A O   1 
ATOM   137  C  CB  . VAL A 1 31  ? -0.685  12.831  10.456  1.00 24.74 ? 25  VAL A CB  1 
ATOM   138  C  CG1 . VAL A 1 31  ? -1.860  12.371  11.312  1.00 24.37 ? 25  VAL A CG1 1 
ATOM   139  C  CG2 . VAL A 1 31  ? 0.143   13.845  11.219  1.00 23.99 ? 25  VAL A CG2 1 
ATOM   140  N  N   . ILE A 1 32  ? -0.940  9.472   9.968   1.00 25.27 ? 26  ILE A N   1 
ATOM   141  C  CA  . ILE A 1 32  ? -1.810  8.401   9.467   1.00 25.67 ? 26  ILE A CA  1 
ATOM   142  C  C   . ILE A 1 32  ? -2.936  8.126   10.468  1.00 26.29 ? 26  ILE A C   1 
ATOM   143  O  O   . ILE A 1 32  ? -2.670  7.945   11.655  1.00 26.28 ? 26  ILE A O   1 
ATOM   144  C  CB  . ILE A 1 32  ? -1.032  7.074   9.278   1.00 25.37 ? 26  ILE A CB  1 
ATOM   145  C  CG1 . ILE A 1 32  ? 0.235   7.254   8.414   1.00 25.55 ? 26  ILE A CG1 1 
ATOM   146  C  CG2 . ILE A 1 32  ? -1.942  5.974   8.750   1.00 25.03 ? 26  ILE A CG2 1 
ATOM   147  C  CD1 . ILE A 1 32  ? 0.008   7.390   6.922   1.00 25.39 ? 26  ILE A CD1 1 
ATOM   148  N  N   . GLU A 1 33  ? -4.180  8.099   9.993   1.00 26.90 ? 27  GLU A N   1 
ATOM   149  C  CA  . GLU A 1 33  ? -5.306  7.610   10.807  1.00 27.58 ? 27  GLU A CA  1 
ATOM   150  C  C   . GLU A 1 33  ? -5.969  6.441   10.102  1.00 26.01 ? 27  GLU A C   1 
ATOM   151  O  O   . GLU A 1 33  ? -6.424  6.579   8.973   1.00 25.95 ? 27  GLU A O   1 
ATOM   152  C  CB  . GLU A 1 33  ? -6.343  8.704   11.070  1.00 29.09 ? 27  GLU A CB  1 
ATOM   153  C  CG  . GLU A 1 33  ? -5.774  9.996   11.629  1.00 31.60 ? 27  GLU A CG  1 
ATOM   154  C  CD  . GLU A 1 33  ? -6.867  10.941  12.082  1.00 33.86 ? 27  GLU A CD  1 
ATOM   155  O  OE1 . GLU A 1 33  ? -7.266  11.816  11.275  1.00 34.56 ? 27  GLU A OE1 1 
ATOM   156  O  OE2 . GLU A 1 33  ? -7.337  10.788  13.233  1.00 34.39 ? 27  GLU A OE2 1 
ATOM   157  N  N   . LEU A 1 34  ? -6.033  5.300   10.778  1.00 25.34 ? 28  LEU A N   1 
ATOM   158  C  CA  . LEU A 1 34  ? -6.465  4.056   10.149  1.00 25.46 ? 28  LEU A CA  1 
ATOM   159  C  C   . LEU A 1 34  ? -7.540  3.323   10.954  1.00 25.13 ? 28  LEU A C   1 
ATOM   160  O  O   . LEU A 1 34  ? -7.338  3.005   12.120  1.00 24.46 ? 28  LEU A O   1 
ATOM   161  C  CB  . LEU A 1 34  ? -5.255  3.132   9.966   1.00 25.02 ? 28  LEU A CB  1 
ATOM   162  C  CG  . LEU A 1 34  ? -5.151  2.057   8.880   1.00 25.05 ? 28  LEU A CG  1 
ATOM   163  C  CD1 . LEU A 1 34  ? -4.350  0.887   9.432   1.00 24.61 ? 28  LEU A CD1 1 
ATOM   164  C  CD2 . LEU A 1 34  ? -6.491  1.578   8.337   1.00 24.41 ? 28  LEU A CD2 1 
ATOM   165  N  N   . ASP A 1 35  ? -8.681  3.066   10.316  1.00 25.85 ? 29  ASP A N   1 
ATOM   166  C  CA  . ASP A 1 35  ? -9.684  2.143   10.839  1.00 25.42 ? 29  ASP A CA  1 
ATOM   167  C  C   . ASP A 1 35  ? -9.793  0.970   9.879   1.00 24.96 ? 29  ASP A C   1 
ATOM   168  O  O   . ASP A 1 35  ? -10.190 1.135   8.722   1.00 24.26 ? 29  ASP A O   1 
ATOM   169  C  CB  . ASP A 1 35  ? -11.044 2.829   10.995  1.00 26.44 ? 29  ASP A CB  1 
ATOM   170  C  CG  . ASP A 1 35  ? -12.041 2.002   11.812  1.00 27.79 ? 29  ASP A CG  1 
ATOM   171  O  OD1 . ASP A 1 35  ? -11.892 0.763   11.916  1.00 27.95 ? 29  ASP A OD1 1 
ATOM   172  O  OD2 . ASP A 1 35  ? -12.994 2.608   12.353  1.00 28.75 ? 29  ASP A OD2 1 
ATOM   173  N  N   . LEU A 1 36  ? -9.424  -0.208  10.374  1.00 24.63 ? 30  LEU A N   1 
ATOM   174  C  CA  . LEU A 1 36  ? -9.497  -1.458  9.622   1.00 24.82 ? 30  LEU A CA  1 
ATOM   175  C  C   . LEU A 1 36  ? -10.919 -1.847  9.239   1.00 25.34 ? 30  LEU A C   1 
ATOM   176  O  O   . LEU A 1 36  ? -11.137 -2.490  8.220   1.00 26.07 ? 30  LEU A O   1 
ATOM   177  C  CB  . LEU A 1 36  ? -8.890  -2.586  10.452  1.00 24.85 ? 30  LEU A CB  1 
ATOM   178  C  CG  . LEU A 1 36  ? -7.455  -3.074  10.232  1.00 25.15 ? 30  LEU A CG  1 
ATOM   179  C  CD1 . LEU A 1 36  ? -6.519  -2.045  9.603   1.00 24.46 ? 30  LEU A CD1 1 
ATOM   180  C  CD2 . LEU A 1 36  ? -6.916  -3.589  11.554  1.00 24.45 ? 30  LEU A CD2 1 
ATOM   181  N  N   . ASP A 1 37  ? -11.883 -1.463  10.065  1.00 25.60 ? 31  ASP A N   1 
ATOM   182  C  CA  . ASP A 1 37  ? -13.267 -1.847  9.859   1.00 25.34 ? 31  ASP A CA  1 
ATOM   183  C  C   . ASP A 1 37  ? -14.059 -0.653  9.336   1.00 25.36 ? 31  ASP A C   1 
ATOM   184  O  O   . ASP A 1 37  ? -15.073 -0.266  9.911   1.00 25.00 ? 31  ASP A O   1 
ATOM   185  C  CB  . ASP A 1 37  ? -13.855 -2.389  11.169  1.00 25.03 ? 31  ASP A CB  1 
ATOM   186  C  CG  . ASP A 1 37  ? -13.115 -3.619  11.669  1.00 24.94 ? 31  ASP A CG  1 
ATOM   187  O  OD1 . ASP A 1 37  ? -13.173 -4.666  10.988  1.00 24.26 ? 31  ASP A OD1 1 
ATOM   188  O  OD2 . ASP A 1 37  ? -12.469 -3.544  12.738  1.00 25.17 ? 31  ASP A OD2 1 
ATOM   189  N  N   . GLY A 1 38  ? -13.586 -0.082  8.233   1.00 25.84 ? 32  GLY A N   1 
ATOM   190  C  CA  . GLY A 1 38  ? -14.166 1.143   7.691   1.00 26.12 ? 32  GLY A CA  1 
ATOM   191  C  C   . GLY A 1 38  ? -15.140 0.920   6.555   1.00 26.51 ? 32  GLY A C   1 
ATOM   192  O  O   . GLY A 1 38  ? -15.574 -0.206  6.305   1.00 26.58 ? 32  GLY A O   1 
ATOM   193  N  N   . THR A 1 39  ? -15.477 2.005   5.865   1.00 26.90 ? 33  THR A N   1 
ATOM   194  C  CA  . THR A 1 39  ? -16.400 1.959   4.731   1.00 28.04 ? 33  THR A CA  1 
ATOM   195  C  C   . THR A 1 39  ? -15.807 2.597   3.471   1.00 28.56 ? 33  THR A C   1 
ATOM   196  O  O   . THR A 1 39  ? -16.537 2.925   2.536   1.00 29.04 ? 33  THR A O   1 
ATOM   197  C  CB  . THR A 1 39  ? -17.744 2.640   5.068   1.00 28.18 ? 33  THR A CB  1 
ATOM   198  O  OG1 . THR A 1 39  ? -17.499 3.904   5.699   1.00 29.10 ? 33  THR A OG1 1 
ATOM   199  C  CG2 . THR A 1 39  ? -18.573 1.762   6.003   1.00 27.79 ? 33  THR A CG2 1 
ATOM   200  N  N   . GLY A 1 40  ? -14.485 2.768   3.446   1.00 28.47 ? 34  GLY A N   1 
ATOM   201  C  CA  . GLY A 1 40  ? -13.810 3.372   2.303   1.00 28.32 ? 34  GLY A CA  1 
ATOM   202  C  C   . GLY A 1 40  ? -13.791 4.890   2.349   1.00 29.06 ? 34  GLY A C   1 
ATOM   203  O  O   . GLY A 1 40  ? -13.662 5.546   1.313   1.00 28.64 ? 34  GLY A O   1 
ATOM   204  N  N   . GLN A 1 41  ? -13.937 5.452   3.548   1.00 29.68 ? 35  GLN A N   1 
ATOM   205  C  CA  . GLN A 1 41  ? -13.766 6.889   3.754   1.00 30.16 ? 35  GLN A CA  1 
ATOM   206  C  C   . GLN A 1 41  ? -12.271 7.179   3.773   1.00 28.22 ? 35  GLN A C   1 
ATOM   207  O  O   . GLN A 1 41  ? -11.598 6.948   4.776   1.00 28.34 ? 35  GLN A O   1 
ATOM   208  C  CB  . GLN A 1 41  ? -14.442 7.355   5.057   1.00 32.25 ? 35  GLN A CB  1 
ATOM   209  C  CG  . GLN A 1 41  ? -15.922 6.990   5.180   1.00 34.40 ? 35  GLN A CG  1 
ATOM   210  C  CD  . GLN A 1 41  ? -16.709 7.248   3.903   1.00 37.06 ? 35  GLN A CD  1 
ATOM   211  O  OE1 . GLN A 1 41  ? -16.917 8.398   3.498   1.00 38.48 ? 35  GLN A OE1 1 
ATOM   212  N  NE2 . GLN A 1 41  ? -17.148 6.172   3.256   1.00 37.15 ? 35  GLN A NE2 1 
ATOM   213  N  N   . VAL A 1 42  ? -11.759 7.660   2.643   1.00 26.60 ? 36  VAL A N   1 
ATOM   214  C  CA  . VAL A 1 42  ? -10.318 7.772   2.421   1.00 24.77 ? 36  VAL A CA  1 
ATOM   215  C  C   . VAL A 1 42  ? -9.926  9.162   1.943   1.00 24.28 ? 36  VAL A C   1 
ATOM   216  O  O   . VAL A 1 42  ? -10.485 9.673   0.984   1.00 24.50 ? 36  VAL A O   1 
ATOM   217  C  CB  . VAL A 1 42  ? -9.828  6.730   1.389   1.00 24.55 ? 36  VAL A CB  1 
ATOM   218  C  CG1 . VAL A 1 42  ? -8.335  6.861   1.142   1.00 23.86 ? 36  VAL A CG1 1 
ATOM   219  C  CG2 . VAL A 1 42  ? -10.170 5.315   1.840   1.00 24.39 ? 36  VAL A CG2 1 
ATOM   220  N  N   . ALA A 1 43  ? -8.950  9.763   2.615   1.00 24.61 ? 37  ALA A N   1 
ATOM   221  C  CA  . ALA A 1 43  ? -8.392  11.041  2.189   1.00 24.78 ? 37  ALA A CA  1 
ATOM   222  C  C   . ALA A 1 43  ? -6.864  10.977  2.253   1.00 25.12 ? 37  ALA A C   1 
ATOM   223  O  O   . ALA A 1 43  ? -6.279  10.828  3.332   1.00 25.84 ? 37  ALA A O   1 
ATOM   224  C  CB  . ALA A 1 43  ? -8.934  12.178  3.056   1.00 25.05 ? 37  ALA A CB  1 
ATOM   225  N  N   . VAL A 1 44  ? -6.226  11.071  1.089   1.00 24.68 ? 38  VAL A N   1 
ATOM   226  C  CA  . VAL A 1 44  ? -4.769  10.982  0.987   1.00 23.98 ? 38  VAL A CA  1 
ATOM   227  C  C   . VAL A 1 44  ? -4.199  12.237  0.326   1.00 24.11 ? 38  VAL A C   1 
ATOM   228  O  O   . VAL A 1 44  ? -4.657  12.648  -0.743  1.00 23.37 ? 38  VAL A O   1 
ATOM   229  C  CB  . VAL A 1 44  ? -4.326  9.711   0.218   1.00 23.52 ? 38  VAL A CB  1 
ATOM   230  C  CG1 . VAL A 1 44  ? -2.812  9.663   0.058   1.00 22.61 ? 38  VAL A CG1 1 
ATOM   231  C  CG2 . VAL A 1 44  ? -4.821  8.457   0.928   1.00 22.71 ? 38  VAL A CG2 1 
ATOM   232  N  N   . ASP A 1 45  ? -3.206  12.836  0.983   1.00 24.75 ? 39  ASP A N   1 
ATOM   233  C  CA  . ASP A 1 45  ? -2.510  14.022  0.482   1.00 25.34 ? 39  ASP A CA  1 
ATOM   234  C  C   . ASP A 1 45  ? -1.038  13.950  0.896   1.00 24.53 ? 39  ASP A C   1 
ATOM   235  O  O   . ASP A 1 45  ? -0.695  14.255  2.038   1.00 24.28 ? 39  ASP A O   1 
ATOM   236  C  CB  . ASP A 1 45  ? -3.170  15.296  1.033   1.00 27.21 ? 39  ASP A CB  1 
ATOM   237  C  CG  . ASP A 1 45  ? -2.691  16.568  0.343   1.00 29.37 ? 39  ASP A CG  1 
ATOM   238  O  OD1 . ASP A 1 45  ? -1.549  16.610  -0.166  1.00 29.31 ? 39  ASP A OD1 1 
ATOM   239  O  OD2 . ASP A 1 45  ? -3.466  17.551  0.318   1.00 30.99 ? 39  ASP A OD2 1 
ATOM   240  N  N   . THR A 1 46  ? -0.176  13.538  -0.034  1.00 23.72 ? 40  THR A N   1 
ATOM   241  C  CA  . THR A 1 46  ? 1.256   13.377  0.244   1.00 23.13 ? 40  THR A CA  1 
ATOM   242  C  C   . THR A 1 46  ? 2.157   14.333  -0.544  1.00 22.90 ? 40  THR A C   1 
ATOM   243  O  O   . THR A 1 46  ? 3.383   14.311  -0.380  1.00 22.62 ? 40  THR A O   1 
ATOM   244  C  CB  . THR A 1 46  ? 1.736   11.945  -0.059  1.00 23.22 ? 40  THR A CB  1 
ATOM   245  O  OG1 . THR A 1 46  ? 1.690   11.720  -1.472  1.00 22.51 ? 40  THR A OG1 1 
ATOM   246  C  CG2 . THR A 1 46  ? 0.880   10.904  0.665   1.00 23.53 ? 40  THR A CG2 1 
ATOM   247  N  N   . GLY A 1 47  ? 1.552   15.152  -1.408  1.00 22.57 ? 41  GLY A N   1 
ATOM   248  C  CA  . GLY A 1 47  ? 2.297   16.033  -2.310  1.00 21.14 ? 41  GLY A CA  1 
ATOM   249  C  C   . GLY A 1 47  ? 2.762   15.319  -3.566  1.00 21.04 ? 41  GLY A C   1 
ATOM   250  O  O   . GLY A 1 47  ? 3.431   15.921  -4.418  1.00 21.20 ? 41  GLY A O   1 
ATOM   251  N  N   . VAL A 1 48  ? 2.426   14.030  -3.671  1.00 19.84 ? 42  VAL A N   1 
ATOM   252  C  CA  . VAL A 1 48  ? 2.781   13.196  -4.826  1.00 18.93 ? 42  VAL A CA  1 
ATOM   253  C  C   . VAL A 1 48  ? 1.487   12.601  -5.398  1.00 18.98 ? 42  VAL A C   1 
ATOM   254  O  O   . VAL A 1 48  ? 1.081   11.501  -5.013  1.00 19.45 ? 42  VAL A O   1 
ATOM   255  C  CB  . VAL A 1 48  ? 3.766   12.062  -4.447  1.00 18.57 ? 42  VAL A CB  1 
ATOM   256  C  CG1 . VAL A 1 48  ? 4.244   11.321  -5.691  1.00 18.02 ? 42  VAL A CG1 1 
ATOM   257  C  CG2 . VAL A 1 48  ? 4.953   12.597  -3.652  1.00 18.17 ? 42  VAL A CG2 1 
ATOM   258  N  N   . PRO A 1 49  ? 0.828   13.332  -6.317  1.00 18.81 ? 43  PRO A N   1 
ATOM   259  C  CA  . PRO A 1 49  ? -0.554  13.018  -6.719  1.00 18.70 ? 43  PRO A CA  1 
ATOM   260  C  C   . PRO A 1 49  ? -0.825  11.597  -7.229  1.00 18.55 ? 43  PRO A C   1 
ATOM   261  O  O   . PRO A 1 49  ? -1.915  11.074  -6.983  1.00 19.15 ? 43  PRO A O   1 
ATOM   262  C  CB  . PRO A 1 49  ? -0.850  14.068  -7.796  1.00 18.56 ? 43  PRO A CB  1 
ATOM   263  C  CG  . PRO A 1 49  ? 0.028   15.217  -7.422  1.00 18.42 ? 43  PRO A CG  1 
ATOM   264  C  CD  . PRO A 1 49  ? 1.301   14.582  -6.941  1.00 18.60 ? 43  PRO A CD  1 
ATOM   265  N  N   . PHE A 1 50  ? 0.128   10.968  -7.918  1.00 18.10 ? 44  PHE A N   1 
ATOM   266  C  CA  . PHE A 1 50  ? -0.079  9.569   -8.322  1.00 17.80 ? 44  PHE A CA  1 
ATOM   267  C  C   . PHE A 1 50  ? -0.002  8.614   -7.135  1.00 17.83 ? 44  PHE A C   1 
ATOM   268  O  O   . PHE A 1 50  ? -0.707  7.602   -7.101  1.00 17.47 ? 44  PHE A O   1 
ATOM   269  C  CB  . PHE A 1 50  ? 0.879   9.118   -9.431  1.00 17.56 ? 44  PHE A CB  1 
ATOM   270  C  CG  . PHE A 1 50  ? 0.612   7.716   -9.924  1.00 17.54 ? 44  PHE A CG  1 
ATOM   271  C  CD1 . PHE A 1 50  ? -0.362  7.473   -10.886 1.00 17.58 ? 44  PHE A CD1 1 
ATOM   272  C  CD2 . PHE A 1 50  ? 1.323   6.635   -9.414  1.00 17.42 ? 44  PHE A CD2 1 
ATOM   273  C  CE1 . PHE A 1 50  ? -0.612  6.182   -11.339 1.00 17.56 ? 44  PHE A CE1 1 
ATOM   274  C  CE2 . PHE A 1 50  ? 1.078   5.343   -9.863  1.00 17.41 ? 44  PHE A CE2 1 
ATOM   275  C  CZ  . PHE A 1 50  ? 0.109   5.116   -10.825 1.00 17.58 ? 44  PHE A CZ  1 
ATOM   276  N  N   . TYR A 1 51  ? 0.867   8.926   -6.174  1.00 17.79 ? 45  TYR A N   1 
ATOM   277  C  CA  . TYR A 1 51  ? 0.943   8.147   -4.944  1.00 18.04 ? 45  TYR A CA  1 
ATOM   278  C  C   . TYR A 1 51  ? -0.380  8.274   -4.199  1.00 18.08 ? 45  TYR A C   1 
ATOM   279  O  O   . TYR A 1 51  ? -0.924  7.273   -3.730  1.00 17.74 ? 45  TYR A O   1 
ATOM   280  C  CB  . TYR A 1 51  ? 2.096   8.628   -4.069  1.00 17.91 ? 45  TYR A CB  1 
ATOM   281  C  CG  . TYR A 1 51  ? 2.473   7.723   -2.912  1.00 17.96 ? 45  TYR A CG  1 
ATOM   282  C  CD1 . TYR A 1 51  ? 2.568   6.337   -3.073  1.00 17.73 ? 45  TYR A CD1 1 
ATOM   283  C  CD2 . TYR A 1 51  ? 2.800   8.267   -1.668  1.00 18.02 ? 45  TYR A CD2 1 
ATOM   284  C  CE1 . TYR A 1 51  ? 2.948   5.519   -2.020  1.00 17.74 ? 45  TYR A CE1 1 
ATOM   285  C  CE2 . TYR A 1 51  ? 3.179   7.457   -0.608  1.00 18.05 ? 45  TYR A CE2 1 
ATOM   286  C  CZ  . TYR A 1 51  ? 3.256   6.084   -0.787  1.00 17.78 ? 45  TYR A CZ  1 
ATOM   287  O  OH  . TYR A 1 51  ? 3.639   5.283   0.269   1.00 17.11 ? 45  TYR A OH  1 
ATOM   288  N  N   . ASP A 1 52  ? -0.897  9.502   -4.123  1.00 18.24 ? 46  ASP A N   1 
ATOM   289  C  CA  . ASP A 1 52  ? -2.206  9.765   -3.523  1.00 18.48 ? 46  ASP A CA  1 
ATOM   290  C  C   . ASP A 1 52  ? -3.273  8.871   -4.145  1.00 18.77 ? 46  ASP A C   1 
ATOM   291  O  O   . ASP A 1 52  ? -4.062  8.249   -3.433  1.00 19.16 ? 46  ASP A O   1 
ATOM   292  C  CB  . ASP A 1 52  ? -2.611  11.227  -3.718  1.00 18.97 ? 46  ASP A CB  1 
ATOM   293  C  CG  . ASP A 1 52  ? -1.714  12.196  -2.981  1.00 19.04 ? 46  ASP A CG  1 
ATOM   294  O  OD1 . ASP A 1 52  ? -0.872  11.759  -2.157  1.00 18.91 ? 46  ASP A OD1 1 
ATOM   295  O  OD2 . ASP A 1 52  ? -1.863  13.408  -3.239  1.00 18.69 ? 46  ASP A OD2 1 
ATOM   296  N  N   . HIS A 1 53  ? -3.273  8.811   -5.474  1.00 18.57 ? 47  HIS A N   1 
ATOM   297  C  CA  . HIS A 1 53  ? -4.234  8.021   -6.236  1.00 19.28 ? 47  HIS A CA  1 
ATOM   298  C  C   . HIS A 1 53  ? -4.129  6.525   -5.921  1.00 19.29 ? 47  HIS A C   1 
ATOM   299  O  O   . HIS A 1 53  ? -5.148  5.832   -5.839  1.00 18.67 ? 47  HIS A O   1 
ATOM   300  C  CB  . HIS A 1 53  ? -4.066  8.302   -7.742  1.00 19.59 ? 47  HIS A CB  1 
ATOM   301  C  CG  . HIS A 1 53  ? -4.893  7.425   -8.634  1.00 20.60 ? 47  HIS A CG  1 
ATOM   302  N  ND1 . HIS A 1 53  ? -6.159  6.993   -8.299  1.00 21.24 ? 47  HIS A ND1 1 
ATOM   303  C  CD2 . HIS A 1 53  ? -4.641  6.926   -9.868  1.00 20.96 ? 47  HIS A CD2 1 
ATOM   304  C  CE1 . HIS A 1 53  ? -6.642  6.246   -9.277  1.00 21.24 ? 47  HIS A CE1 1 
ATOM   305  N  NE2 . HIS A 1 53  ? -5.741  6.191   -10.243 1.00 21.29 ? 47  HIS A NE2 1 
ATOM   306  N  N   . MET A 1 54  ? -2.895  6.049   -5.738  1.00 19.25 ? 48  MET A N   1 
ATOM   307  C  CA  . MET A 1 54  ? -2.626  4.649   -5.408  1.00 19.10 ? 48  MET A CA  1 
ATOM   308  C  C   . MET A 1 54  ? -3.052  4.306   -3.977  1.00 18.76 ? 48  MET A C   1 
ATOM   309  O  O   . MET A 1 54  ? -3.717  3.300   -3.743  1.00 18.94 ? 48  MET A O   1 
ATOM   310  C  CB  . MET A 1 54  ? -1.139  4.313   -5.624  1.00 18.91 ? 48  MET A CB  1 
ATOM   311  C  CG  . MET A 1 54  ? -0.669  4.316   -7.068  1.00 18.93 ? 48  MET A CG  1 
ATOM   312  S  SD  . MET A 1 54  ? -1.618  3.241   -8.167  1.00 19.68 ? 48  MET A SD  1 
ATOM   313  C  CE  . MET A 1 54  ? -2.811  4.393   -8.830  1.00 18.99 ? 48  MET A CE  1 
ATOM   314  N  N   . LEU A 1 55  ? -2.656  5.146   -3.027  1.00 18.86 ? 49  LEU A N   1 
ATOM   315  C  CA  . LEU A 1 55  ? -3.045  4.992   -1.627  1.00 18.59 ? 49  LEU A CA  1 
ATOM   316  C  C   . LEU A 1 55  ? -4.551  5.166   -1.405  1.00 18.48 ? 49  LEU A C   1 
ATOM   317  O  O   . LEU A 1 55  ? -5.126  4.547   -0.504  1.00 17.84 ? 49  LEU A O   1 
ATOM   318  C  CB  . LEU A 1 55  ? -2.256  5.965   -0.756  1.00 18.87 ? 49  LEU A CB  1 
ATOM   319  C  CG  . LEU A 1 55  ? -1.057  5.466   0.059   1.00 19.10 ? 49  LEU A CG  1 
ATOM   320  C  CD1 . LEU A 1 55  ? -0.205  4.429   -0.664  1.00 19.06 ? 49  LEU A CD1 1 
ATOM   321  C  CD2 . LEU A 1 55  ? -0.217  6.656   0.498   1.00 18.94 ? 49  LEU A CD2 1 
ATOM   322  N  N   . THR A 1 56  ? -5.190  5.995   -2.229  1.00 18.29 ? 50  THR A N   1 
ATOM   323  C  CA  . THR A 1 56  ? -6.645  6.124   -2.189  1.00 18.27 ? 50  THR A CA  1 
ATOM   324  C  C   . THR A 1 56  ? -7.299  4.816   -2.645  1.00 18.84 ? 50  THR A C   1 
ATOM   325  O  O   . THR A 1 56  ? -8.196  4.304   -1.974  1.00 19.31 ? 50  THR A O   1 
ATOM   326  C  CB  . THR A 1 56  ? -7.149  7.328   -3.020  1.00 18.07 ? 50  THR A CB  1 
ATOM   327  O  OG1 . THR A 1 56  ? -6.507  8.526   -2.555  1.00 17.69 ? 50  THR A OG1 1 
ATOM   328  C  CG2 . THR A 1 56  ? -8.666  7.482   -2.906  1.00 17.25 ? 50  THR A CG2 1 
ATOM   329  N  N   . ALA A 1 57  ? -6.831  4.270   -3.768  1.00 19.02 ? 51  ALA A N   1 
ATOM   330  C  CA  . ALA A 1 57  ? -7.286  2.969   -4.256  1.00 18.97 ? 51  ALA A CA  1 
ATOM   331  C  C   . ALA A 1 57  ? -7.068  1.876   -3.205  1.00 19.18 ? 51  ALA A C   1 
ATOM   332  O  O   . ALA A 1 57  ? -7.950  1.035   -2.983  1.00 19.02 ? 51  ALA A O   1 
ATOM   333  C  CB  . ALA A 1 57  ? -6.577  2.612   -5.556  1.00 18.86 ? 51  ALA A CB  1 
ATOM   334  N  N   . LEU A 1 58  ? -5.898  1.907   -2.558  1.00 18.89 ? 52  LEU A N   1 
ATOM   335  C  CA  . LEU A 1 58  ? -5.554  0.981   -1.470  1.00 19.14 ? 52  LEU A CA  1 
ATOM   336  C  C   . LEU A 1 58  ? -6.565  1.048   -0.317  1.00 19.41 ? 52  LEU A C   1 
ATOM   337  O  O   . LEU A 1 58  ? -7.152  0.031   0.054   1.00 19.17 ? 52  LEU A O   1 
ATOM   338  C  CB  . LEU A 1 58  ? -4.137  1.277   -0.948  1.00 19.05 ? 52  LEU A CB  1 
ATOM   339  C  CG  . LEU A 1 58  ? -3.322  0.353   -0.023  1.00 19.36 ? 52  LEU A CG  1 
ATOM   340  C  CD1 . LEU A 1 58  ? -3.989  0.072   1.315   1.00 19.67 ? 52  LEU A CD1 1 
ATOM   341  C  CD2 . LEU A 1 58  ? -2.943  -0.951  -0.697  1.00 19.77 ? 52  LEU A CD2 1 
ATOM   342  N  N   . GLY A 1 59  ? -6.754  2.243   0.245   1.00 19.72 ? 53  GLY A N   1 
ATOM   343  C  CA  . GLY A 1 59  ? -7.663  2.442   1.373   1.00 20.21 ? 53  GLY A CA  1 
ATOM   344  C  C   . GLY A 1 59  ? -9.088  2.058   1.023   1.00 21.15 ? 53  GLY A C   1 
ATOM   345  O  O   . GLY A 1 59  ? -9.756  1.356   1.787   1.00 21.33 ? 53  GLY A O   1 
ATOM   346  N  N   . SER A 1 60  ? -9.533  2.514   -0.146  1.00 21.47 ? 54  SER A N   1 
ATOM   347  C  CA  . SER A 1 60  ? -10.883 2.268   -0.645  1.00 22.46 ? 54  SER A CA  1 
ATOM   348  C  C   . SER A 1 60  ? -11.179 0.785   -0.877  1.00 22.82 ? 54  SER A C   1 
ATOM   349  O  O   . SER A 1 60  ? -12.146 0.247   -0.324  1.00 22.97 ? 54  SER A O   1 
ATOM   350  C  CB  . SER A 1 60  ? -11.121 3.050   -1.935  1.00 22.22 ? 54  SER A CB  1 
ATOM   351  O  OG  . SER A 1 60  ? -12.463 2.890   -2.347  1.00 23.87 ? 54  SER A OG  1 
ATOM   352  N  N   . HIS A 1 61  ? -10.338 0.134   -1.681  1.00 22.62 ? 55  HIS A N   1 
ATOM   353  C  CA  . HIS A 1 61  ? -10.520 -1.276  -2.019  1.00 22.78 ? 55  HIS A CA  1 
ATOM   354  C  C   . HIS A 1 61  ? -10.280 -2.234  -0.856  1.00 22.93 ? 55  HIS A C   1 
ATOM   355  O  O   . HIS A 1 61  ? -10.724 -3.382  -0.905  1.00 23.32 ? 55  HIS A O   1 
ATOM   356  C  CB  . HIS A 1 61  ? -9.672  -1.670  -3.233  1.00 22.88 ? 55  HIS A CB  1 
ATOM   357  C  CG  . HIS A 1 61  ? -10.187 -1.113  -4.523  1.00 23.10 ? 55  HIS A CG  1 
ATOM   358  N  ND1 . HIS A 1 61  ? -11.141 -1.757  -5.282  1.00 23.18 ? 55  HIS A ND1 1 
ATOM   359  C  CD2 . HIS A 1 61  ? -9.904  0.040   -5.175  1.00 22.54 ? 55  HIS A CD2 1 
ATOM   360  C  CE1 . HIS A 1 61  ? -11.414 -1.029  -6.350  1.00 23.05 ? 55  HIS A CE1 1 
ATOM   361  N  NE2 . HIS A 1 61  ? -10.675 0.065   -6.310  1.00 22.61 ? 55  HIS A NE2 1 
ATOM   362  N  N   . ALA A 1 62  ? -9.591  -1.772  0.189   1.00 22.36 ? 56  ALA A N   1 
ATOM   363  C  CA  . ALA A 1 62  ? -9.408  -2.592  1.387   1.00 22.50 ? 56  ALA A CA  1 
ATOM   364  C  C   . ALA A 1 62  ? -10.543 -2.371  2.378   1.00 23.21 ? 56  ALA A C   1 
ATOM   365  O  O   . ALA A 1 62  ? -10.599 -3.012  3.428   1.00 23.16 ? 56  ALA A O   1 
ATOM   366  C  CB  . ALA A 1 62  ? -8.061  -2.315  2.039   1.00 22.54 ? 56  ALA A CB  1 
ATOM   367  N  N   . SER A 1 63  ? -11.445 -1.458  2.024   1.00 24.10 ? 57  SER A N   1 
ATOM   368  C  CA  . SER A 1 63  ? -12.571 -1.072  2.865   1.00 25.14 ? 57  SER A CA  1 
ATOM   369  C  C   . SER A 1 63  ? -12.124 -0.508  4.222   1.00 25.13 ? 57  SER A C   1 
ATOM   370  O  O   . SER A 1 63  ? -12.831 -0.641  5.228   1.00 24.46 ? 57  SER A O   1 
ATOM   371  C  CB  . SER A 1 63  ? -13.554 -2.241  3.032   1.00 26.28 ? 57  SER A CB  1 
ATOM   372  O  OG  . SER A 1 63  ? -14.883 -1.762  3.153   1.00 28.64 ? 57  SER A OG  1 
ATOM   373  N  N   . PHE A 1 64  ? -10.938 0.112   4.236   1.00 24.04 ? 58  PHE A N   1 
ATOM   374  C  CA  . PHE A 1 64  ? -10.468 0.862   5.393   1.00 23.27 ? 58  PHE A CA  1 
ATOM   375  C  C   . PHE A 1 64  ? -11.115 2.237   5.393   1.00 23.15 ? 58  PHE A C   1 
ATOM   376  O  O   . PHE A 1 64  ? -11.591 2.699   4.362   1.00 22.44 ? 58  PHE A O   1 
ATOM   377  C  CB  . PHE A 1 64  ? -8.948  1.077   5.352   1.00 23.34 ? 58  PHE A CB  1 
ATOM   378  C  CG  . PHE A 1 64  ? -8.125  -0.183  5.407   1.00 23.07 ? 58  PHE A CG  1 
ATOM   379  C  CD1 . PHE A 1 64  ? -8.613  -1.348  5.988   1.00 23.12 ? 58  PHE A CD1 1 
ATOM   380  C  CD2 . PHE A 1 64  ? -6.828  -0.183  4.907   1.00 22.89 ? 58  PHE A CD2 1 
ATOM   381  C  CE1 . PHE A 1 64  ? -7.834  -2.496  6.043   1.00 22.79 ? 58  PHE A CE1 1 
ATOM   382  C  CE2 . PHE A 1 64  ? -6.042  -1.326  4.964   1.00 22.82 ? 58  PHE A CE2 1 
ATOM   383  C  CZ  . PHE A 1 64  ? -6.546  -2.482  5.534   1.00 22.36 ? 58  PHE A CZ  1 
ATOM   384  N  N   . ASP A 1 65  ? -11.133 2.880   6.560   1.00 23.65 ? 59  ASP A N   1 
ATOM   385  C  CA  . ASP A 1 65  ? -11.226 4.335   6.645   1.00 24.05 ? 59  ASP A CA  1 
ATOM   386  C  C   . ASP A 1 65  ? -9.801  4.829   6.890   1.00 24.53 ? 59  ASP A C   1 
ATOM   387  O  O   . ASP A 1 65  ? -9.148  4.404   7.855   1.00 24.92 ? 59  ASP A O   1 
ATOM   388  C  CB  . ASP A 1 65  ? -12.159 4.780   7.778   1.00 24.01 ? 59  ASP A CB  1 
ATOM   389  C  CG  . ASP A 1 65  ? -13.622 4.489   7.485   1.00 24.71 ? 59  ASP A CG  1 
ATOM   390  O  OD1 . ASP A 1 65  ? -13.973 4.217   6.317   1.00 24.57 ? 59  ASP A OD1 1 
ATOM   391  O  OD2 . ASP A 1 65  ? -14.435 4.534   8.431   1.00 25.62 ? 59  ASP A OD2 1 
ATOM   392  N  N   . LEU A 1 66  ? -9.317  5.717   6.022   1.00 24.38 ? 60  LEU A N   1 
ATOM   393  C  CA  . LEU A 1 66  ? -7.901  6.085   6.025   1.00 23.38 ? 60  LEU A CA  1 
ATOM   394  C  C   . LEU A 1 66  ? -7.658  7.556   5.723   1.00 23.40 ? 60  LEU A C   1 
ATOM   395  O  O   . LEU A 1 66  ? -8.135  8.081   4.720   1.00 23.64 ? 60  LEU A O   1 
ATOM   396  C  CB  . LEU A 1 66  ? -7.109  5.200   5.041   1.00 22.64 ? 60  LEU A CB  1 
ATOM   397  C  CG  . LEU A 1 66  ? -5.638  5.545   4.759   1.00 22.40 ? 60  LEU A CG  1 
ATOM   398  C  CD1 . LEU A 1 66  ? -4.719  5.193   5.929   1.00 21.56 ? 60  LEU A CD1 1 
ATOM   399  C  CD2 . LEU A 1 66  ? -5.172  4.877   3.476   1.00 21.98 ? 60  LEU A CD2 1 
ATOM   400  N  N   . THR A 1 67  ? -6.908  8.211   6.604   1.00 23.40 ? 61  THR A N   1 
ATOM   401  C  CA  . THR A 1 67  ? -6.421  9.557   6.343   1.00 24.09 ? 61  THR A CA  1 
ATOM   402  C  C   . THR A 1 67  ? -4.892  9.557   6.321   1.00 24.26 ? 61  THR A C   1 
ATOM   403  O  O   . THR A 1 67  ? -4.238  9.185   7.296   1.00 24.65 ? 61  THR A O   1 
ATOM   404  C  CB  . THR A 1 67  ? -6.962  10.583  7.358   1.00 23.92 ? 61  THR A CB  1 
ATOM   405  O  OG1 . THR A 1 67  ? -8.388  10.567  7.316   1.00 23.59 ? 61  THR A OG1 1 
ATOM   406  C  CG2 . THR A 1 67  ? -6.501  11.990  7.000   1.00 25.07 ? 61  THR A CG2 1 
ATOM   407  N  N   . VAL A 1 68  ? -4.336  9.949   5.184   1.00 24.77 ? 62  VAL A N   1 
ATOM   408  C  CA  . VAL A 1 68  ? -2.897  10.113  5.039   1.00 24.79 ? 62  VAL A CA  1 
ATOM   409  C  C   . VAL A 1 68  ? -2.626  11.575  4.720   1.00 25.05 ? 62  VAL A C   1 
ATOM   410  O  O   . VAL A 1 68  ? -3.159  12.114  3.750   1.00 25.44 ? 62  VAL A O   1 
ATOM   411  C  CB  . VAL A 1 68  ? -2.326  9.203   3.924   1.00 24.74 ? 62  VAL A CB  1 
ATOM   412  C  CG1 . VAL A 1 68  ? -0.826  9.421   3.756   1.00 24.17 ? 62  VAL A CG1 1 
ATOM   413  C  CG2 . VAL A 1 68  ? -2.630  7.739   4.219   1.00 24.13 ? 62  VAL A CG2 1 
ATOM   414  N  N   . ARG A 1 69  ? -1.816  12.211  5.560   1.00 26.28 ? 63  ARG A N   1 
ATOM   415  C  CA  . ARG A 1 69  ? -1.393  13.589  5.362   1.00 27.63 ? 63  ARG A CA  1 
ATOM   416  C  C   . ARG A 1 69  ? 0.132   13.613  5.475   1.00 27.34 ? 63  ARG A C   1 
ATOM   417  O  O   . ARG A 1 69  ? 0.689   13.250  6.511   1.00 27.59 ? 63  ARG A O   1 
ATOM   418  C  CB  . ARG A 1 69  ? -2.034  14.495  6.418   1.00 30.61 ? 63  ARG A CB  1 
ATOM   419  C  CG  . ARG A 1 69  ? -1.888  15.989  6.164   1.00 34.21 ? 63  ARG A CG  1 
ATOM   420  C  CD  . ARG A 1 69  ? -1.809  16.759  7.475   1.00 38.27 ? 63  ARG A CD  1 
ATOM   421  N  NE  . ARG A 1 69  ? -2.139  18.177  7.319   1.00 42.12 ? 63  ARG A NE  1 
ATOM   422  C  CZ  . ARG A 1 69  ? -2.059  19.091  8.288   1.00 45.40 ? 63  ARG A CZ  1 
ATOM   423  N  NH1 . ARG A 1 69  ? -1.641  18.755  9.508   1.00 48.78 ? 63  ARG A NH1 1 
ATOM   424  N  NH2 . ARG A 1 69  ? -2.389  20.353  8.038   1.00 44.50 ? 63  ARG A NH2 1 
ATOM   425  N  N   . ALA A 1 70  ? 0.809   14.024  4.404   1.00 26.30 ? 64  ALA A N   1 
ATOM   426  C  CA  . ALA A 1 70  ? 2.266   13.950  4.352   1.00 25.22 ? 64  ALA A CA  1 
ATOM   427  C  C   . ALA A 1 70  ? 2.879   15.105  3.585   1.00 25.01 ? 64  ALA A C   1 
ATOM   428  O  O   . ALA A 1 70  ? 2.371   15.504  2.536   1.00 25.02 ? 64  ALA A O   1 
ATOM   429  C  CB  . ALA A 1 70  ? 2.716   12.625  3.754   1.00 24.23 ? 64  ALA A CB  1 
ATOM   430  N  N   . THR A 1 71  ? 3.965   15.646  4.130   1.00 24.98 ? 65  THR A N   1 
ATOM   431  C  CA  . THR A 1 71  ? 4.788   16.643  3.442   1.00 25.79 ? 65  THR A CA  1 
ATOM   432  C  C   . THR A 1 71  ? 6.244   16.213  3.559   1.00 25.27 ? 65  THR A C   1 
ATOM   433  O  O   . THR A 1 71  ? 6.652   15.698  4.595   1.00 25.69 ? 65  THR A O   1 
ATOM   434  C  CB  . THR A 1 71  ? 4.622   18.061  4.029   1.00 26.39 ? 65  THR A CB  1 
ATOM   435  O  OG1 . THR A 1 71  ? 4.755   18.007  5.455   1.00 28.44 ? 65  THR A OG1 1 
ATOM   436  C  CG2 . THR A 1 71  ? 3.264   18.644  3.680   1.00 26.26 ? 65  THR A CG2 1 
ATOM   437  N  N   . GLY A 1 72  ? 7.020   16.402  2.497   1.00 25.31 ? 66  GLY A N   1 
ATOM   438  C  CA  . GLY A 1 72  ? 8.416   15.965  2.496   1.00 24.90 ? 66  GLY A CA  1 
ATOM   439  C  C   . GLY A 1 72  ? 9.311   16.689  1.518   1.00 24.95 ? 66  GLY A C   1 
ATOM   440  O  O   . GLY A 1 72  ? 8.881   17.632  0.852   1.00 24.97 ? 66  GLY A O   1 
ATOM   441  N  N   . ASP A 1 73  ? 10.558  16.233  1.421   1.00 25.37 ? 67  ASP A N   1 
ATOM   442  C  CA  . ASP A 1 73  ? 11.569  16.884  0.580   1.00 25.56 ? 67  ASP A CA  1 
ATOM   443  C  C   . ASP A 1 73  ? 11.352  16.579  -0.902  1.00 25.47 ? 67  ASP A C   1 
ATOM   444  O  O   . ASP A 1 73  ? 12.222  16.036  -1.594  1.00 25.74 ? 67  ASP A O   1 
ATOM   445  C  CB  . ASP A 1 73  ? 12.994  16.525  1.046   1.00 25.95 ? 67  ASP A CB  1 
ATOM   446  C  CG  . ASP A 1 73  ? 13.247  15.011  1.128   1.00 26.06 ? 67  ASP A CG  1 
ATOM   447  O  OD1 . ASP A 1 73  ? 12.462  14.211  0.574   1.00 25.62 ? 67  ASP A OD1 1 
ATOM   448  O  OD2 . ASP A 1 73  ? 14.257  14.624  1.752   1.00 26.46 ? 67  ASP A OD2 1 
ATOM   449  N  N   . VAL A 1 74  ? 10.179  16.966  -1.384  1.00 25.02 ? 68  VAL A N   1 
ATOM   450  C  CA  . VAL A 1 74  ? 9.704   16.605  -2.715  1.00 24.42 ? 68  VAL A CA  1 
ATOM   451  C  C   . VAL A 1 74  ? 10.488  17.327  -3.834  1.00 25.03 ? 68  VAL A C   1 
ATOM   452  O  O   . VAL A 1 74  ? 10.376  16.987  -5.015  1.00 25.25 ? 68  VAL A O   1 
ATOM   453  C  CB  . VAL A 1 74  ? 8.167   16.808  -2.769  1.00 24.45 ? 68  VAL A CB  1 
ATOM   454  C  CG1 . VAL A 1 74  ? 7.777   18.166  -3.342  1.00 23.78 ? 68  VAL A CG1 1 
ATOM   455  C  CG2 . VAL A 1 74  ? 7.488   15.652  -3.477  1.00 24.14 ? 68  VAL A CG2 1 
ATOM   456  N  N   . GLU A 1 75  ? 11.299  18.314  -3.444  1.00 25.39 ? 69  GLU A N   1 
ATOM   457  C  CA  . GLU A 1 75  ? 12.221  18.992  -4.359  1.00 25.40 ? 69  GLU A CA  1 
ATOM   458  C  C   . GLU A 1 75  ? 13.358  18.061  -4.802  1.00 24.36 ? 69  GLU A C   1 
ATOM   459  O  O   . GLU A 1 75  ? 13.909  18.213  -5.892  1.00 23.61 ? 69  GLU A O   1 
ATOM   460  C  CB  . GLU A 1 75  ? 12.762  20.303  -3.744  1.00 26.61 ? 69  GLU A CB  1 
ATOM   461  C  CG  . GLU A 1 75  ? 13.709  20.157  -2.548  1.00 28.60 ? 69  GLU A CG  1 
ATOM   462  C  CD  . GLU A 1 75  ? 13.012  19.889  -1.213  1.00 30.09 ? 69  GLU A CD  1 
ATOM   463  O  OE1 . GLU A 1 75  ? 11.759  19.804  -1.162  1.00 31.26 ? 69  GLU A OE1 1 
ATOM   464  O  OE2 . GLU A 1 75  ? 13.728  19.757  -0.194  1.00 31.41 ? 69  GLU A OE2 1 
ATOM   465  N  N   . ILE A 1 76  ? 13.696  17.098  -3.950  1.00 23.43 ? 70  ILE A N   1 
ATOM   466  C  CA  . ILE A 1 76  ? 14.676  16.071  -4.288  1.00 23.07 ? 70  ILE A CA  1 
ATOM   467  C  C   . ILE A 1 76  ? 14.038  15.083  -5.266  1.00 22.66 ? 70  ILE A C   1 
ATOM   468  O  O   . ILE A 1 76  ? 14.570  14.827  -6.349  1.00 22.54 ? 70  ILE A O   1 
ATOM   469  C  CB  . ILE A 1 76  ? 15.197  15.360  -3.015  1.00 22.77 ? 70  ILE A CB  1 
ATOM   470  C  CG1 . ILE A 1 76  ? 16.050  16.326  -2.186  1.00 22.40 ? 70  ILE A CG1 1 
ATOM   471  C  CG2 . ILE A 1 76  ? 15.989  14.107  -3.360  1.00 22.42 ? 70  ILE A CG2 1 
ATOM   472  C  CD1 . ILE A 1 76  ? 16.167  15.947  -0.723  1.00 21.59 ? 70  ILE A CD1 1 
ATOM   473  N  N   . GLU A 1 77  ? 12.888  14.553  -4.854  1.00 22.50 ? 71  GLU A N   1 
ATOM   474  C  CA  . GLU A 1 77  ? 12.021  13.652  -5.625  1.00 21.82 ? 71  GLU A CA  1 
ATOM   475  C  C   . GLU A 1 77  ? 11.075  13.012  -4.612  1.00 21.13 ? 71  GLU A C   1 
ATOM   476  O  O   . GLU A 1 77  ? 11.155  13.306  -3.419  1.00 20.59 ? 71  GLU A O   1 
ATOM   477  C  CB  . GLU A 1 77  ? 12.807  12.576  -6.396  1.00 22.49 ? 71  GLU A CB  1 
ATOM   478  C  CG  . GLU A 1 77  ? 13.625  11.629  -5.528  1.00 22.36 ? 71  GLU A CG  1 
ATOM   479  C  CD  . GLU A 1 77  ? 13.468  10.177  -5.942  1.00 23.09 ? 71  GLU A CD  1 
ATOM   480  O  OE1 . GLU A 1 77  ? 12.336  9.780   -6.314  1.00 23.39 ? 71  GLU A OE1 1 
ATOM   481  O  OE2 . GLU A 1 77  ? 14.465  9.423   -5.874  1.00 22.73 ? 71  GLU A OE2 1 
ATOM   482  N  N   . ALA A 1 78  ? 10.201  12.124  -5.074  1.00 20.68 ? 72  ALA A N   1 
ATOM   483  C  CA  . ALA A 1 78  ? 9.158   11.578  -4.210  1.00 20.44 ? 72  ALA A CA  1 
ATOM   484  C  C   . ALA A 1 78  ? 9.623   10.461  -3.262  1.00 20.50 ? 72  ALA A C   1 
ATOM   485  O  O   . ALA A 1 78  ? 8.928   10.145  -2.293  1.00 21.00 ? 72  ALA A O   1 
ATOM   486  C  CB  . ALA A 1 78  ? 7.984   11.115  -5.052  1.00 20.05 ? 72  ALA A CB  1 
ATOM   487  N  N   . HIS A 1 79  ? 10.791  9.881   -3.539  1.00 20.28 ? 73  HIS A N   1 
ATOM   488  C  CA  . HIS A 1 79  ? 11.283  8.683   -2.842  1.00 20.16 ? 73  HIS A CA  1 
ATOM   489  C  C   . HIS A 1 79  ? 11.091  8.718   -1.322  1.00 20.43 ? 73  HIS A C   1 
ATOM   490  O  O   . HIS A 1 79  ? 10.375  7.875   -0.782  1.00 20.75 ? 73  HIS A O   1 
ATOM   491  C  CB  . HIS A 1 79  ? 12.759  8.428   -3.175  1.00 19.80 ? 73  HIS A CB  1 
ATOM   492  C  CG  . HIS A 1 79  ? 13.273  7.106   -2.699  1.00 19.17 ? 73  HIS A CG  1 
ATOM   493  N  ND1 . HIS A 1 79  ? 13.744  6.139   -3.560  1.00 19.11 ? 73  HIS A ND1 1 
ATOM   494  C  CD2 . HIS A 1 79  ? 13.389  6.587   -1.453  1.00 18.95 ? 73  HIS A CD2 1 
ATOM   495  C  CE1 . HIS A 1 79  ? 14.129  5.083   -2.868  1.00 18.76 ? 73  HIS A CE1 1 
ATOM   496  N  NE2 . HIS A 1 79  ? 13.926  5.331   -1.587  1.00 19.14 ? 73  HIS A NE2 1 
ATOM   497  N  N   . HIS A 1 80  ? 11.729  9.681   -0.649  1.00 20.26 ? 74  HIS A N   1 
ATOM   498  C  CA  . HIS A 1 80  ? 11.678  9.785   0.824   1.00 20.41 ? 74  HIS A CA  1 
ATOM   499  C  C   . HIS A 1 80  ? 10.260  9.893   1.377   1.00 20.11 ? 74  HIS A C   1 
ATOM   500  O  O   . HIS A 1 80  ? 9.915   9.217   2.353   1.00 19.51 ? 74  HIS A O   1 
ATOM   501  C  CB  . HIS A 1 80  ? 12.498  10.974  1.329   1.00 20.78 ? 74  HIS A CB  1 
ATOM   502  C  CG  . HIS A 1 80  ? 13.957  10.888  1.011   1.00 21.71 ? 74  HIS A CG  1 
ATOM   503  N  ND1 . HIS A 1 80  ? 14.749  12.007  0.854   1.00 22.57 ? 74  HIS A ND1 1 
ATOM   504  C  CD2 . HIS A 1 80  ? 14.769  9.823   0.809   1.00 22.04 ? 74  HIS A CD2 1 
ATOM   505  C  CE1 . HIS A 1 80  ? 15.986  11.635  0.575   1.00 22.35 ? 74  HIS A CE1 1 
ATOM   506  N  NE2 . HIS A 1 80  ? 16.025  10.316  0.543   1.00 22.77 ? 74  HIS A NE2 1 
ATOM   507  N  N   . THR A 1 81  ? 9.451   10.751  0.757   1.00 19.99 ? 75  THR A N   1 
ATOM   508  C  CA  . THR A 1 81  ? 8.055   10.925  1.169   1.00 20.07 ? 75  THR A CA  1 
ATOM   509  C  C   . THR A 1 81  ? 7.252   9.638   0.952   1.00 20.18 ? 75  THR A C   1 
ATOM   510  O  O   . THR A 1 81  ? 6.507   9.209   1.837   1.00 19.70 ? 75  THR A O   1 
ATOM   511  C  CB  . THR A 1 81  ? 7.389   12.095  0.428   1.00 19.96 ? 75  THR A CB  1 
ATOM   512  O  OG1 . THR A 1 81  ? 8.110   13.296  0.708   1.00 19.95 ? 75  THR A OG1 1 
ATOM   513  C  CG2 . THR A 1 81  ? 5.943   12.264  0.880   1.00 20.56 ? 75  THR A CG2 1 
ATOM   514  N  N   . ILE A 1 82  ? 7.421   9.028   -0.221  1.00 20.22 ? 76  ILE A N   1 
ATOM   515  C  CA  . ILE A 1 82  ? 6.741   7.776   -0.554  1.00 20.23 ? 76  ILE A CA  1 
ATOM   516  C  C   . ILE A 1 82  ? 7.110   6.693   0.455   1.00 20.48 ? 76  ILE A C   1 
ATOM   517  O  O   . ILE A 1 82  ? 6.238   5.975   0.941   1.00 20.51 ? 76  ILE A O   1 
ATOM   518  C  CB  . ILE A 1 82  ? 7.073   7.299   -1.986  1.00 20.03 ? 76  ILE A CB  1 
ATOM   519  C  CG1 . ILE A 1 82  ? 6.410   8.202   -3.027  1.00 19.83 ? 76  ILE A CG1 1 
ATOM   520  C  CG2 . ILE A 1 82  ? 6.612   5.864   -2.196  1.00 20.32 ? 76  ILE A CG2 1 
ATOM   521  C  CD1 . ILE A 1 82  ? 6.746   7.841   -4.461  1.00 19.63 ? 76  ILE A CD1 1 
ATOM   522  N  N   . GLU A 1 83  ? 8.401   6.612   0.776   1.00 21.16 ? 77  GLU A N   1 
ATOM   523  C  CA  . GLU A 1 83  ? 8.943   5.602   1.685   1.00 21.50 ? 77  GLU A CA  1 
ATOM   524  C  C   . GLU A 1 83  ? 8.515   5.799   3.150   1.00 21.27 ? 77  GLU A C   1 
ATOM   525  O  O   . GLU A 1 83  ? 8.094   4.848   3.811   1.00 21.14 ? 77  GLU A O   1 
ATOM   526  C  CB  . GLU A 1 83  ? 10.472  5.553   1.567   1.00 21.90 ? 77  GLU A CB  1 
ATOM   527  C  CG  . GLU A 1 83  ? 11.113  4.496   2.451   1.00 22.67 ? 77  GLU A CG  1 
ATOM   528  C  CD  . GLU A 1 83  ? 12.624  4.461   2.360   1.00 23.38 ? 77  GLU A CD  1 
ATOM   529  O  OE1 . GLU A 1 83  ? 13.222  5.145   1.495   1.00 23.68 ? 77  GLU A OE1 1 
ATOM   530  O  OE2 . GLU A 1 83  ? 13.220  3.723   3.167   1.00 24.38 ? 77  GLU A OE2 1 
ATOM   531  N  N   . ASP A 1 84  ? 8.625   7.026   3.655   1.00 21.38 ? 78  ASP A N   1 
ATOM   532  C  CA  . ASP A 1 84  ? 8.199   7.328   5.024   1.00 21.30 ? 78  ASP A CA  1 
ATOM   533  C  C   . ASP A 1 84  ? 6.714   7.066   5.219   1.00 20.94 ? 78  ASP A C   1 
ATOM   534  O  O   . ASP A 1 84  ? 6.300   6.561   6.259   1.00 21.21 ? 78  ASP A O   1 
ATOM   535  C  CB  . ASP A 1 84  ? 8.538   8.770   5.411   1.00 21.94 ? 78  ASP A CB  1 
ATOM   536  C  CG  . ASP A 1 84  ? 10.008  8.954   5.762   1.00 23.25 ? 78  ASP A CG  1 
ATOM   537  O  OD1 . ASP A 1 84  ? 10.583  8.073   6.450   1.00 23.90 ? 78  ASP A OD1 1 
ATOM   538  O  OD2 . ASP A 1 84  ? 10.588  9.987   5.358   1.00 23.53 ? 78  ASP A OD2 1 
ATOM   539  N  N   . THR A 1 85  ? 5.919   7.408   4.213   1.00 20.27 ? 79  THR A N   1 
ATOM   540  C  CA  . THR A 1 85  ? 4.480   7.189   4.247   1.00 19.33 ? 79  THR A CA  1 
ATOM   541  C  C   . THR A 1 85  ? 4.155   5.699   4.318   1.00 19.18 ? 79  THR A C   1 
ATOM   542  O  O   . THR A 1 85  ? 3.325   5.282   5.123   1.00 19.20 ? 79  THR A O   1 
ATOM   543  C  CB  . THR A 1 85  ? 3.805   7.823   3.017   1.00 19.03 ? 79  THR A CB  1 
ATOM   544  O  OG1 . THR A 1 85  ? 4.031   9.236   3.036   1.00 18.23 ? 79  THR A OG1 1 
ATOM   545  C  CG2 . THR A 1 85  ? 2.308   7.539   3.001   1.00 18.72 ? 79  THR A CG2 1 
ATOM   546  N  N   . ALA A 1 86  ? 4.818   4.904   3.482   1.00 19.00 ? 80  ALA A N   1 
ATOM   547  C  CA  . ALA A 1 86  ? 4.609   3.457   3.465   1.00 18.45 ? 80  ALA A CA  1 
ATOM   548  C  C   . ALA A 1 86  ? 5.040   2.795   4.780   1.00 18.52 ? 80  ALA A C   1 
ATOM   549  O  O   . ALA A 1 86  ? 4.356   1.894   5.261   1.00 18.73 ? 80  ALA A O   1 
ATOM   550  C  CB  . ALA A 1 86  ? 5.316   2.825   2.276   1.00 18.33 ? 80  ALA A CB  1 
ATOM   551  N  N   . ILE A 1 87  ? 6.160   3.250   5.354   1.00 18.51 ? 81  ILE A N   1 
ATOM   552  C  CA  . ILE A 1 87  ? 6.613   2.794   6.678   1.00 18.34 ? 81  ILE A CA  1 
ATOM   553  C  C   . ILE A 1 87  ? 5.561   3.134   7.731   1.00 18.38 ? 81  ILE A C   1 
ATOM   554  O  O   . ILE A 1 87  ? 5.130   2.264   8.499   1.00 18.32 ? 81  ILE A O   1 
ATOM   555  C  CB  . ILE A 1 87  ? 7.966   3.439   7.094   1.00 18.23 ? 81  ILE A CB  1 
ATOM   556  C  CG1 . ILE A 1 87  ? 9.120   2.920   6.227   1.00 17.81 ? 81  ILE A CG1 1 
ATOM   557  C  CG2 . ILE A 1 87  ? 8.252   3.213   8.577   1.00 17.31 ? 81  ILE A CG2 1 
ATOM   558  C  CD1 . ILE A 1 87  ? 10.376  3.770   6.322   1.00 17.57 ? 81  ILE A CD1 1 
ATOM   559  N  N   . ALA A 1 88  ? 5.149   4.402   7.748   1.00 18.58 ? 82  ALA A N   1 
ATOM   560  C  CA  . ALA A 1 88  ? 4.135   4.887   8.687   1.00 18.89 ? 82  ALA A CA  1 
ATOM   561  C  C   . ALA A 1 88  ? 2.821   4.112   8.541   1.00 19.17 ? 82  ALA A C   1 
ATOM   562  O  O   . ALA A 1 88  ? 2.221   3.703   9.539   1.00 19.63 ? 82  ALA A O   1 
ATOM   563  C  CB  . ALA A 1 88  ? 3.908   6.384   8.508   1.00 18.34 ? 82  ALA A CB  1 
ATOM   564  N  N   . LEU A 1 89  ? 2.395   3.898   7.299   1.00 19.22 ? 83  LEU A N   1 
ATOM   565  C  CA  . LEU A 1 89  ? 1.181   3.128   7.009   1.00 19.79 ? 83  LEU A CA  1 
ATOM   566  C  C   . LEU A 1 89  ? 1.295   1.671   7.475   1.00 20.11 ? 83  LEU A C   1 
ATOM   567  O  O   . LEU A 1 89  ? 0.354   1.131   8.052   1.00 20.27 ? 83  LEU A O   1 
ATOM   568  C  CB  . LEU A 1 89  ? 0.835   3.212   5.512   1.00 19.56 ? 83  LEU A CB  1 
ATOM   569  C  CG  . LEU A 1 89  ? -0.372  2.456   4.942   1.00 19.28 ? 83  LEU A CG  1 
ATOM   570  C  CD1 . LEU A 1 89  ? -1.648  2.835   5.668   1.00 19.18 ? 83  LEU A CD1 1 
ATOM   571  C  CD2 . LEU A 1 89  ? -0.501  2.722   3.446   1.00 19.17 ? 83  LEU A CD2 1 
ATOM   572  N  N   . GLY A 1 90  ? 2.447   1.047   7.233   1.00 20.80 ? 84  GLY A N   1 
ATOM   573  C  CA  . GLY A 1 90  ? 2.709   -0.306  7.731   1.00 21.54 ? 84  GLY A CA  1 
ATOM   574  C  C   . GLY A 1 90  ? 2.607   -0.375  9.247   1.00 22.43 ? 84  GLY A C   1 
ATOM   575  O  O   . GLY A 1 90  ? 1.933   -1.254  9.799   1.00 22.12 ? 84  GLY A O   1 
ATOM   576  N  N   . THR A 1 91  ? 3.270   0.569   9.919   1.00 23.20 ? 85  THR A N   1 
ATOM   577  C  CA  . THR A 1 91  ? 3.231   0.675   11.379  1.00 23.26 ? 85  THR A CA  1 
ATOM   578  C  C   . THR A 1 91  ? 1.789   0.812   11.881  1.00 23.51 ? 85  THR A C   1 
ATOM   579  O  O   . THR A 1 91  ? 1.408   0.174   12.869  1.00 23.41 ? 85  THR A O   1 
ATOM   580  C  CB  . THR A 1 91  ? 4.097   1.852   11.877  1.00 23.90 ? 85  THR A CB  1 
ATOM   581  O  OG1 . THR A 1 91  ? 5.400   1.769   11.281  1.00 24.23 ? 85  THR A OG1 1 
ATOM   582  C  CG2 . THR A 1 91  ? 4.242   1.830   13.405  1.00 24.22 ? 85  THR A CG2 1 
ATOM   583  N  N   . ALA A 1 92  ? 0.995   1.631   11.186  1.00 23.43 ? 86  ALA A N   1 
ATOM   584  C  CA  . ALA A 1 92  ? -0.426  1.794   11.496  1.00 23.19 ? 86  ALA A CA  1 
ATOM   585  C  C   . ALA A 1 92  ? -1.183  0.486   11.331  1.00 23.60 ? 86  ALA A C   1 
ATOM   586  O  O   . ALA A 1 92  ? -1.977  0.124   12.188  1.00 24.21 ? 86  ALA A O   1 
ATOM   587  C  CB  . ALA A 1 92  ? -1.051  2.874   10.624  1.00 22.56 ? 86  ALA A CB  1 
ATOM   588  N  N   . LEU A 1 93  ? -0.935  -0.219  10.227  1.00 24.20 ? 87  LEU A N   1 
ATOM   589  C  CA  . LEU A 1 93  ? -1.593  -1.501  9.968   1.00 24.35 ? 87  LEU A CA  1 
ATOM   590  C  C   . LEU A 1 93  ? -1.298  -2.505  11.075  1.00 24.30 ? 87  LEU A C   1 
ATOM   591  O  O   . LEU A 1 93  ? -2.209  -3.162  11.569  1.00 25.02 ? 87  LEU A O   1 
ATOM   592  C  CB  . LEU A 1 93  ? -1.195  -2.061  8.594   1.00 23.70 ? 87  LEU A CB  1 
ATOM   593  C  CG  . LEU A 1 93  ? -1.768  -3.417  8.156   1.00 23.69 ? 87  LEU A CG  1 
ATOM   594  C  CD1 . LEU A 1 93  ? -3.289  -3.469  8.216   1.00 23.21 ? 87  LEU A CD1 1 
ATOM   595  C  CD2 . LEU A 1 93  ? -1.278  -3.754  6.756   1.00 23.34 ? 87  LEU A CD2 1 
ATOM   596  N  N   . GLY A 1 94  ? -0.033  -2.598  11.470  1.00 24.63 ? 88  GLY A N   1 
ATOM   597  C  CA  . GLY A 1 94  ? 0.388   -3.508  12.535  1.00 26.47 ? 88  GLY A CA  1 
ATOM   598  C  C   . GLY A 1 94  ? -0.259  -3.228  13.881  1.00 28.02 ? 88  GLY A C   1 
ATOM   599  O  O   . GLY A 1 94  ? -0.719  -4.150  14.555  1.00 28.49 ? 88  GLY A O   1 
ATOM   600  N  N   . GLN A 1 95  ? -0.295  -1.954  14.265  1.00 28.69 ? 89  GLN A N   1 
ATOM   601  C  CA  . GLN A 1 95  ? -0.861  -1.535  15.542  1.00 29.25 ? 89  GLN A CA  1 
ATOM   602  C  C   . GLN A 1 95  ? -2.378  -1.741  15.562  1.00 28.96 ? 89  GLN A C   1 
ATOM   603  O  O   . GLN A 1 95  ? -2.931  -2.230  16.552  1.00 27.87 ? 89  GLN A O   1 
ATOM   604  C  CB  . GLN A 1 95  ? -0.518  -0.069  15.813  1.00 30.78 ? 89  GLN A CB  1 
ATOM   605  C  CG  . GLN A 1 95  ? -0.361  0.290   17.283  1.00 33.43 ? 89  GLN A CG  1 
ATOM   606  C  CD  . GLN A 1 95  ? -0.452  1.791   17.520  1.00 35.15 ? 89  GLN A CD  1 
ATOM   607  O  OE1 . GLN A 1 95  ? 0.564   2.499   17.547  1.00 34.31 ? 89  GLN A OE1 1 
ATOM   608  N  NE2 . GLN A 1 95  ? -1.679  2.290   17.667  1.00 34.90 ? 89  GLN A NE2 1 
ATOM   609  N  N   . ALA A 1 96  ? -3.036  -1.377  14.462  1.00 28.53 ? 90  ALA A N   1 
ATOM   610  C  CA  . ALA A 1 96  ? -4.485  -1.540  14.320  1.00 29.71 ? 90  ALA A CA  1 
ATOM   611  C  C   . ALA A 1 96  ? -4.930  -3.006  14.408  1.00 30.57 ? 90  ALA A C   1 
ATOM   612  O  O   . ALA A 1 96  ? -6.006  -3.304  14.928  1.00 31.64 ? 90  ALA A O   1 
ATOM   613  C  CB  . ALA A 1 96  ? -4.958  -0.923  13.016  1.00 28.94 ? 90  ALA A CB  1 
ATOM   614  N  N   . LEU A 1 97  ? -4.091  -3.903  13.893  1.00 31.54 ? 91  LEU A N   1 
ATOM   615  C  CA  . LEU A 1 97  ? -4.335  -5.346  13.916  1.00 31.43 ? 91  LEU A CA  1 
ATOM   616  C  C   . LEU A 1 97  ? -4.286  -5.940  15.326  1.00 33.31 ? 91  LEU A C   1 
ATOM   617  O  O   . LEU A 1 97  ? -4.894  -6.984  15.580  1.00 32.74 ? 91  LEU A O   1 
ATOM   618  C  CB  . LEU A 1 97  ? -3.315  -6.054  13.016  1.00 30.38 ? 91  LEU A CB  1 
ATOM   619  C  CG  . LEU A 1 97  ? -3.672  -6.764  11.695  1.00 29.04 ? 91  LEU A CG  1 
ATOM   620  C  CD1 . LEU A 1 97  ? -5.099  -6.553  11.217  1.00 27.75 ? 91  LEU A CD1 1 
ATOM   621  C  CD2 . LEU A 1 97  ? -2.660  -6.401  10.617  1.00 27.99 ? 91  LEU A CD2 1 
ATOM   622  N  N   . GLY A 1 98  ? -3.561  -5.277  16.231  1.00 34.68 ? 92  GLY A N   1 
ATOM   623  C  CA  . GLY A 1 98  ? -3.417  -5.740  17.610  1.00 35.99 ? 92  GLY A CA  1 
ATOM   624  C  C   . GLY A 1 98  ? -2.859  -7.151  17.677  1.00 37.85 ? 92  GLY A C   1 
ATOM   625  O  O   . GLY A 1 98  ? -1.908  -7.479  16.961  1.00 36.85 ? 92  GLY A O   1 
ATOM   626  N  N   . ASP A 1 99  ? -3.465  -7.989  18.520  1.00 40.20 ? 93  ASP A N   1 
ATOM   627  C  CA  . ASP A 1 99  ? -3.016  -9.373  18.707  1.00 42.49 ? 93  ASP A CA  1 
ATOM   628  C  C   . ASP A 1 99  ? -3.439  -10.308 17.564  1.00 43.98 ? 93  ASP A C   1 
ATOM   629  O  O   . ASP A 1 99  ? -3.022  -11.469 17.527  1.00 45.75 ? 93  ASP A O   1 
ATOM   630  C  CB  . ASP A 1 99  ? -3.482  -9.923  20.063  1.00 44.00 ? 93  ASP A CB  1 
ATOM   631  C  CG  . ASP A 1 99  ? -5.002  -9.923  20.219  1.00 45.77 ? 93  ASP A CG  1 
ATOM   632  O  OD1 . ASP A 1 99  ? -5.725  -9.769  19.210  1.00 46.02 ? 93  ASP A OD1 1 
ATOM   633  O  OD2 . ASP A 1 99  ? -5.482  -10.083 21.365  1.00 46.70 ? 93  ASP A OD2 1 
ATOM   634  N  N   . LYS A 1 100 ? -4.272  -9.793  16.653  1.00 42.70 ? 94  LYS A N   1 
ATOM   635  C  CA  . LYS A 1 100 ? -4.729  -10.506 15.442  1.00 42.66 ? 94  LYS A CA  1 
ATOM   636  C  C   . LYS A 1 100 ? -5.581  -11.742 15.751  1.00 43.46 ? 94  LYS A C   1 
ATOM   637  O  O   . LYS A 1 100 ? -5.437  -12.786 15.109  1.00 43.64 ? 94  LYS A O   1 
ATOM   638  C  CB  . LYS A 1 100 ? -3.546  -10.872 14.534  1.00 41.70 ? 94  LYS A CB  1 
ATOM   639  C  CG  . LYS A 1 100 ? -2.762  -9.672  14.024  1.00 41.60 ? 94  LYS A CG  1 
ATOM   640  C  CD  . LYS A 1 100 ? -1.494  -10.080 13.293  1.00 40.75 ? 94  LYS A CD  1 
ATOM   641  C  CE  . LYS A 1 100 ? -0.412  -10.543 14.252  1.00 40.91 ? 94  LYS A CE  1 
ATOM   642  N  NZ  . LYS A 1 100 ? 0.929   -10.455 13.619  1.00 42.21 ? 94  LYS A NZ  1 
ATOM   643  N  N   . ARG A 1 101 ? -6.480  -11.600 16.721  1.00 43.69 ? 95  ARG A N   1 
ATOM   644  C  CA  . ARG A 1 101 ? -7.245  -12.722 17.253  1.00 43.84 ? 95  ARG A CA  1 
ATOM   645  C  C   . ARG A 1 101 ? -8.529  -12.938 16.463  1.00 40.67 ? 95  ARG A C   1 
ATOM   646  O  O   . ARG A 1 101 ? -9.276  -11.990 16.222  1.00 39.66 ? 95  ARG A O   1 
ATOM   647  C  CB  . ARG A 1 101 ? -7.589  -12.470 18.726  1.00 47.58 ? 95  ARG A CB  1 
ATOM   648  C  CG  . ARG A 1 101 ? -7.189  -13.596 19.666  1.00 52.73 ? 95  ARG A CG  1 
ATOM   649  C  CD  . ARG A 1 101 ? -5.713  -13.496 20.033  1.00 56.15 ? 95  ARG A CD  1 
ATOM   650  N  NE  . ARG A 1 101 ? -5.244  -14.653 20.794  1.00 61.51 ? 95  ARG A NE  1 
ATOM   651  C  CZ  . ARG A 1 101 ? -5.382  -14.808 22.111  1.00 62.68 ? 95  ARG A CZ  1 
ATOM   652  N  NH1 . ARG A 1 101 ? -5.987  -13.878 22.845  1.00 62.88 ? 95  ARG A NH1 1 
ATOM   653  N  NH2 . ARG A 1 101 ? -4.911  -15.905 22.696  1.00 60.83 ? 95  ARG A NH2 1 
ATOM   654  N  N   . GLY A 1 102 ? -8.776  -14.188 16.070  1.00 37.59 ? 96  GLY A N   1 
ATOM   655  C  CA  . GLY A 1 102 ? -10.015 -14.568 15.385  1.00 35.08 ? 96  GLY A CA  1 
ATOM   656  C  C   . GLY A 1 102 ? -10.246 -13.927 14.024  1.00 33.58 ? 96  GLY A C   1 
ATOM   657  O  O   . GLY A 1 102 ? -11.389 -13.681 13.636  1.00 34.39 ? 96  GLY A O   1 
ATOM   658  N  N   . ILE A 1 103 ? -9.166  -13.657 13.297  1.00 31.33 ? 97  ILE A N   1 
ATOM   659  C  CA  . ILE A 1 103 ? -9.263  -13.087 11.951  1.00 30.38 ? 97  ILE A CA  1 
ATOM   660  C  C   . ILE A 1 103 ? -8.939  -14.137 10.889  1.00 30.09 ? 97  ILE A C   1 
ATOM   661  O  O   . ILE A 1 103 ? -8.281  -15.133 11.184  1.00 30.10 ? 97  ILE A O   1 
ATOM   662  C  CB  . ILE A 1 103 ? -8.336  -11.869 11.774  1.00 29.71 ? 97  ILE A CB  1 
ATOM   663  C  CG1 . ILE A 1 103 ? -6.889  -12.242 12.113  1.00 29.90 ? 97  ILE A CG1 1 
ATOM   664  C  CG2 . ILE A 1 103 ? -8.826  -10.704 12.623  1.00 29.13 ? 97  ILE A CG2 1 
ATOM   665  C  CD1 . ILE A 1 103 ? -5.852  -11.320 11.512  1.00 30.27 ? 97  ILE A CD1 1 
ATOM   666  N  N   . ARG A 1 104 ? -9.392  -13.906 9.658   1.00 30.10 ? 98  ARG A N   1 
ATOM   667  C  CA  . ARG A 1 104 ? -9.148  -14.836 8.557   1.00 30.40 ? 98  ARG A CA  1 
ATOM   668  C  C   . ARG A 1 104 ? -7.650  -15.103 8.363   1.00 29.21 ? 98  ARG A C   1 
ATOM   669  O  O   . ARG A 1 104 ? -7.267  -16.212 7.980   1.00 28.72 ? 98  ARG A O   1 
ATOM   670  C  CB  . ARG A 1 104 ? -9.830  -14.352 7.263   1.00 32.62 ? 98  ARG A CB  1 
ATOM   671  C  CG  . ARG A 1 104 ? -9.912  -15.364 6.113   1.00 35.83 ? 98  ARG A CG  1 
ATOM   672  C  CD  . ARG A 1 104 ? -10.434 -16.751 6.529   1.00 38.41 ? 98  ARG A CD  1 
ATOM   673  N  NE  . ARG A 1 104 ? -11.816 -17.100 6.138   1.00 39.72 ? 98  ARG A NE  1 
ATOM   674  C  CZ  . ARG A 1 104 ? -12.891 -16.301 6.179   1.00 40.95 ? 98  ARG A CZ  1 
ATOM   675  N  NH1 . ARG A 1 104 ? -12.822 -15.040 6.612   1.00 41.41 ? 98  ARG A NH1 1 
ATOM   676  N  NH2 . ARG A 1 104 ? -14.065 -16.779 5.784   1.00 39.15 ? 98  ARG A NH2 1 
ATOM   677  N  N   . ARG A 1 105 ? -6.820  -14.095 8.651   1.00 27.86 ? 99  ARG A N   1 
ATOM   678  C  CA  . ARG A 1 105 ? -5.351  -14.205 8.631   1.00 27.39 ? 99  ARG A CA  1 
ATOM   679  C  C   . ARG A 1 105 ? -4.740  -14.281 7.221   1.00 26.44 ? 99  ARG A C   1 
ATOM   680  O  O   . ARG A 1 105 ? -3.764  -13.585 6.913   1.00 26.75 ? 99  ARG A O   1 
ATOM   681  C  CB  . ARG A 1 105 ? -4.871  -15.387 9.499   1.00 28.73 ? 99  ARG A CB  1 
ATOM   682  C  CG  . ARG A 1 105 ? -3.363  -15.564 9.526   1.00 30.47 ? 99  ARG A CG  1 
ATOM   683  C  CD  . ARG A 1 105 ? -2.928  -16.752 10.364  1.00 32.14 ? 99  ARG A CD  1 
ATOM   684  N  NE  . ARG A 1 105 ? -1.565  -17.154 10.013  1.00 33.75 ? 99  ARG A NE  1 
ATOM   685  C  CZ  . ARG A 1 105 ? -0.887  -18.139 10.594  1.00 35.19 ? 99  ARG A CZ  1 
ATOM   686  N  NH1 . ARG A 1 105 ? -1.433  -18.850 11.577  1.00 36.51 ? 99  ARG A NH1 1 
ATOM   687  N  NH2 . ARG A 1 105 ? 0.345   -18.415 10.187  1.00 35.27 ? 99  ARG A NH2 1 
ATOM   688  N  N   . PHE A 1 106 ? -5.301  -15.145 6.383   1.00 24.72 ? 100 PHE A N   1 
ATOM   689  C  CA  . PHE A 1 106 ? -4.861  -15.289 5.004   1.00 24.26 ? 100 PHE A CA  1 
ATOM   690  C  C   . PHE A 1 106 ? -5.843  -14.591 4.072   1.00 23.45 ? 100 PHE A C   1 
ATOM   691  O  O   . PHE A 1 106 ? -7.062  -14.642 4.278   1.00 22.72 ? 100 PHE A O   1 
ATOM   692  C  CB  . PHE A 1 106 ? -4.718  -16.771 4.624   1.00 24.53 ? 100 PHE A CB  1 
ATOM   693  C  CG  . PHE A 1 106 ? -3.598  -17.472 5.339   1.00 24.86 ? 100 PHE A CG  1 
ATOM   694  C  CD1 . PHE A 1 106 ? -2.293  -17.398 4.863   1.00 25.11 ? 100 PHE A CD1 1 
ATOM   695  C  CD2 . PHE A 1 106 ? -3.842  -18.201 6.499   1.00 25.21 ? 100 PHE A CD2 1 
ATOM   696  C  CE1 . PHE A 1 106 ? -1.255  -18.041 5.528   1.00 25.36 ? 100 PHE A CE1 1 
ATOM   697  C  CE2 . PHE A 1 106 ? -2.807  -18.844 7.170   1.00 24.98 ? 100 PHE A CE2 1 
ATOM   698  C  CZ  . PHE A 1 106 ? -1.513  -18.764 6.683   1.00 25.23 ? 100 PHE A CZ  1 
ATOM   699  N  N   . GLY A 1 107 ? -5.302  -13.927 3.056   1.00 22.12 ? 101 GLY A N   1 
ATOM   700  C  CA  . GLY A 1 107 ? -6.117  -13.253 2.062   1.00 21.04 ? 101 GLY A CA  1 
ATOM   701  C  C   . GLY A 1 107 ? -5.396  -13.170 0.740   1.00 20.53 ? 101 GLY A C   1 
ATOM   702  O  O   . GLY A 1 107 ? -4.164  -13.153 0.705   1.00 20.65 ? 101 GLY A O   1 
ATOM   703  N  N   . ASP A 1 108 ? -6.165  -13.120 -0.345  1.00 19.84 ? 102 ASP A N   1 
ATOM   704  C  CA  . ASP A 1 108 ? -5.614  -12.980 -1.685  1.00 19.58 ? 102 ASP A CA  1 
ATOM   705  C  C   . ASP A 1 108 ? -6.646  -12.379 -2.629  1.00 19.10 ? 102 ASP A C   1 
ATOM   706  O  O   . ASP A 1 108 ? -7.849  -12.482 -2.390  1.00 19.73 ? 102 ASP A O   1 
ATOM   707  C  CB  . ASP A 1 108 ? -5.075  -14.319 -2.225  1.00 20.29 ? 102 ASP A CB  1 
ATOM   708  C  CG  . ASP A 1 108 ? -6.155  -15.177 -2.873  1.00 21.07 ? 102 ASP A CG  1 
ATOM   709  O  OD1 . ASP A 1 108 ? -7.029  -15.675 -2.139  1.00 21.81 ? 102 ASP A OD1 1 
ATOM   710  O  OD2 . ASP A 1 108 ? -6.122  -15.366 -4.113  1.00 20.69 ? 102 ASP A OD2 1 
ATOM   711  N  N   . ALA A 1 109 ? -6.170  -11.740 -3.694  1.00 18.49 ? 103 ALA A N   1 
ATOM   712  C  CA  . ALA A 1 109 ? -7.046  -11.095 -4.671  1.00 17.95 ? 103 ALA A CA  1 
ATOM   713  C  C   . ALA A 1 109 ? -6.380  -10.958 -6.032  1.00 17.78 ? 103 ALA A C   1 
ATOM   714  O  O   . ALA A 1 109 ? -5.214  -10.561 -6.133  1.00 17.54 ? 103 ALA A O   1 
ATOM   715  C  CB  . ALA A 1 109 ? -7.489  -9.730  -4.173  1.00 17.43 ? 103 ALA A CB  1 
ATOM   716  N  N   . PHE A 1 110 ? -7.139  -11.295 -7.071  1.00 17.59 ? 104 PHE A N   1 
ATOM   717  C  CA  . PHE A 1 110 ? -6.751  -11.039 -8.445  1.00 17.66 ? 104 PHE A CA  1 
ATOM   718  C  C   . PHE A 1 110 ? -7.363  -9.716  -8.906  1.00 18.32 ? 104 PHE A C   1 
ATOM   719  O  O   . PHE A 1 110 ? -8.540  -9.452  -8.669  1.00 18.42 ? 104 PHE A O   1 
ATOM   720  C  CB  . PHE A 1 110 ? -7.223  -12.187 -9.342  1.00 16.94 ? 104 PHE A CB  1 
ATOM   721  C  CG  . PHE A 1 110 ? -6.351  -13.409 -9.269  1.00 16.47 ? 104 PHE A CG  1 
ATOM   722  C  CD1 . PHE A 1 110 ? -5.204  -13.508 -10.046 1.00 16.07 ? 104 PHE A CD1 1 
ATOM   723  C  CD2 . PHE A 1 110 ? -6.675  -14.463 -8.420  1.00 16.25 ? 104 PHE A CD2 1 
ATOM   724  C  CE1 . PHE A 1 110 ? -4.390  -14.630 -9.979  1.00 16.06 ? 104 PHE A CE1 1 
ATOM   725  C  CE2 . PHE A 1 110 ? -5.864  -15.591 -8.347  1.00 16.08 ? 104 PHE A CE2 1 
ATOM   726  C  CZ  . PHE A 1 110 ? -4.722  -15.675 -9.128  1.00 15.92 ? 104 PHE A CZ  1 
ATOM   727  N  N   . ILE A 1 111 ? -6.566  -8.879  -9.561  1.00 18.83 ? 105 ILE A N   1 
ATOM   728  C  CA  . ILE A 1 111 ? -7.094  -7.639  -10.130 1.00 18.94 ? 105 ILE A CA  1 
ATOM   729  C  C   . ILE A 1 111 ? -6.827  -7.570  -11.638 1.00 19.74 ? 105 ILE A C   1 
ATOM   730  O  O   . ILE A 1 111 ? -5.692  -7.329  -12.071 1.00 19.91 ? 105 ILE A O   1 
ATOM   731  C  CB  . ILE A 1 111 ? -6.545  -6.376  -9.418  1.00 18.63 ? 105 ILE A CB  1 
ATOM   732  C  CG1 . ILE A 1 111 ? -6.788  -6.431  -7.901  1.00 18.47 ? 105 ILE A CG1 1 
ATOM   733  C  CG2 . ILE A 1 111 ? -7.116  -5.104  -10.045 1.00 18.45 ? 105 ILE A CG2 1 
ATOM   734  C  CD1 . ILE A 1 111 ? -8.234  -6.359  -7.443  1.00 18.55 ? 105 ILE A CD1 1 
ATOM   735  N  N   . PRO A 1 112 ? -7.872  -7.820  -12.445 1.00 19.86 ? 106 PRO A N   1 
ATOM   736  C  CA  . PRO A 1 112 ? -7.766  -7.541  -13.866 1.00 20.30 ? 106 PRO A CA  1 
ATOM   737  C  C   . PRO A 1 112 ? -7.959  -6.049  -14.103 1.00 20.84 ? 106 PRO A C   1 
ATOM   738  O  O   . PRO A 1 112 ? -8.910  -5.459  -13.601 1.00 21.36 ? 106 PRO A O   1 
ATOM   739  C  CB  . PRO A 1 112 ? -8.921  -8.344  -14.477 1.00 20.33 ? 106 PRO A CB  1 
ATOM   740  C  CG  . PRO A 1 112 ? -9.906  -8.510  -13.373 1.00 20.27 ? 106 PRO A CG  1 
ATOM   741  C  CD  . PRO A 1 112 ? -9.106  -8.551  -12.103 1.00 20.02 ? 106 PRO A CD  1 
ATOM   742  N  N   . MET A 1 113 ? -7.037  -5.439  -14.829 1.00 21.08 ? 107 MET A N   1 
ATOM   743  C  CA  . MET A 1 113 ? -7.181  -4.044  -15.193 1.00 21.37 ? 107 MET A CA  1 
ATOM   744  C  C   . MET A 1 113 ? -6.804  -3.901  -16.657 1.00 20.83 ? 107 MET A C   1 
ATOM   745  O  O   . MET A 1 113 ? -5.624  -3.786  -16.990 1.00 20.92 ? 107 MET A O   1 
ATOM   746  C  CB  . MET A 1 113 ? -6.313  -3.162  -14.305 1.00 21.98 ? 107 MET A CB  1 
ATOM   747  C  CG  . MET A 1 113 ? -6.445  -1.691  -14.624 1.00 23.27 ? 107 MET A CG  1 
ATOM   748  S  SD  . MET A 1 113 ? -6.202  -0.713  -13.147 1.00 24.39 ? 107 MET A SD  1 
ATOM   749  C  CE  . MET A 1 113 ? -6.883  0.837   -13.703 1.00 24.12 ? 107 MET A CE  1 
ATOM   750  N  N   . ASP A 1 114 ? -7.816  -3.935  -17.523 1.00 20.23 ? 108 ASP A N   1 
ATOM   751  C  CA  . ASP A 1 114 ? -7.610  -3.991  -18.972 1.00 19.84 ? 108 ASP A CA  1 
ATOM   752  C  C   . ASP A 1 114 ? -6.682  -5.155  -19.337 1.00 19.06 ? 108 ASP A C   1 
ATOM   753  O  O   . ASP A 1 114 ? -6.997  -6.300  -19.024 1.00 18.90 ? 108 ASP A O   1 
ATOM   754  C  CB  . ASP A 1 114 ? -7.116  -2.644  -19.515 1.00 21.10 ? 108 ASP A CB  1 
ATOM   755  C  CG  . ASP A 1 114 ? -8.190  -1.557  -19.464 1.00 22.04 ? 108 ASP A CG  1 
ATOM   756  O  OD1 . ASP A 1 114 ? -9.328  -1.830  -19.028 1.00 22.54 ? 108 ASP A OD1 1 
ATOM   757  O  OD2 . ASP A 1 114 ? -7.897  -0.420  -19.876 1.00 23.36 ? 108 ASP A OD2 1 
ATOM   758  N  N   . GLU A 1 115 ? -5.543  -4.874  -19.970 1.00 18.46 ? 109 GLU A N   1 
ATOM   759  C  CA  . GLU A 1 115 ? -4.603  -5.929  -20.385 1.00 17.93 ? 109 GLU A CA  1 
ATOM   760  C  C   . GLU A 1 115 ? -3.804  -6.518  -19.215 1.00 17.49 ? 109 GLU A C   1 
ATOM   761  O  O   . GLU A 1 115 ? -3.172  -7.565  -19.363 1.00 17.87 ? 109 GLU A O   1 
ATOM   762  C  CB  . GLU A 1 115 ? -3.663  -5.425  -21.506 1.00 17.83 ? 109 GLU A CB  1 
ATOM   763  C  CG  . GLU A 1 115 ? -2.384  -4.720  -21.045 1.00 18.14 ? 109 GLU A CG  1 
ATOM   764  C  CD  . GLU A 1 115 ? -2.619  -3.509  -20.148 1.00 18.09 ? 109 GLU A CD  1 
ATOM   765  O  OE1 . GLU A 1 115 ? -3.703  -2.893  -20.235 1.00 18.32 ? 109 GLU A OE1 1 
ATOM   766  O  OE2 . GLU A 1 115 ? -1.711  -3.170  -19.350 1.00 18.00 ? 109 GLU A OE2 1 
ATOM   767  N  N   . THR A 1 116 ? -3.848  -5.852  -18.060 1.00 16.99 ? 110 THR A N   1 
ATOM   768  C  CA  . THR A 1 116 ? -3.083  -6.262  -16.874 1.00 16.80 ? 110 THR A CA  1 
ATOM   769  C  C   . THR A 1 116 ? -3.817  -7.258  -15.969 1.00 16.67 ? 110 THR A C   1 
ATOM   770  O  O   . THR A 1 116 ? -5.026  -7.161  -15.765 1.00 16.80 ? 110 THR A O   1 
ATOM   771  C  CB  . THR A 1 116 ? -2.635  -5.037  -16.033 1.00 16.39 ? 110 THR A CB  1 
ATOM   772  O  OG1 . THR A 1 116 ? -1.651  -4.291  -16.758 1.00 16.06 ? 110 THR A OG1 1 
ATOM   773  C  CG2 . THR A 1 116 ? -2.036  -5.467  -14.698 1.00 16.20 ? 110 THR A CG2 1 
ATOM   774  N  N   . LEU A 1 117 ? -3.063  -8.213  -15.437 1.00 16.76 ? 111 LEU A N   1 
ATOM   775  C  CA  . LEU A 1 117 ? -3.526  -9.062  -14.352 1.00 17.04 ? 111 LEU A CA  1 
ATOM   776  C  C   . LEU A 1 117 ? -2.481  -9.013  -13.262 1.00 16.93 ? 111 LEU A C   1 
ATOM   777  O  O   . LEU A 1 117 ? -1.319  -9.358  -13.496 1.00 16.78 ? 111 LEU A O   1 
ATOM   778  C  CB  . LEU A 1 117 ? -3.700  -10.509 -14.808 1.00 17.45 ? 111 LEU A CB  1 
ATOM   779  C  CG  . LEU A 1 117 ? -4.910  -11.307 -14.295 1.00 18.01 ? 111 LEU A CG  1 
ATOM   780  C  CD1 . LEU A 1 117 ? -4.571  -12.792 -14.290 1.00 18.11 ? 111 LEU A CD1 1 
ATOM   781  C  CD2 . LEU A 1 117 ? -5.415  -10.869 -12.927 1.00 17.70 ? 111 LEU A CD2 1 
ATOM   782  N  N   . ALA A 1 118 ? -2.888  -8.572  -12.075 1.00 16.67 ? 112 ALA A N   1 
ATOM   783  C  CA  . ALA A 1 118 ? -2.002  -8.582  -10.914 1.00 16.72 ? 112 ALA A CA  1 
ATOM   784  C  C   . ALA A 1 118 ? -2.648  -9.399  -9.801  1.00 16.87 ? 112 ALA A C   1 
ATOM   785  O  O   . ALA A 1 118 ? -3.858  -9.624  -9.815  1.00 16.87 ? 112 ALA A O   1 
ATOM   786  C  CB  . ALA A 1 118 ? -1.696  -7.164  -10.451 1.00 15.79 ? 112 ALA A CB  1 
ATOM   787  N  N   . HIS A 1 119 ? -1.831  -9.844  -8.849  1.00 17.37 ? 113 HIS A N   1 
ATOM   788  C  CA  . HIS A 1 119 ? -2.297  -10.687 -7.754  1.00 17.61 ? 113 HIS A CA  1 
ATOM   789  C  C   . HIS A 1 119 ? -1.533  -10.390 -6.471  1.00 17.99 ? 113 HIS A C   1 
ATOM   790  O  O   . HIS A 1 119 ? -0.355  -10.024 -6.504  1.00 18.77 ? 113 HIS A O   1 
ATOM   791  C  CB  . HIS A 1 119 ? -2.150  -12.165 -8.119  1.00 17.84 ? 113 HIS A CB  1 
ATOM   792  C  CG  . HIS A 1 119 ? -2.641  -13.101 -7.059  1.00 18.17 ? 113 HIS A CG  1 
ATOM   793  N  ND1 . HIS A 1 119 ? -1.794  -13.886 -6.306  1.00 18.50 ? 113 HIS A ND1 1 
ATOM   794  C  CD2 . HIS A 1 119 ? -3.892  -13.366 -6.615  1.00 17.83 ? 113 HIS A CD2 1 
ATOM   795  C  CE1 . HIS A 1 119 ? -2.504  -14.600 -5.451  1.00 18.25 ? 113 HIS A CE1 1 
ATOM   796  N  NE2 . HIS A 1 119 ? -3.779  -14.306 -5.621  1.00 18.08 ? 113 HIS A NE2 1 
ATOM   797  N  N   . ALA A 1 120 ? -2.206  -10.532 -5.338  1.00 18.08 ? 114 ALA A N   1 
ATOM   798  C  CA  . ALA A 1 120 ? -1.534  -10.403 -4.052  1.00 18.22 ? 114 ALA A CA  1 
ATOM   799  C  C   . ALA A 1 120 ? -2.058  -11.430 -3.073  1.00 18.36 ? 114 ALA A C   1 
ATOM   800  O  O   . ALA A 1 120 ? -3.250  -11.736 -3.071  1.00 18.06 ? 114 ALA A O   1 
ATOM   801  C  CB  . ALA A 1 120 ? -1.688  -8.998  -3.490  1.00 18.10 ? 114 ALA A CB  1 
ATOM   802  N  N   . ALA A 1 121 ? -1.146  -11.962 -2.262  1.00 18.50 ? 115 ALA A N   1 
ATOM   803  C  CA  . ALA A 1 121 ? -1.475  -12.892 -1.189  1.00 18.87 ? 115 ALA A CA  1 
ATOM   804  C  C   . ALA A 1 121 ? -0.805  -12.433 0.102   1.00 19.05 ? 115 ALA A C   1 
ATOM   805  O  O   . ALA A 1 121 ? 0.347   -11.988 0.080   1.00 19.10 ? 115 ALA A O   1 
ATOM   806  C  CB  . ALA A 1 121 ? -1.035  -14.307 -1.547  1.00 18.30 ? 115 ALA A CB  1 
ATOM   807  N  N   . VAL A 1 122 ? -1.529  -12.538 1.217   1.00 19.08 ? 116 VAL A N   1 
ATOM   808  C  CA  . VAL A 1 122 ? -0.993  -12.150 2.526   1.00 19.89 ? 116 VAL A CA  1 
ATOM   809  C  C   . VAL A 1 122 ? -1.151  -13.209 3.617   1.00 20.39 ? 116 VAL A C   1 
ATOM   810  O  O   . VAL A 1 122 ? -2.123  -13.973 3.625   1.00 19.75 ? 116 VAL A O   1 
ATOM   811  C  CB  . VAL A 1 122 ? -1.567  -10.800 3.050   1.00 19.94 ? 116 VAL A CB  1 
ATOM   812  C  CG1 . VAL A 1 122 ? -1.159  -9.650  2.147   1.00 19.88 ? 116 VAL A CG1 1 
ATOM   813  C  CG2 . VAL A 1 122 ? -3.080  -10.850 3.215   1.00 19.64 ? 116 VAL A CG2 1 
ATOM   814  N  N   . ASP A 1 123 ? -0.171  -13.237 4.521   1.00 21.57 ? 117 ASP A N   1 
ATOM   815  C  CA  . ASP A 1 123 ? -0.261  -13.945 5.794   1.00 23.46 ? 117 ASP A CA  1 
ATOM   816  C  C   . ASP A 1 123 ? -0.022  -12.905 6.876   1.00 25.38 ? 117 ASP A C   1 
ATOM   817  O  O   . ASP A 1 123 ? 1.102   -12.422 7.041   1.00 26.33 ? 117 ASP A O   1 
ATOM   818  C  CB  . ASP A 1 123 ? 0.796   -15.050 5.875   1.00 23.55 ? 117 ASP A CB  1 
ATOM   819  C  CG  . ASP A 1 123 ? 0.745   -15.835 7.186   1.00 24.12 ? 117 ASP A CG  1 
ATOM   820  O  OD1 . ASP A 1 123 ? -0.129  -15.575 8.044   1.00 24.35 ? 117 ASP A OD1 1 
ATOM   821  O  OD2 . ASP A 1 123 ? 1.595   -16.730 7.356   1.00 24.37 ? 117 ASP A OD2 1 
ATOM   822  N  N   . LEU A 1 124 ? -1.078  -12.553 7.605   1.00 27.49 ? 118 LEU A N   1 
ATOM   823  C  CA  . LEU A 1 124 ? -1.011  -11.448 8.563   1.00 29.52 ? 118 LEU A CA  1 
ATOM   824  C  C   . LEU A 1 124 ? -0.279  -11.787 9.855   1.00 32.13 ? 118 LEU A C   1 
ATOM   825  O  O   . LEU A 1 124 ? 0.176   -10.883 10.560  1.00 34.49 ? 118 LEU A O   1 
ATOM   826  C  CB  . LEU A 1 124 ? -2.407  -10.914 8.891   1.00 28.81 ? 118 LEU A CB  1 
ATOM   827  C  CG  . LEU A 1 124 ? -3.197  -10.150 7.825   1.00 28.46 ? 118 LEU A CG  1 
ATOM   828  C  CD1 . LEU A 1 124 ? -4.434  -9.544  8.467   1.00 27.45 ? 118 LEU A CD1 1 
ATOM   829  C  CD2 . LEU A 1 124 ? -2.370  -9.074  7.133   1.00 27.93 ? 118 LEU A CD2 1 
ATOM   830  N  N   . SER A 1 125 ? -0.176  -13.076 10.166  1.00 34.43 ? 119 SER A N   1 
ATOM   831  C  CA  . SER A 1 125 ? 0.528   -13.530 11.362  1.00 36.66 ? 119 SER A CA  1 
ATOM   832  C  C   . SER A 1 125 ? 1.913   -14.072 11.023  1.00 37.25 ? 119 SER A C   1 
ATOM   833  O  O   . SER A 1 125 ? 2.735   -14.299 11.920  1.00 37.38 ? 119 SER A O   1 
ATOM   834  C  CB  . SER A 1 125 ? -0.291  -14.587 12.117  1.00 37.45 ? 119 SER A CB  1 
ATOM   835  O  OG  . SER A 1 125 ? -1.424  -14.009 12.745  1.00 37.98 ? 119 SER A OG  1 
ATOM   836  N  N   . GLY A 1 126 ? 2.164   -14.276 9.729   1.00 37.03 ? 120 GLY A N   1 
ATOM   837  C  CA  . GLY A 1 126 ? 3.479   -14.688 9.252   1.00 36.03 ? 120 GLY A CA  1 
ATOM   838  C  C   . GLY A 1 126 ? 4.493   -13.604 9.555   1.00 37.47 ? 120 GLY A C   1 
ATOM   839  O  O   . GLY A 1 126 ? 4.129   -12.433 9.707   1.00 38.29 ? 120 GLY A O   1 
ATOM   840  N  N   . ARG A 1 127 ? 5.762   -13.993 9.659   1.00 38.16 ? 121 ARG A N   1 
ATOM   841  C  CA  . ARG A 1 127 ? 6.857   -13.046 9.906   1.00 38.49 ? 121 ARG A CA  1 
ATOM   842  C  C   . ARG A 1 127 ? 7.005   -12.062 8.735   1.00 35.67 ? 121 ARG A C   1 
ATOM   843  O  O   . ARG A 1 127 ? 6.614   -12.391 7.606   1.00 35.19 ? 121 ARG A O   1 
ATOM   844  C  CB  . ARG A 1 127 ? 8.179   -13.797 10.146  1.00 41.58 ? 121 ARG A CB  1 
ATOM   845  C  CG  . ARG A 1 127 ? 8.380   -14.345 11.560  1.00 43.10 ? 121 ARG A CG  1 
ATOM   846  C  CD  . ARG A 1 127 ? 7.857   -15.766 11.725  1.00 44.92 ? 121 ARG A CD  1 
ATOM   847  N  NE  . ARG A 1 127 ? 7.708   -16.465 10.447  1.00 47.21 ? 121 ARG A NE  1 
ATOM   848  C  CZ  . ARG A 1 127 ? 6.571   -17.018 10.023  1.00 48.74 ? 121 ARG A CZ  1 
ATOM   849  N  NH1 . ARG A 1 127 ? 5.483   -16.978 10.786  1.00 48.94 ? 121 ARG A NH1 1 
ATOM   850  N  NH2 . ARG A 1 127 ? 6.523   -17.628 8.843   1.00 47.25 ? 121 ARG A NH2 1 
ATOM   851  N  N   . PRO A 1 128 ? 7.575   -10.863 8.993   1.00 33.07 ? 122 PRO A N   1 
ATOM   852  C  CA  . PRO A 1 128 ? 7.687   -9.827  7.957   1.00 30.59 ? 122 PRO A CA  1 
ATOM   853  C  C   . PRO A 1 128 ? 8.473   -10.306 6.739   1.00 28.54 ? 122 PRO A C   1 
ATOM   854  O  O   . PRO A 1 128 ? 9.626   -10.733 6.861   1.00 27.53 ? 122 PRO A O   1 
ATOM   855  C  CB  . PRO A 1 128 ? 8.426   -8.686  8.668   1.00 31.15 ? 122 PRO A CB  1 
ATOM   856  C  CG  . PRO A 1 128 ? 9.146   -9.343  9.793   1.00 31.54 ? 122 PRO A CG  1 
ATOM   857  C  CD  . PRO A 1 128 ? 8.231   -10.447 10.246  1.00 32.54 ? 122 PRO A CD  1 
ATOM   858  N  N   . TYR A 1 129 ? 7.834   -10.255 5.574   1.00 26.43 ? 123 TYR A N   1 
ATOM   859  C  CA  . TYR A 1 129 ? 8.453   -10.733 4.347   1.00 25.24 ? 123 TYR A CA  1 
ATOM   860  C  C   . TYR A 1 129 ? 7.709   -10.190 3.136   1.00 24.16 ? 123 TYR A C   1 
ATOM   861  O  O   . TYR A 1 129 ? 6.481   -10.102 3.143   1.00 23.90 ? 123 TYR A O   1 
ATOM   862  C  CB  . TYR A 1 129 ? 8.495   -12.280 4.314   1.00 25.09 ? 123 TYR A CB  1 
ATOM   863  C  CG  . TYR A 1 129 ? 9.750   -12.827 3.664   1.00 24.39 ? 123 TYR A CG  1 
ATOM   864  C  CD1 . TYR A 1 129 ? 9.851   -12.922 2.270   1.00 24.16 ? 123 TYR A CD1 1 
ATOM   865  C  CD2 . TYR A 1 129 ? 10.846  -13.219 4.436   1.00 23.93 ? 123 TYR A CD2 1 
ATOM   866  C  CE1 . TYR A 1 129 ? 11.002  -13.399 1.668   1.00 23.79 ? 123 TYR A CE1 1 
ATOM   867  C  CE2 . TYR A 1 129 ? 12.002  -13.700 3.841   1.00 23.94 ? 123 TYR A CE2 1 
ATOM   868  C  CZ  . TYR A 1 129 ? 12.073  -13.790 2.458   1.00 24.29 ? 123 TYR A CZ  1 
ATOM   869  O  OH  . TYR A 1 129 ? 13.212  -14.263 1.848   1.00 24.17 ? 123 TYR A OH  1 
ATOM   870  N  N   . CYS A 1 130 ? 8.461   -9.821  2.103   1.00 22.81 ? 124 CYS A N   1 
ATOM   871  C  CA  . CYS A 1 130 ? 7.868   -9.377  0.853   1.00 21.55 ? 124 CYS A CA  1 
ATOM   872  C  C   . CYS A 1 130 ? 8.564   -10.010 -0.343  1.00 21.16 ? 124 CYS A C   1 
ATOM   873  O  O   . CYS A 1 130 ? 9.793   -9.988  -0.452  1.00 21.44 ? 124 CYS A O   1 
ATOM   874  C  CB  . CYS A 1 130 ? 7.896   -7.851  0.735   1.00 21.58 ? 124 CYS A CB  1 
ATOM   875  S  SG  . CYS A 1 130 ? 7.131   -7.195  -0.782  1.00 20.70 ? 124 CYS A SG  1 
ATOM   876  N  N   . VAL A 1 131 ? 7.779   -10.602 -1.231  1.00 20.42 ? 125 VAL A N   1 
ATOM   877  C  CA  . VAL A 1 131 ? 8.313   -10.959 -2.542  1.00 20.14 ? 125 VAL A CA  1 
ATOM   878  C  C   . VAL A 1 131 ? 7.458   -10.401 -3.678  1.00 20.22 ? 125 VAL A C   1 
ATOM   879  O  O   . VAL A 1 131 ? 6.232   -10.565 -3.725  1.00 20.10 ? 125 VAL A O   1 
ATOM   880  C  CB  . VAL A 1 131 ? 8.762   -12.451 -2.674  1.00 19.81 ? 125 VAL A CB  1 
ATOM   881  C  CG1 . VAL A 1 131 ? 8.172   -13.333 -1.594  1.00 19.67 ? 125 VAL A CG1 1 
ATOM   882  C  CG2 . VAL A 1 131 ? 8.571   -13.016 -4.078  1.00 19.34 ? 125 VAL A CG2 1 
ATOM   883  N  N   . HIS A 1 132 ? 8.145   -9.691  -4.561  1.00 20.13 ? 126 HIS A N   1 
ATOM   884  C  CA  . HIS A 1 132 ? 7.535   -8.963  -5.647  1.00 20.02 ? 126 HIS A CA  1 
ATOM   885  C  C   . HIS A 1 132 ? 8.108   -9.521  -6.945  1.00 20.09 ? 126 HIS A C   1 
ATOM   886  O  O   . HIS A 1 132 ? 9.316   -9.427  -7.188  1.00 19.86 ? 126 HIS A O   1 
ATOM   887  C  CB  . HIS A 1 132 ? 7.864   -7.484  -5.473  1.00 20.31 ? 126 HIS A CB  1 
ATOM   888  C  CG  . HIS A 1 132 ? 7.209   -6.584  -6.468  1.00 20.83 ? 126 HIS A CG  1 
ATOM   889  N  ND1 . HIS A 1 132 ? 7.893   -5.581  -7.119  1.00 21.36 ? 126 HIS A ND1 1 
ATOM   890  C  CD2 . HIS A 1 132 ? 5.932   -6.520  -6.912  1.00 21.05 ? 126 HIS A CD2 1 
ATOM   891  C  CE1 . HIS A 1 132 ? 7.068   -4.942  -7.929  1.00 21.57 ? 126 HIS A CE1 1 
ATOM   892  N  NE2 . HIS A 1 132 ? 5.872   -5.496  -7.824  1.00 21.44 ? 126 HIS A NE2 1 
ATOM   893  N  N   . THR A 1 133 ? 7.248   -10.136 -7.756  1.00 19.39 ? 127 THR A N   1 
ATOM   894  C  CA  . THR A 1 133 ? 7.688   -10.758 -9.001  1.00 19.56 ? 127 THR A CA  1 
ATOM   895  C  C   . THR A 1 133 ? 6.814   -10.379 -10.196 1.00 19.97 ? 127 THR A C   1 
ATOM   896  O  O   . THR A 1 133 ? 5.668   -9.955  -10.029 1.00 19.80 ? 127 THR A O   1 
ATOM   897  C  CB  . THR A 1 133 ? 7.732   -12.301 -8.890  1.00 19.29 ? 127 THR A CB  1 
ATOM   898  O  OG1 . THR A 1 133 ? 6.460   -12.790 -8.455  1.00 19.11 ? 127 THR A OG1 1 
ATOM   899  C  CG2 . THR A 1 133 ? 8.826   -12.765 -7.910  1.00 19.21 ? 127 THR A CG2 1 
ATOM   900  N  N   . GLY A 1 134 ? 7.377   -10.525 -11.397 1.00 20.15 ? 128 GLY A N   1 
ATOM   901  C  CA  . GLY A 1 134 ? 6.602   -10.504 -12.641 1.00 20.12 ? 128 GLY A CA  1 
ATOM   902  C  C   . GLY A 1 134 ? 6.382   -9.151  -13.286 1.00 20.75 ? 128 GLY A C   1 
ATOM   903  O  O   . GLY A 1 134 ? 5.836   -9.066  -14.387 1.00 20.04 ? 128 GLY A O   1 
ATOM   904  N  N   . GLU A 1 135 ? 6.810   -8.092  -12.605 1.00 21.44 ? 129 GLU A N   1 
ATOM   905  C  CA  . GLU A 1 135 ? 6.641   -6.741  -13.108 1.00 22.16 ? 129 GLU A CA  1 
ATOM   906  C  C   . GLU A 1 135 ? 7.578   -6.538  -14.294 1.00 22.52 ? 129 GLU A C   1 
ATOM   907  O  O   . GLU A 1 135 ? 8.772   -6.817  -14.184 1.00 22.67 ? 129 GLU A O   1 
ATOM   908  C  CB  . GLU A 1 135 ? 6.931   -5.736  -11.998 1.00 22.79 ? 129 GLU A CB  1 
ATOM   909  C  CG  . GLU A 1 135 ? 6.307   -4.372  -12.192 1.00 22.73 ? 129 GLU A CG  1 
ATOM   910  C  CD  . GLU A 1 135 ? 6.654   -3.414  -11.068 1.00 23.18 ? 129 GLU A CD  1 
ATOM   911  O  OE1 . GLU A 1 135 ? 7.850   -3.106  -10.891 1.00 23.09 ? 129 GLU A OE1 1 
ATOM   912  O  OE2 . GLU A 1 135 ? 5.727   -2.959  -10.362 1.00 23.90 ? 129 GLU A OE2 1 
ATOM   913  N  N   . PRO A 1 136 ? 7.037   -6.088  -15.446 1.00 23.20 ? 130 PRO A N   1 
ATOM   914  C  CA  . PRO A 1 136 ? 7.872   -5.891  -16.637 1.00 23.95 ? 130 PRO A CA  1 
ATOM   915  C  C   . PRO A 1 136 ? 9.084   -5.007  -16.360 1.00 24.83 ? 130 PRO A C   1 
ATOM   916  O  O   . PRO A 1 136 ? 9.019   -4.104  -15.513 1.00 24.81 ? 130 PRO A O   1 
ATOM   917  C  CB  . PRO A 1 136 ? 6.917   -5.221  -17.623 1.00 23.90 ? 130 PRO A CB  1 
ATOM   918  C  CG  . PRO A 1 136 ? 5.576   -5.741  -17.232 1.00 23.67 ? 130 PRO A CG  1 
ATOM   919  C  CD  . PRO A 1 136 ? 5.609   -5.864  -15.736 1.00 22.99 ? 130 PRO A CD  1 
ATOM   920  N  N   . ASP A 1 137 ? 10.180  -5.284  -17.063 1.00 26.42 ? 131 ASP A N   1 
ATOM   921  C  CA  . ASP A 1 137 ? 11.469  -4.631  -16.812 1.00 26.74 ? 131 ASP A CA  1 
ATOM   922  C  C   . ASP A 1 137 ? 11.449  -3.120  -16.987 1.00 26.13 ? 131 ASP A C   1 
ATOM   923  O  O   . ASP A 1 137 ? 12.153  -2.408  -16.269 1.00 27.07 ? 131 ASP A O   1 
ATOM   924  C  CB  . ASP A 1 137 ? 12.566  -5.233  -17.694 1.00 29.17 ? 131 ASP A CB  1 
ATOM   925  C  CG  . ASP A 1 137 ? 12.957  -6.638  -17.271 1.00 30.94 ? 131 ASP A CG  1 
ATOM   926  O  OD1 . ASP A 1 137 ? 12.789  -6.984  -16.078 1.00 32.13 ? 131 ASP A OD1 1 
ATOM   927  O  OD2 . ASP A 1 137 ? 13.441  -7.398  -18.138 1.00 32.30 ? 131 ASP A OD2 1 
ATOM   928  N  N   . HIS A 1 138 ? 10.646  -2.629  -17.929 1.00 25.62 ? 132 HIS A N   1 
ATOM   929  C  CA  . HIS A 1 138 ? 10.605  -1.191  -18.205 1.00 24.86 ? 132 HIS A CA  1 
ATOM   930  C  C   . HIS A 1 138 ? 10.046  -0.339  -17.052 1.00 23.81 ? 132 HIS A C   1 
ATOM   931  O  O   . HIS A 1 138 ? 10.208  0.879   -17.047 1.00 23.88 ? 132 HIS A O   1 
ATOM   932  C  CB  . HIS A 1 138 ? 9.939   -0.875  -19.559 1.00 25.55 ? 132 HIS A CB  1 
ATOM   933  C  CG  . HIS A 1 138 ? 8.510   -1.308  -19.670 1.00 26.36 ? 132 HIS A CG  1 
ATOM   934  N  ND1 . HIS A 1 138 ? 8.143   -2.603  -19.979 1.00 27.14 ? 132 HIS A ND1 1 
ATOM   935  C  CD2 . HIS A 1 138 ? 7.355   -0.608  -19.560 1.00 26.68 ? 132 HIS A CD2 1 
ATOM   936  C  CE1 . HIS A 1 138 ? 6.824   -2.686  -20.034 1.00 26.91 ? 132 HIS A CE1 1 
ATOM   937  N  NE2 . HIS A 1 138 ? 6.321   -1.489  -19.784 1.00 27.20 ? 132 HIS A NE2 1 
ATOM   938  N  N   . LEU A 1 139 ? 9.424   -0.982  -16.064 1.00 22.40 ? 133 LEU A N   1 
ATOM   939  C  CA  . LEU A 1 139 ? 8.967   -0.270  -14.864 1.00 21.97 ? 133 LEU A CA  1 
ATOM   940  C  C   . LEU A 1 139 ? 10.100  0.111   -13.916 1.00 21.26 ? 133 LEU A C   1 
ATOM   941  O  O   . LEU A 1 139 ? 9.920   0.956   -13.043 1.00 21.09 ? 133 LEU A O   1 
ATOM   942  C  CB  . LEU A 1 139 ? 7.864   -1.043  -14.122 1.00 21.54 ? 133 LEU A CB  1 
ATOM   943  C  CG  . LEU A 1 139 ? 6.447   -0.619  -14.522 1.00 21.34 ? 133 LEU A CG  1 
ATOM   944  C  CD1 . LEU A 1 139 ? 6.070   -1.200  -15.874 1.00 21.53 ? 133 LEU A CD1 1 
ATOM   945  C  CD2 . LEU A 1 139 ? 5.420   -0.995  -13.466 1.00 20.61 ? 133 LEU A CD2 1 
ATOM   946  N  N   . GLN A 1 140 ? 11.270  -0.493  -14.101 1.00 20.92 ? 134 GLN A N   1 
ATOM   947  C  CA  . GLN A 1 140 ? 12.445  -0.106  -13.326 1.00 20.55 ? 134 GLN A CA  1 
ATOM   948  C  C   . GLN A 1 140 ? 12.977  1.273   -13.695 1.00 19.65 ? 134 GLN A C   1 
ATOM   949  O  O   . GLN A 1 140 ? 13.825  1.811   -12.985 1.00 19.72 ? 134 GLN A O   1 
ATOM   950  C  CB  . GLN A 1 140 ? 13.559  -1.136  -13.464 1.00 21.66 ? 134 GLN A CB  1 
ATOM   951  C  CG  . GLN A 1 140 ? 13.377  -2.348  -12.571 1.00 23.39 ? 134 GLN A CG  1 
ATOM   952  C  CD  . GLN A 1 140 ? 14.372  -3.452  -12.872 1.00 24.32 ? 134 GLN A CD  1 
ATOM   953  O  OE1 . GLN A 1 140 ? 15.426  -3.212  -13.464 1.00 24.76 ? 134 GLN A OE1 1 
ATOM   954  N  NE2 . GLN A 1 140 ? 14.037  -4.679  -12.460 1.00 24.73 ? 134 GLN A NE2 1 
ATOM   955  N  N   . HIS A 1 141 ? 12.493  1.838   -14.798 1.00 18.55 ? 135 HIS A N   1 
ATOM   956  C  CA  . HIS A 1 141 ? 12.927  3.172   -15.222 1.00 18.38 ? 135 HIS A CA  1 
ATOM   957  C  C   . HIS A 1 141 ? 11.804  4.019   -15.829 1.00 17.96 ? 135 HIS A C   1 
ATOM   958  O  O   . HIS A 1 141 ? 12.067  5.031   -16.477 1.00 17.96 ? 135 HIS A O   1 
ATOM   959  C  CB  . HIS A 1 141 ? 14.123  3.083   -16.179 1.00 18.49 ? 135 HIS A CB  1 
ATOM   960  C  CG  . HIS A 1 141 ? 13.831  2.351   -17.452 1.00 18.57 ? 135 HIS A CG  1 
ATOM   961  N  ND1 . HIS A 1 141 ? 13.330  2.979   -18.572 1.00 18.97 ? 135 HIS A ND1 1 
ATOM   962  C  CD2 . HIS A 1 141 ? 13.973  1.046   -17.784 1.00 18.75 ? 135 HIS A CD2 1 
ATOM   963  C  CE1 . HIS A 1 141 ? 13.170  2.091   -19.538 1.00 18.76 ? 135 HIS A CE1 1 
ATOM   964  N  NE2 . HIS A 1 141 ? 13.551  0.911   -19.086 1.00 19.14 ? 135 HIS A NE2 1 
ATOM   965  N  N   . THR A 1 142 ? 10.559  3.611   -15.597 1.00 17.31 ? 136 THR A N   1 
ATOM   966  C  CA  . THR A 1 142 ? 9.385   4.351   -16.060 1.00 16.66 ? 136 THR A CA  1 
ATOM   967  C  C   . THR A 1 142 ? 8.989   5.483   -15.095 1.00 16.64 ? 136 THR A C   1 
ATOM   968  O  O   . THR A 1 142 ? 9.015   5.317   -13.865 1.00 16.49 ? 136 THR A O   1 
ATOM   969  C  CB  . THR A 1 142 ? 8.193   3.391   -16.324 1.00 16.49 ? 136 THR A CB  1 
ATOM   970  O  OG1 . THR A 1 142 ? 8.437   2.646   -17.526 1.00 15.48 ? 136 THR A OG1 1 
ATOM   971  C  CG2 . THR A 1 142 ? 6.863   4.149   -16.462 1.00 16.33 ? 136 THR A CG2 1 
ATOM   972  N  N   . THR A 1 143 ? 8.639   6.635   -15.664 1.00 16.42 ? 137 THR A N   1 
ATOM   973  C  CA  . THR A 1 143 ? 8.095   7.748   -14.885 1.00 16.49 ? 137 THR A CA  1 
ATOM   974  C  C   . THR A 1 143 ? 6.633   8.014   -15.237 1.00 16.53 ? 137 THR A C   1 
ATOM   975  O  O   . THR A 1 143 ? 6.267   8.040   -16.417 1.00 16.77 ? 137 THR A O   1 
ATOM   976  C  CB  . THR A 1 143 ? 8.932   9.026   -15.084 1.00 16.25 ? 137 THR A CB  1 
ATOM   977  O  OG1 . THR A 1 143 ? 10.288  8.743   -14.732 1.00 16.13 ? 137 THR A OG1 1 
ATOM   978  C  CG2 . THR A 1 143 ? 8.418   10.173  -14.209 1.00 16.18 ? 137 THR A CG2 1 
ATOM   979  N  N   . ILE A 1 144 ? 5.803   8.196   -14.210 1.00 16.37 ? 138 ILE A N   1 
ATOM   980  C  CA  . ILE A 1 144 ? 4.411   8.615   -14.406 1.00 16.19 ? 138 ILE A CA  1 
ATOM   981  C  C   . ILE A 1 144 ? 4.302   10.075  -13.976 1.00 16.42 ? 138 ILE A C   1 
ATOM   982  O  O   . ILE A 1 144 ? 4.431   10.394  -12.793 1.00 15.96 ? 138 ILE A O   1 
ATOM   983  C  CB  . ILE A 1 144 ? 3.422   7.708   -13.635 1.00 15.89 ? 138 ILE A CB  1 
ATOM   984  C  CG1 . ILE A 1 144 ? 3.435   6.291   -14.222 1.00 15.50 ? 138 ILE A CG1 1 
ATOM   985  C  CG2 . ILE A 1 144 ? 2.008   8.284   -13.660 1.00 15.80 ? 138 ILE A CG2 1 
ATOM   986  C  CD1 . ILE A 1 144 ? 2.636   5.287   -13.420 1.00 15.30 ? 138 ILE A CD1 1 
ATOM   987  N  N   . ALA A 1 145 ? 4.075   10.957  -14.946 1.00 17.32 ? 139 ALA A N   1 
ATOM   988  C  CA  . ALA A 1 145 ? 4.206   12.398  -14.723 1.00 18.06 ? 139 ALA A CA  1 
ATOM   989  C  C   . ALA A 1 145 ? 3.009   13.237  -15.175 1.00 18.92 ? 139 ALA A C   1 
ATOM   990  O  O   . ALA A 1 145 ? 2.499   13.072  -16.283 1.00 19.49 ? 139 ALA A O   1 
ATOM   991  C  CB  . ALA A 1 145 ? 5.483   12.911  -15.373 1.00 17.44 ? 139 ALA A CB  1 
ATOM   992  N  N   . GLY A 1 146 ? 2.575   14.147  -14.307 1.00 19.68 ? 140 GLY A N   1 
ATOM   993  C  CA  . GLY A 1 146 ? 1.561   15.136  -14.659 1.00 19.87 ? 140 GLY A CA  1 
ATOM   994  C  C   . GLY A 1 146 ? 2.070   16.550  -14.463 1.00 20.36 ? 140 GLY A C   1 
ATOM   995  O  O   . GLY A 1 146 ? 3.232   16.845  -14.736 1.00 20.63 ? 140 GLY A O   1 
ATOM   996  N  N   . SER A 1 147 ? 1.192   17.420  -13.974 1.00 20.83 ? 141 SER A N   1 
ATOM   997  C  CA  . SER A 1 147 ? 1.502   18.831  -13.744 1.00 20.98 ? 141 SER A CA  1 
ATOM   998  C  C   . SER A 1 147 ? 2.209   19.075  -12.414 1.00 21.25 ? 141 SER A C   1 
ATOM   999  O  O   . SER A 1 147 ? 2.506   20.221  -12.071 1.00 21.03 ? 141 SER A O   1 
ATOM   1000 C  CB  . SER A 1 147 ? 0.214   19.666  -13.791 1.00 20.62 ? 141 SER A CB  1 
ATOM   1001 O  OG  . SER A 1 147 ? -0.692  19.251  -12.784 1.00 20.51 ? 141 SER A OG  1 
ATOM   1002 N  N   . SER A 1 148 ? 2.481   17.999  -11.673 1.00 21.20 ? 142 SER A N   1 
ATOM   1003 C  CA  . SER A 1 148 ? 3.033   18.111  -10.323 1.00 20.82 ? 142 SER A CA  1 
ATOM   1004 C  C   . SER A 1 148 ? 4.319   17.280  -10.156 1.00 20.33 ? 142 SER A C   1 
ATOM   1005 O  O   . SER A 1 148 ? 5.072   17.095  -11.114 1.00 20.03 ? 142 SER A O   1 
ATOM   1006 C  CB  . SER A 1 148 ? 1.961   17.700  -9.307  1.00 21.27 ? 142 SER A CB  1 
ATOM   1007 O  OG  . SER A 1 148 ? 2.335   18.042  -7.984  1.00 21.89 ? 142 SER A OG  1 
ATOM   1008 N  N   . VAL A 1 149 ? 4.567   16.803  -8.936  1.00 19.77 ? 143 VAL A N   1 
ATOM   1009 C  CA  . VAL A 1 149 ? 5.695   15.921  -8.623  1.00 18.76 ? 143 VAL A CA  1 
ATOM   1010 C  C   . VAL A 1 149 ? 5.447   14.546  -9.243  1.00 18.03 ? 143 VAL A C   1 
ATOM   1011 O  O   . VAL A 1 149 ? 4.391   13.958  -9.011  1.00 17.95 ? 143 VAL A O   1 
ATOM   1012 C  CB  . VAL A 1 149 ? 5.852   15.754  -7.095  1.00 18.93 ? 143 VAL A CB  1 
ATOM   1013 C  CG1 . VAL A 1 149 ? 6.979   14.779  -6.758  1.00 18.88 ? 143 VAL A CG1 1 
ATOM   1014 C  CG2 . VAL A 1 149 ? 6.062   17.105  -6.426  1.00 18.94 ? 143 VAL A CG2 1 
ATOM   1015 N  N   . PRO A 1 150 ? 6.421   14.022  -10.018 1.00 17.66 ? 144 PRO A N   1 
ATOM   1016 C  CA  . PRO A 1 150 ? 6.196   12.755  -10.728 1.00 17.01 ? 144 PRO A CA  1 
ATOM   1017 C  C   . PRO A 1 150 ? 6.391   11.507  -9.848  1.00 16.55 ? 144 PRO A C   1 
ATOM   1018 O  O   . PRO A 1 150 ? 6.883   11.614  -8.721  1.00 16.25 ? 144 PRO A O   1 
ATOM   1019 C  CB  . PRO A 1 150 ? 7.217   12.808  -11.867 1.00 16.84 ? 144 PRO A CB  1 
ATOM   1020 C  CG  . PRO A 1 150 ? 8.330   13.647  -11.342 1.00 17.23 ? 144 PRO A CG  1 
ATOM   1021 C  CD  . PRO A 1 150 ? 7.735   14.616  -10.353 1.00 17.33 ? 144 PRO A CD  1 
ATOM   1022 N  N   . TYR A 1 151 ? 5.981   10.348  -10.364 1.00 16.00 ? 145 TYR A N   1 
ATOM   1023 C  CA  . TYR A 1 151 ? 6.097   9.066   -9.657  1.00 16.00 ? 145 TYR A CA  1 
ATOM   1024 C  C   . TYR A 1 151 ? 6.921   8.078   -10.501 1.00 16.09 ? 145 TYR A C   1 
ATOM   1025 O  O   . TYR A 1 151 ? 6.520   7.723   -11.616 1.00 15.96 ? 145 TYR A O   1 
ATOM   1026 C  CB  . TYR A 1 151 ? 4.692   8.518   -9.361  1.00 15.52 ? 145 TYR A CB  1 
ATOM   1027 C  CG  . TYR A 1 151 ? 4.606   7.175   -8.645  1.00 15.36 ? 145 TYR A CG  1 
ATOM   1028 C  CD1 . TYR A 1 151 ? 4.587   5.972   -9.359  1.00 15.03 ? 145 TYR A CD1 1 
ATOM   1029 C  CD2 . TYR A 1 151 ? 4.494   7.111   -7.257  1.00 15.04 ? 145 TYR A CD2 1 
ATOM   1030 C  CE1 . TYR A 1 151 ? 4.477   4.750   -8.712  1.00 14.57 ? 145 TYR A CE1 1 
ATOM   1031 C  CE2 . TYR A 1 151 ? 4.382   5.896   -6.603  1.00 14.74 ? 145 TYR A CE2 1 
ATOM   1032 C  CZ  . TYR A 1 151 ? 4.376   4.719   -7.331  1.00 14.74 ? 145 TYR A CZ  1 
ATOM   1033 O  OH  . TYR A 1 151 ? 4.266   3.512   -6.663  1.00 14.35 ? 145 TYR A OH  1 
ATOM   1034 N  N   . HIS A 1 152 ? 8.076   7.670   -9.973  1.00 16.13 ? 146 HIS A N   1 
ATOM   1035 C  CA  . HIS A 1 152 ? 8.933   6.669   -10.621 1.00 16.42 ? 146 HIS A CA  1 
ATOM   1036 C  C   . HIS A 1 152 ? 8.493   5.281   -10.185 1.00 16.67 ? 146 HIS A C   1 
ATOM   1037 O  O   . HIS A 1 152 ? 8.583   4.941   -9.002  1.00 16.57 ? 146 HIS A O   1 
ATOM   1038 C  CB  . HIS A 1 152 ? 10.421  6.886   -10.284 1.00 16.16 ? 146 HIS A CB  1 
ATOM   1039 C  CG  . HIS A 1 152 ? 10.928  8.255   -10.630 1.00 16.54 ? 146 HIS A CG  1 
ATOM   1040 N  ND1 . HIS A 1 152 ? 11.456  9.114   -9.687  1.00 16.45 ? 146 HIS A ND1 1 
ATOM   1041 C  CD2 . HIS A 1 152 ? 10.964  8.922   -11.809 1.00 16.14 ? 146 HIS A CD2 1 
ATOM   1042 C  CE1 . HIS A 1 152 ? 11.808  10.243  -10.273 1.00 16.09 ? 146 HIS A CE1 1 
ATOM   1043 N  NE2 . HIS A 1 152 ? 11.522  10.153  -11.561 1.00 16.33 ? 146 HIS A NE2 1 
ATOM   1044 N  N   . THR A 1 153 ? 8.024   4.482   -11.143 1.00 16.90 ? 147 THR A N   1 
ATOM   1045 C  CA  . THR A 1 153 ? 7.421   3.178   -10.840 1.00 17.27 ? 147 THR A CA  1 
ATOM   1046 C  C   . THR A 1 153 ? 8.386   2.174   -10.224 1.00 17.06 ? 147 THR A C   1 
ATOM   1047 O  O   . THR A 1 153 ? 7.952   1.187   -9.637  1.00 17.23 ? 147 THR A O   1 
ATOM   1048 C  CB  . THR A 1 153 ? 6.773   2.537   -12.078 1.00 17.64 ? 147 THR A CB  1 
ATOM   1049 O  OG1 . THR A 1 153 ? 7.712   2.550   -13.159 1.00 18.79 ? 147 THR A OG1 1 
ATOM   1050 C  CG2 . THR A 1 153 ? 5.526   3.294   -12.478 1.00 17.50 ? 147 THR A CG2 1 
ATOM   1051 N  N   . VAL A 1 154 ? 9.687   2.428   -10.351 1.00 16.92 ? 148 VAL A N   1 
ATOM   1052 C  CA  . VAL A 1 154 ? 10.704  1.614   -9.675  1.00 16.90 ? 148 VAL A CA  1 
ATOM   1053 C  C   . VAL A 1 154 ? 10.438  1.538   -8.155  1.00 17.11 ? 148 VAL A C   1 
ATOM   1054 O  O   . VAL A 1 154 ? 10.891  0.614   -7.481  1.00 17.08 ? 148 VAL A O   1 
ATOM   1055 C  CB  . VAL A 1 154 ? 12.138  2.133   -9.972  1.00 16.77 ? 148 VAL A CB  1 
ATOM   1056 C  CG1 . VAL A 1 154 ? 12.453  3.395   -9.172  1.00 16.22 ? 148 VAL A CG1 1 
ATOM   1057 C  CG2 . VAL A 1 154 ? 13.179  1.045   -9.720  1.00 16.81 ? 148 VAL A CG2 1 
ATOM   1058 N  N   . ILE A 1 155 ? 9.680   2.509   -7.640  1.00 17.14 ? 149 ILE A N   1 
ATOM   1059 C  CA  . ILE A 1 155 ? 9.353   2.592   -6.222  1.00 17.13 ? 149 ILE A CA  1 
ATOM   1060 C  C   . ILE A 1 155 ? 8.271   1.581   -5.786  1.00 17.39 ? 149 ILE A C   1 
ATOM   1061 O  O   . ILE A 1 155 ? 8.115   1.322   -4.596  1.00 17.58 ? 149 ILE A O   1 
ATOM   1062 C  CB  . ILE A 1 155 ? 8.981   4.051   -5.820  1.00 16.90 ? 149 ILE A CB  1 
ATOM   1063 C  CG1 . ILE A 1 155 ? 9.226   4.311   -4.331  1.00 16.71 ? 149 ILE A CG1 1 
ATOM   1064 C  CG2 . ILE A 1 155 ? 7.545   4.382   -6.189  1.00 16.60 ? 149 ILE A CG2 1 
ATOM   1065 C  CD1 . ILE A 1 155 ? 10.665  4.620   -3.960  1.00 16.64 ? 149 ILE A CD1 1 
ATOM   1066 N  N   . ASN A 1 156 ? 7.535   1.005   -6.737  1.00 17.90 ? 150 ASN A N   1 
ATOM   1067 C  CA  . ASN A 1 156 ? 6.468   0.054   -6.389  1.00 18.15 ? 150 ASN A CA  1 
ATOM   1068 C  C   . ASN A 1 156 ? 6.962   -0.992  -5.390  1.00 18.45 ? 150 ASN A C   1 
ATOM   1069 O  O   . ASN A 1 156 ? 6.399   -1.133  -4.303  1.00 18.64 ? 150 ASN A O   1 
ATOM   1070 C  CB  . ASN A 1 156 ? 5.880   -0.643  -7.627  1.00 18.17 ? 150 ASN A CB  1 
ATOM   1071 C  CG  . ASN A 1 156 ? 5.186   0.315   -8.594  1.00 18.45 ? 150 ASN A CG  1 
ATOM   1072 O  OD1 . ASN A 1 156 ? 4.913   -0.055  -9.743  1.00 18.27 ? 150 ASN A OD1 1 
ATOM   1073 N  ND2 . ASN A 1 156 ? 4.891   1.536   -8.144  1.00 17.84 ? 150 ASN A ND2 1 
ATOM   1074 N  N   . ARG A 1 157 ? 8.024   -1.703  -5.769  1.00 18.98 ? 151 ARG A N   1 
ATOM   1075 C  CA  . ARG A 1 157 ? 8.696   -2.684  -4.919  1.00 19.55 ? 151 ARG A CA  1 
ATOM   1076 C  C   . ARG A 1 157 ? 8.967   -2.126  -3.518  1.00 19.65 ? 151 ARG A C   1 
ATOM   1077 O  O   . ARG A 1 157 ? 8.631   -2.756  -2.509  1.00 19.05 ? 151 ARG A O   1 
ATOM   1078 C  CB  . ARG A 1 157 ? 10.027  -3.091  -5.569  1.00 20.27 ? 151 ARG A CB  1 
ATOM   1079 C  CG  . ARG A 1 157 ? 10.881  -4.055  -4.754  1.00 21.34 ? 151 ARG A CG  1 
ATOM   1080 C  CD  . ARG A 1 157 ? 10.742  -5.480  -5.258  1.00 22.39 ? 151 ARG A CD  1 
ATOM   1081 N  NE  . ARG A 1 157 ? 11.834  -5.846  -6.155  1.00 24.13 ? 151 ARG A NE  1 
ATOM   1082 C  CZ  . ARG A 1 157 ? 11.707  -6.611  -7.236  1.00 24.84 ? 151 ARG A CZ  1 
ATOM   1083 N  NH1 . ARG A 1 157 ? 10.528  -7.089  -7.595  1.00 26.24 ? 151 ARG A NH1 1 
ATOM   1084 N  NH2 . ARG A 1 157 ? 12.768  -6.889  -7.974  1.00 25.88 ? 151 ARG A NH2 1 
ATOM   1085 N  N   . HIS A 1 158 ? 9.580   -0.939  -3.484  1.00 19.67 ? 152 HIS A N   1 
ATOM   1086 C  CA  . HIS A 1 158 ? 10.002  -0.286  -2.249  1.00 19.86 ? 152 HIS A CA  1 
ATOM   1087 C  C   . HIS A 1 158 ? 8.809   -0.037  -1.329  1.00 19.32 ? 152 HIS A C   1 
ATOM   1088 O  O   . HIS A 1 158 ? 8.904   -0.227  -0.119  1.00 19.09 ? 152 HIS A O   1 
ATOM   1089 C  CB  . HIS A 1 158 ? 10.721  1.026   -2.574  1.00 20.24 ? 152 HIS A CB  1 
ATOM   1090 C  CG  . HIS A 1 158 ? 11.645  1.507   -1.495  1.00 20.52 ? 152 HIS A CG  1 
ATOM   1091 N  ND1 . HIS A 1 158 ? 11.703  0.934   -0.243  1.00 20.85 ? 152 HIS A ND1 1 
ATOM   1092 C  CD2 . HIS A 1 158 ? 12.524  2.536   -1.475  1.00 20.45 ? 152 HIS A CD2 1 
ATOM   1093 C  CE1 . HIS A 1 158 ? 12.588  1.582   0.496   1.00 20.67 ? 152 HIS A CE1 1 
ATOM   1094 N  NE2 . HIS A 1 158 ? 13.097  2.561   -0.226  1.00 20.45 ? 152 HIS A NE2 1 
ATOM   1095 N  N   . VAL A 1 159 ? 7.682   0.369   -1.917  1.00 19.24 ? 153 VAL A N   1 
ATOM   1096 C  CA  . VAL A 1 159 ? 6.457   0.596   -1.159  1.00 18.77 ? 153 VAL A CA  1 
ATOM   1097 C  C   . VAL A 1 159 ? 5.972   -0.704  -0.530  1.00 18.89 ? 153 VAL A C   1 
ATOM   1098 O  O   . VAL A 1 159 ? 5.666   -0.742  0.656   1.00 19.07 ? 153 VAL A O   1 
ATOM   1099 C  CB  . VAL A 1 159 ? 5.336   1.203   -2.029  1.00 18.65 ? 153 VAL A CB  1 
ATOM   1100 C  CG1 . VAL A 1 159 ? 4.007   1.221   -1.279  1.00 18.02 ? 153 VAL A CG1 1 
ATOM   1101 C  CG2 . VAL A 1 159 ? 5.705   2.607   -2.477  1.00 18.42 ? 153 VAL A CG2 1 
ATOM   1102 N  N   . PHE A 1 160 ? 5.912   -1.771  -1.320  1.00 19.26 ? 154 PHE A N   1 
ATOM   1103 C  CA  . PHE A 1 160 ? 5.375   -3.031  -0.817  1.00 19.36 ? 154 PHE A CA  1 
ATOM   1104 C  C   . PHE A 1 160 ? 6.277   -3.621  0.270   1.00 19.64 ? 154 PHE A C   1 
ATOM   1105 O  O   . PHE A 1 160 ? 5.777   -4.142  1.270   1.00 19.68 ? 154 PHE A O   1 
ATOM   1106 C  CB  . PHE A 1 160 ? 5.113   -4.031  -1.951  1.00 19.62 ? 154 PHE A CB  1 
ATOM   1107 C  CG  . PHE A 1 160 ? 4.245   -3.489  -3.055  1.00 20.03 ? 154 PHE A CG  1 
ATOM   1108 C  CD1 . PHE A 1 160 ? 3.109   -2.737  -2.769  1.00 20.28 ? 154 PHE A CD1 1 
ATOM   1109 C  CD2 . PHE A 1 160 ? 4.561   -3.738  -4.388  1.00 20.23 ? 154 PHE A CD2 1 
ATOM   1110 C  CE1 . PHE A 1 160 ? 2.310   -2.240  -3.792  1.00 20.49 ? 154 PHE A CE1 1 
ATOM   1111 C  CE2 . PHE A 1 160 ? 3.769   -3.244  -5.414  1.00 20.29 ? 154 PHE A CE2 1 
ATOM   1112 C  CZ  . PHE A 1 160 ? 2.642   -2.493  -5.117  1.00 20.39 ? 154 PHE A CZ  1 
ATOM   1113 N  N   . GLU A 1 161 ? 7.595   -3.513  0.083   1.00 19.63 ? 155 GLU A N   1 
ATOM   1114 C  CA  . GLU A 1 161 ? 8.573   -3.931  1.100   1.00 20.29 ? 155 GLU A CA  1 
ATOM   1115 C  C   . GLU A 1 161 ? 8.438   -3.168  2.420   1.00 20.08 ? 155 GLU A C   1 
ATOM   1116 O  O   . GLU A 1 161 ? 8.440   -3.782  3.486   1.00 20.01 ? 155 GLU A O   1 
ATOM   1117 C  CB  . GLU A 1 161 ? 10.006  -3.782  0.584   1.00 20.73 ? 155 GLU A CB  1 
ATOM   1118 C  CG  . GLU A 1 161 ? 10.440  -4.865  -0.390  1.00 21.36 ? 155 GLU A CG  1 
ATOM   1119 C  CD  . GLU A 1 161 ? 11.803  -4.593  -0.997  1.00 21.51 ? 155 GLU A CD  1 
ATOM   1120 O  OE1 . GLU A 1 161 ? 12.312  -3.447  -0.897  1.00 21.98 ? 155 GLU A OE1 1 
ATOM   1121 O  OE2 . GLU A 1 161 ? 12.365  -5.535  -1.582  1.00 21.74 ? 155 GLU A OE2 1 
ATOM   1122 N  N   . SER A 1 162 ? 8.339   -1.838  2.342   1.00 20.13 ? 156 SER A N   1 
ATOM   1123 C  CA  . SER A 1 162 ? 8.176   -0.991  3.535   1.00 20.31 ? 156 SER A CA  1 
ATOM   1124 C  C   . SER A 1 162 ? 6.884   -1.314  4.297   1.00 20.72 ? 156 SER A C   1 
ATOM   1125 O  O   . SER A 1 162 ? 6.872   -1.339  5.528   1.00 20.83 ? 156 SER A O   1 
ATOM   1126 C  CB  . SER A 1 162 ? 8.215   0.493   3.164   1.00 20.05 ? 156 SER A CB  1 
ATOM   1127 O  OG  . SER A 1 162 ? 9.453   0.840   2.568   1.00 19.97 ? 156 SER A OG  1 
ATOM   1128 N  N   . LEU A 1 163 ? 5.806   -1.560  3.554   1.00 21.13 ? 157 LEU A N   1 
ATOM   1129 C  CA  . LEU A 1 163 ? 4.535   -1.965  4.140   1.00 21.61 ? 157 LEU A CA  1 
ATOM   1130 C  C   . LEU A 1 163 ? 4.658   -3.252  4.938   1.00 21.47 ? 157 LEU A C   1 
ATOM   1131 O  O   . LEU A 1 163 ? 4.331   -3.279  6.125   1.00 21.56 ? 157 LEU A O   1 
ATOM   1132 C  CB  . LEU A 1 163 ? 3.466   -2.133  3.061   1.00 22.22 ? 157 LEU A CB  1 
ATOM   1133 C  CG  . LEU A 1 163 ? 2.480   -0.995  2.848   1.00 23.00 ? 157 LEU A CG  1 
ATOM   1134 C  CD1 . LEU A 1 163 ? 1.594   -1.318  1.659   1.00 23.51 ? 157 LEU A CD1 1 
ATOM   1135 C  CD2 . LEU A 1 163 ? 1.634   -0.783  4.096   1.00 23.43 ? 157 LEU A CD2 1 
ATOM   1136 N  N   . ALA A 1 164 ? 5.140   -4.306  4.281   1.00 21.26 ? 158 ALA A N   1 
ATOM   1137 C  CA  . ALA A 1 164 ? 5.275   -5.625  4.896   1.00 21.17 ? 158 ALA A CA  1 
ATOM   1138 C  C   . ALA A 1 164 ? 6.208   -5.613  6.107   1.00 21.23 ? 158 ALA A C   1 
ATOM   1139 O  O   . ALA A 1 164 ? 5.900   -6.232  7.128   1.00 20.97 ? 158 ALA A O   1 
ATOM   1140 C  CB  . ALA A 1 164 ? 5.738   -6.653  3.871   1.00 20.55 ? 158 ALA A CB  1 
ATOM   1141 N  N   . ALA A 1 165 ? 7.338   -4.912  5.985   1.00 21.42 ? 159 ALA A N   1 
ATOM   1142 C  CA  . ALA A 1 165 ? 8.354   -4.845  7.050   1.00 21.73 ? 159 ALA A CA  1 
ATOM   1143 C  C   . ALA A 1 165 ? 7.865   -4.131  8.311   1.00 22.07 ? 159 ALA A C   1 
ATOM   1144 O  O   . ALA A 1 165 ? 8.217   -4.510  9.436   1.00 21.94 ? 159 ALA A O   1 
ATOM   1145 C  CB  . ALA A 1 165 ? 9.625   -4.182  6.537   1.00 21.74 ? 159 ALA A CB  1 
ATOM   1146 N  N   . ASN A 1 166 ? 7.056   -3.096  8.120   1.00 22.44 ? 160 ASN A N   1 
ATOM   1147 C  CA  . ASN A 1 166 ? 6.562   -2.316  9.240   1.00 23.07 ? 160 ASN A CA  1 
ATOM   1148 C  C   . ASN A 1 166 ? 5.206   -2.755  9.787   1.00 24.09 ? 160 ASN A C   1 
ATOM   1149 O  O   . ASN A 1 166 ? 4.859   -2.423  10.928  1.00 24.52 ? 160 ASN A O   1 
ATOM   1150 C  CB  . ASN A 1 166 ? 6.596   -0.832  8.901   1.00 22.92 ? 160 ASN A CB  1 
ATOM   1151 C  CG  . ASN A 1 166 ? 8.004   -0.273  8.937   1.00 23.08 ? 160 ASN A CG  1 
ATOM   1152 O  OD1 . ASN A 1 166 ? 8.666   -0.152  7.902   1.00 23.91 ? 160 ASN A OD1 1 
ATOM   1153 N  ND2 . ASN A 1 166 ? 8.482   0.043   10.131  1.00 22.38 ? 160 ASN A ND2 1 
ATOM   1154 N  N   . ALA A 1 167 ? 4.446   -3.510  8.991   1.00 24.58 ? 161 ALA A N   1 
ATOM   1155 C  CA  . ALA A 1 167 ? 3.212   -4.134  9.488   1.00 25.79 ? 161 ALA A CA  1 
ATOM   1156 C  C   . ALA A 1 167 ? 3.482   -5.505  10.123  1.00 26.66 ? 161 ALA A C   1 
ATOM   1157 O  O   . ALA A 1 167 ? 2.642   -6.036  10.854  1.00 25.99 ? 161 ALA A O   1 
ATOM   1158 C  CB  . ALA A 1 167 ? 2.175   -4.248  8.379   1.00 25.37 ? 161 ALA A CB  1 
ATOM   1159 N  N   . ARG A 1 168 ? 4.668   -6.052  9.843   1.00 28.06 ? 162 ARG A N   1 
ATOM   1160 C  CA  . ARG A 1 168 ? 5.079   -7.387  10.287  1.00 29.32 ? 162 ARG A CA  1 
ATOM   1161 C  C   . ARG A 1 168 ? 4.165   -8.469  9.708   1.00 27.91 ? 162 ARG A C   1 
ATOM   1162 O  O   . ARG A 1 168 ? 3.538   -9.240  10.441  1.00 29.08 ? 162 ARG A O   1 
ATOM   1163 C  CB  . ARG A 1 168 ? 5.176   -7.468  11.819  1.00 31.88 ? 162 ARG A CB  1 
ATOM   1164 C  CG  . ARG A 1 168 ? 6.335   -6.676  12.401  1.00 35.37 ? 162 ARG A CG  1 
ATOM   1165 C  CD  . ARG A 1 168 ? 6.465   -6.902  13.897  1.00 41.19 ? 162 ARG A CD  1 
ATOM   1166 N  NE  . ARG A 1 168 ? 7.793   -6.526  14.386  1.00 47.20 ? 162 ARG A NE  1 
ATOM   1167 C  CZ  . ARG A 1 168 ? 8.194   -6.618  15.657  1.00 51.42 ? 162 ARG A CZ  1 
ATOM   1168 N  NH1 . ARG A 1 168 ? 7.371   -7.074  16.598  1.00 52.61 ? 162 ARG A NH1 1 
ATOM   1169 N  NH2 . ARG A 1 168 ? 9.425   -6.249  15.990  1.00 52.31 ? 162 ARG A NH2 1 
ATOM   1170 N  N   . ILE A 1 169 ? 4.083   -8.496  8.379   1.00 25.80 ? 163 ILE A N   1 
ATOM   1171 C  CA  . ILE A 1 169 ? 3.221   -9.433  7.664   1.00 23.92 ? 163 ILE A CA  1 
ATOM   1172 C  C   . ILE A 1 169 ? 3.958   -10.034 6.462   1.00 23.47 ? 163 ILE A C   1 
ATOM   1173 O  O   . ILE A 1 169 ? 4.966   -9.481  6.002   1.00 22.99 ? 163 ILE A O   1 
ATOM   1174 C  CB  . ILE A 1 169 ? 1.889   -8.772  7.210   1.00 23.53 ? 163 ILE A CB  1 
ATOM   1175 C  CG1 . ILE A 1 169 ? 2.133   -7.626  6.227   1.00 23.56 ? 163 ILE A CG1 1 
ATOM   1176 C  CG2 . ILE A 1 169 ? 1.077   -8.274  8.405   1.00 23.64 ? 163 ILE A CG2 1 
ATOM   1177 C  CD1 . ILE A 1 169 ? 0.869   -7.103  5.566   1.00 23.05 ? 163 ILE A CD1 1 
ATOM   1178 N  N   . ALA A 1 170 ? 3.469   -11.173 5.974   1.00 22.92 ? 164 ALA A N   1 
ATOM   1179 C  CA  . ALA A 1 170 ? 3.941   -11.738 4.704   1.00 22.72 ? 164 ALA A CA  1 
ATOM   1180 C  C   . ALA A 1 170 ? 3.096   -11.183 3.559   1.00 22.17 ? 164 ALA A C   1 
ATOM   1181 O  O   . ALA A 1 170 ? 1.861   -11.273 3.580   1.00 22.09 ? 164 ALA A O   1 
ATOM   1182 C  CB  . ALA A 1 170 ? 3.889   -13.259 4.722   1.00 22.81 ? 164 ALA A CB  1 
ATOM   1183 N  N   . LEU A 1 171 ? 3.768   -10.591 2.577   1.00 21.45 ? 165 LEU A N   1 
ATOM   1184 C  CA  . LEU A 1 171 ? 3.093   -9.951  1.455   1.00 20.87 ? 165 LEU A CA  1 
ATOM   1185 C  C   . LEU A 1 171 ? 3.774   -10.324 0.148   1.00 20.41 ? 165 LEU A C   1 
ATOM   1186 O  O   . LEU A 1 171 ? 4.901   -9.907  -0.120  1.00 20.85 ? 165 LEU A O   1 
ATOM   1187 C  CB  . LEU A 1 171 ? 3.064   -8.425  1.630   1.00 20.58 ? 165 LEU A CB  1 
ATOM   1188 C  CG  . LEU A 1 171 ? 2.518   -7.569  0.476   1.00 20.91 ? 165 LEU A CG  1 
ATOM   1189 C  CD1 . LEU A 1 171 ? 1.057   -7.871  0.157   1.00 20.23 ? 165 LEU A CD1 1 
ATOM   1190 C  CD2 . LEU A 1 171 ? 2.700   -6.083  0.768   1.00 20.82 ? 165 LEU A CD2 1 
ATOM   1191 N  N   . HIS A 1 172 ? 3.077   -11.115 -0.657  1.00 19.32 ? 166 HIS A N   1 
ATOM   1192 C  CA  . HIS A 1 172 ? 3.571   -11.520 -1.958  1.00 18.84 ? 166 HIS A CA  1 
ATOM   1193 C  C   . HIS A 1 172 ? 2.729   -10.857 -3.039  1.00 18.69 ? 166 HIS A C   1 
ATOM   1194 O  O   . HIS A 1 172 ? 1.506   -11.033 -3.078  1.00 18.67 ? 166 HIS A O   1 
ATOM   1195 C  CB  . HIS A 1 172 ? 3.519   -13.043 -2.092  1.00 18.77 ? 166 HIS A CB  1 
ATOM   1196 C  CG  . HIS A 1 172 ? 4.491   -13.760 -1.208  1.00 18.79 ? 166 HIS A CG  1 
ATOM   1197 N  ND1 . HIS A 1 172 ? 5.249   -14.821 -1.649  1.00 19.07 ? 166 HIS A ND1 1 
ATOM   1198 C  CD2 . HIS A 1 172 ? 4.831   -13.566 0.090   1.00 18.81 ? 166 HIS A CD2 1 
ATOM   1199 C  CE1 . HIS A 1 172 ? 6.008   -15.255 -0.658  1.00 19.21 ? 166 HIS A CE1 1 
ATOM   1200 N  NE2 . HIS A 1 172 ? 5.775   -14.509 0.407   1.00 18.99 ? 166 HIS A NE2 1 
ATOM   1201 N  N   . VAL A 1 173 ? 3.389   -10.088 -3.902  1.00 17.95 ? 167 VAL A N   1 
ATOM   1202 C  CA  . VAL A 1 173 ? 2.708   -9.339  -4.945  1.00 17.86 ? 167 VAL A CA  1 
ATOM   1203 C  C   . VAL A 1 173 ? 3.234   -9.778  -6.315  1.00 18.29 ? 167 VAL A C   1 
ATOM   1204 O  O   . VAL A 1 173 ? 4.444   -9.772  -6.563  1.00 18.37 ? 167 VAL A O   1 
ATOM   1205 C  CB  . VAL A 1 173 ? 2.872   -7.808  -4.745  1.00 17.93 ? 167 VAL A CB  1 
ATOM   1206 C  CG1 . VAL A 1 173 ? 2.195   -7.026  -5.865  1.00 17.43 ? 167 VAL A CG1 1 
ATOM   1207 C  CG2 . VAL A 1 173 ? 2.315   -7.373  -3.390  1.00 17.69 ? 167 VAL A CG2 1 
ATOM   1208 N  N   . ARG A 1 174 ? 2.311   -10.156 -7.199  1.00 18.07 ? 168 ARG A N   1 
ATOM   1209 C  CA  . ARG A 1 174 ? 2.656   -10.644 -8.529  1.00 17.91 ? 168 ARG A CA  1 
ATOM   1210 C  C   . ARG A 1 174 ? 1.991   -9.824  -9.624  1.00 17.84 ? 168 ARG A C   1 
ATOM   1211 O  O   . ARG A 1 174 ? 0.848   -9.378  -9.467  1.00 18.09 ? 168 ARG A O   1 
ATOM   1212 C  CB  . ARG A 1 174 ? 2.237   -12.114 -8.685  1.00 17.82 ? 168 ARG A CB  1 
ATOM   1213 C  CG  . ARG A 1 174 ? 3.055   -13.094 -7.862  1.00 18.15 ? 168 ARG A CG  1 
ATOM   1214 C  CD  . ARG A 1 174 ? 2.729   -14.541 -8.215  1.00 18.57 ? 168 ARG A CD  1 
ATOM   1215 N  NE  . ARG A 1 174 ? 1.327   -14.866 -7.962  1.00 18.16 ? 168 ARG A NE  1 
ATOM   1216 C  CZ  . ARG A 1 174 ? 0.621   -15.742 -8.667  1.00 18.71 ? 168 ARG A CZ  1 
ATOM   1217 N  NH1 . ARG A 1 174 ? 1.174   -16.402 -9.684  1.00 18.70 ? 168 ARG A NH1 1 
ATOM   1218 N  NH2 . ARG A 1 174 ? -0.648  -15.956 -8.361  1.00 18.78 ? 168 ARG A NH2 1 
ATOM   1219 N  N   . VAL A 1 175 ? 2.719   -9.620  -10.719 1.00 17.43 ? 169 VAL A N   1 
ATOM   1220 C  CA  . VAL A 1 175 ? 2.115   -9.250  -11.999 1.00 17.08 ? 169 VAL A CA  1 
ATOM   1221 C  C   . VAL A 1 175 ? 2.194   -10.490 -12.881 1.00 16.62 ? 169 VAL A C   1 
ATOM   1222 O  O   . VAL A 1 175 ? 3.286   -10.994 -13.174 1.00 17.08 ? 169 VAL A O   1 
ATOM   1223 C  CB  . VAL A 1 175 ? 2.834   -8.070  -12.704 1.00 17.23 ? 169 VAL A CB  1 
ATOM   1224 C  CG1 . VAL A 1 175 ? 2.167   -7.766  -14.040 1.00 16.86 ? 169 VAL A CG1 1 
ATOM   1225 C  CG2 . VAL A 1 175 ? 2.849   -6.826  -11.821 1.00 17.26 ? 169 VAL A CG2 1 
ATOM   1226 N  N   . LEU A 1 176 ? 1.037   -11.003 -13.276 1.00 15.96 ? 170 LEU A N   1 
ATOM   1227 C  CA  . LEU A 1 176 ? 0.992   -12.130 -14.192 1.00 15.67 ? 170 LEU A CA  1 
ATOM   1228 C  C   . LEU A 1 176 ? 1.355   -11.661 -15.596 1.00 15.78 ? 170 LEU A C   1 
ATOM   1229 O  O   . LEU A 1 176 ? 2.081   -12.345 -16.310 1.00 15.74 ? 170 LEU A O   1 
ATOM   1230 C  CB  . LEU A 1 176 ? -0.377  -12.820 -14.161 1.00 15.46 ? 170 LEU A CB  1 
ATOM   1231 C  CG  . LEU A 1 176 ? -0.686  -13.761 -12.981 1.00 15.31 ? 170 LEU A CG  1 
ATOM   1232 C  CD1 . LEU A 1 176 ? 0.421   -14.775 -12.759 1.00 14.95 ? 170 LEU A CD1 1 
ATOM   1233 C  CD2 . LEU A 1 176 ? -0.967  -12.998 -11.689 1.00 15.18 ? 170 LEU A CD2 1 
ATOM   1234 N  N   . TYR A 1 177 ? 0.857   -10.483 -15.973 1.00 15.69 ? 171 TYR A N   1 
ATOM   1235 C  CA  . TYR A 1 177 ? 1.216   -9.838  -17.227 1.00 15.77 ? 171 TYR A CA  1 
ATOM   1236 C  C   . TYR A 1 177 ? 0.601   -8.443  -17.272 1.00 16.32 ? 171 TYR A C   1 
ATOM   1237 O  O   . TYR A 1 177 ? -0.311  -8.122  -16.504 1.00 16.59 ? 171 TYR A O   1 
ATOM   1238 C  CB  . TYR A 1 177 ? 0.747   -10.668 -18.430 1.00 15.86 ? 171 TYR A CB  1 
ATOM   1239 C  CG  . TYR A 1 177 ? -0.663  -11.177 -18.289 1.00 15.83 ? 171 TYR A CG  1 
ATOM   1240 C  CD1 . TYR A 1 177 ? -1.748  -10.343 -18.532 1.00 15.97 ? 171 TYR A CD1 1 
ATOM   1241 C  CD2 . TYR A 1 177 ? -0.915  -12.496 -17.900 1.00 15.85 ? 171 TYR A CD2 1 
ATOM   1242 C  CE1 . TYR A 1 177 ? -3.049  -10.799 -18.399 1.00 16.20 ? 171 TYR A CE1 1 
ATOM   1243 C  CE2 . TYR A 1 177 ? -2.215  -12.965 -17.763 1.00 15.88 ? 171 TYR A CE2 1 
ATOM   1244 C  CZ  . TYR A 1 177 ? -3.279  -12.110 -18.016 1.00 16.25 ? 171 TYR A CZ  1 
ATOM   1245 O  OH  . TYR A 1 177 ? -4.585  -12.546 -17.886 1.00 16.45 ? 171 TYR A OH  1 
ATOM   1246 N  N   . GLY A 1 178 ? 1.101   -7.610  -18.177 1.00 16.41 ? 172 GLY A N   1 
ATOM   1247 C  CA  . GLY A 1 178 ? 0.604   -6.252  -18.312 1.00 17.06 ? 172 GLY A CA  1 
ATOM   1248 C  C   . GLY A 1 178 ? 1.510   -5.408  -19.171 1.00 17.45 ? 172 GLY A C   1 
ATOM   1249 O  O   . GLY A 1 178 ? 2.671   -5.752  -19.400 1.00 17.74 ? 172 GLY A O   1 
ATOM   1250 N  N   . ARG A 1 179 ? 0.974   -4.296  -19.656 1.00 18.08 ? 173 ARG A N   1 
ATOM   1251 C  CA  . ARG A 1 179 ? 1.723   -3.434  -20.563 1.00 18.23 ? 173 ARG A CA  1 
ATOM   1252 C  C   . ARG A 1 179 ? 1.789   -2.006  -20.022 1.00 17.76 ? 173 ARG A C   1 
ATOM   1253 O  O   . ARG A 1 179 ? 2.875   -1.443  -19.876 1.00 18.05 ? 173 ARG A O   1 
ATOM   1254 C  CB  . ARG A 1 179 ? 1.103   -3.485  -21.962 1.00 18.39 ? 173 ARG A CB  1 
ATOM   1255 C  CG  . ARG A 1 179 ? 1.892   -2.748  -23.024 1.00 18.86 ? 173 ARG A CG  1 
ATOM   1256 C  CD  . ARG A 1 179 ? 1.167   -2.762  -24.361 1.00 18.89 ? 173 ARG A CD  1 
ATOM   1257 N  NE  . ARG A 1 179 ? 1.882   -1.949  -25.338 1.00 19.21 ? 173 ARG A NE  1 
ATOM   1258 C  CZ  . ARG A 1 179 ? 1.743   -0.630  -25.467 1.00 19.07 ? 173 ARG A CZ  1 
ATOM   1259 N  NH1 . ARG A 1 179 ? 0.904   0.040   -24.686 1.00 19.21 ? 173 ARG A NH1 1 
ATOM   1260 N  NH2 . ARG A 1 179 ? 2.443   0.021   -26.382 1.00 19.03 ? 173 ARG A NH2 1 
ATOM   1261 N  N   . ASP A 1 180 ? 0.630   -1.440  -19.702 1.00 17.47 ? 174 ASP A N   1 
ATOM   1262 C  CA  . ASP A 1 180 ? 0.545   -0.052  -19.249 1.00 17.65 ? 174 ASP A CA  1 
ATOM   1263 C  C   . ASP A 1 180 ? 1.019   0.093   -17.801 1.00 17.57 ? 174 ASP A C   1 
ATOM   1264 O  O   . ASP A 1 180 ? 0.538   -0.620  -16.918 1.00 17.94 ? 174 ASP A O   1 
ATOM   1265 C  CB  . ASP A 1 180 ? -0.881  0.480   -19.428 1.00 17.57 ? 174 ASP A CB  1 
ATOM   1266 C  CG  . ASP A 1 180 ? -1.015  1.942   -19.042 1.00 17.69 ? 174 ASP A CG  1 
ATOM   1267 O  OD1 . ASP A 1 180 ? -0.888  2.816   -19.923 1.00 17.56 ? 174 ASP A OD1 1 
ATOM   1268 O  OD2 . ASP A 1 180 ? -1.238  2.219   -17.851 1.00 18.18 ? 174 ASP A OD2 1 
ATOM   1269 N  N   . PRO A 1 181 ? 1.970   1.013   -17.561 1.00 17.71 ? 175 PRO A N   1 
ATOM   1270 C  CA  . PRO A 1 181 ? 2.576   1.221   -16.244 1.00 17.52 ? 175 PRO A CA  1 
ATOM   1271 C  C   . PRO A 1 181 ? 1.586   1.715   -15.183 1.00 17.59 ? 175 PRO A C   1 
ATOM   1272 O  O   . PRO A 1 181 ? 1.713   1.357   -14.011 1.00 17.16 ? 175 PRO A O   1 
ATOM   1273 C  CB  . PRO A 1 181 ? 3.648   2.282   -16.515 1.00 17.53 ? 175 PRO A CB  1 
ATOM   1274 C  CG  . PRO A 1 181 ? 3.207   2.973   -17.756 1.00 17.70 ? 175 PRO A CG  1 
ATOM   1275 C  CD  . PRO A 1 181 ? 2.555   1.909   -18.577 1.00 17.91 ? 175 PRO A CD  1 
ATOM   1276 N  N   . HIS A 1 182 ? 0.614   2.527   -15.593 1.00 17.46 ? 176 HIS A N   1 
ATOM   1277 C  CA  . HIS A 1 182 ? -0.448  2.979   -14.698 1.00 17.87 ? 176 HIS A CA  1 
ATOM   1278 C  C   . HIS A 1 182 ? -1.333  1.779   -14.313 1.00 17.41 ? 176 HIS A C   1 
ATOM   1279 O  O   . HIS A 1 182 ? -1.684  1.619   -13.146 1.00 17.54 ? 176 HIS A O   1 
ATOM   1280 C  CB  . HIS A 1 182 ? -1.260  4.093   -15.377 1.00 18.16 ? 176 HIS A CB  1 
ATOM   1281 C  CG  . HIS A 1 182 ? -2.277  4.756   -14.499 1.00 18.61 ? 176 HIS A CG  1 
ATOM   1282 N  ND1 . HIS A 1 182 ? -2.404  6.126   -14.421 1.00 18.81 ? 176 HIS A ND1 1 
ATOM   1283 C  CD2 . HIS A 1 182 ? -3.245  4.245   -13.698 1.00 19.13 ? 176 HIS A CD2 1 
ATOM   1284 C  CE1 . HIS A 1 182 ? -3.390  6.431   -13.596 1.00 19.05 ? 176 HIS A CE1 1 
ATOM   1285 N  NE2 . HIS A 1 182 ? -3.915  5.307   -13.139 1.00 18.82 ? 176 HIS A NE2 1 
ATOM   1286 N  N   . HIS A 1 183 ? -1.665  0.934   -15.288 1.00 16.73 ? 177 HIS A N   1 
ATOM   1287 C  CA  . HIS A 1 183 ? -2.477  -0.268  -15.032 1.00 16.35 ? 177 HIS A CA  1 
ATOM   1288 C  C   . HIS A 1 183 ? -1.740  -1.295  -14.189 1.00 16.11 ? 177 HIS A C   1 
ATOM   1289 O  O   . HIS A 1 183 ? -2.308  -1.836  -13.244 1.00 15.88 ? 177 HIS A O   1 
ATOM   1290 C  CB  . HIS A 1 183 ? -2.937  -0.925  -16.335 1.00 16.35 ? 177 HIS A CB  1 
ATOM   1291 C  CG  . HIS A 1 183 ? -3.867  -0.079  -17.145 1.00 16.64 ? 177 HIS A CG  1 
ATOM   1292 N  ND1 . HIS A 1 183 ? -4.149  -0.344  -18.467 1.00 16.84 ? 177 HIS A ND1 1 
ATOM   1293 C  CD2 . HIS A 1 183 ? -4.573  1.033   -16.825 1.00 16.64 ? 177 HIS A CD2 1 
ATOM   1294 C  CE1 . HIS A 1 183 ? -4.999  0.561   -18.924 1.00 16.95 ? 177 HIS A CE1 1 
ATOM   1295 N  NE2 . HIS A 1 183 ? -5.270  1.409   -17.947 1.00 16.69 ? 177 HIS A NE2 1 
ATOM   1296 N  N   . ILE A 1 184 ? -0.480  -1.562  -14.538 1.00 16.03 ? 178 ILE A N   1 
ATOM   1297 C  CA  . ILE A 1 184 ? 0.343   -2.522  -13.801 1.00 15.98 ? 178 ILE A CA  1 
ATOM   1298 C  C   . ILE A 1 184 ? 0.429   -2.096  -12.340 1.00 16.17 ? 178 ILE A C   1 
ATOM   1299 O  O   . ILE A 1 184 ? 0.184   -2.901  -11.446 1.00 16.61 ? 178 ILE A O   1 
ATOM   1300 C  CB  . ILE A 1 184 ? 1.747   -2.681  -14.424 1.00 15.84 ? 178 ILE A CB  1 
ATOM   1301 C  CG1 . ILE A 1 184 ? 1.646   -3.400  -15.770 1.00 15.68 ? 178 ILE A CG1 1 
ATOM   1302 C  CG2 . ILE A 1 184 ? 2.673   -3.478  -13.510 1.00 16.14 ? 178 ILE A CG2 1 
ATOM   1303 C  CD1 . ILE A 1 184 ? 2.784   -3.091  -16.720 1.00 15.46 ? 178 ILE A CD1 1 
ATOM   1304 N  N   . THR A 1 185 ? 0.740   -0.823  -12.117 1.00 16.25 ? 179 THR A N   1 
ATOM   1305 C  CA  . THR A 1 185 ? 0.907   -0.272  -10.777 1.00 16.11 ? 179 THR A CA  1 
ATOM   1306 C  C   . THR A 1 185 ? -0.404  -0.277  -9.977  1.00 16.43 ? 179 THR A C   1 
ATOM   1307 O  O   . THR A 1 185 ? -0.425  -0.716  -8.825  1.00 16.47 ? 179 THR A O   1 
ATOM   1308 C  CB  . THR A 1 185 ? 1.522   1.148   -10.833 1.00 15.84 ? 179 THR A CB  1 
ATOM   1309 O  OG1 . THR A 1 185 ? 2.785   1.083   -11.500 1.00 15.51 ? 179 THR A OG1 1 
ATOM   1310 C  CG2 . THR A 1 185 ? 1.739   1.729   -9.429  1.00 15.70 ? 179 THR A CG2 1 
ATOM   1311 N  N   . GLU A 1 186 ? -1.488  0.189   -10.590 1.00 16.49 ? 180 GLU A N   1 
ATOM   1312 C  CA  . GLU A 1 186 ? -2.764  0.293   -9.899  1.00 16.85 ? 180 GLU A CA  1 
ATOM   1313 C  C   . GLU A 1 186 ? -3.347  -1.077  -9.545  1.00 16.77 ? 180 GLU A C   1 
ATOM   1314 O  O   . GLU A 1 186 ? -3.851  -1.287  -8.428  1.00 16.24 ? 180 GLU A O   1 
ATOM   1315 C  CB  . GLU A 1 186 ? -3.751  1.091   -10.737 1.00 17.56 ? 180 GLU A CB  1 
ATOM   1316 C  CG  . GLU A 1 186 ? -5.021  1.442   -9.991  1.00 18.65 ? 180 GLU A CG  1 
ATOM   1317 C  CD  . GLU A 1 186 ? -5.825  2.517   -10.681 1.00 19.33 ? 180 GLU A CD  1 
ATOM   1318 O  OE1 . GLU A 1 186 ? -5.266  3.210   -11.550 1.00 19.60 ? 180 GLU A OE1 1 
ATOM   1319 O  OE2 . GLU A 1 186 ? -7.018  2.670   -10.348 1.00 20.28 ? 180 GLU A OE2 1 
ATOM   1320 N  N   . ALA A 1 187 ? -3.273  -2.004  -10.496 1.00 16.54 ? 181 ALA A N   1 
ATOM   1321 C  CA  . ALA A 1 187 ? -3.740  -3.367  -10.256 1.00 16.68 ? 181 ALA A CA  1 
ATOM   1322 C  C   . ALA A 1 187 ? -3.019  -3.968  -9.050  1.00 16.59 ? 181 ALA A C   1 
ATOM   1323 O  O   . ALA A 1 187 ? -3.650  -4.574  -8.196  1.00 16.64 ? 181 ALA A O   1 
ATOM   1324 C  CB  . ALA A 1 187 ? -3.567  -4.233  -11.495 1.00 16.71 ? 181 ALA A CB  1 
ATOM   1325 N  N   . GLN A 1 188 ? -1.707  -3.765  -8.963  1.00 16.70 ? 182 GLN A N   1 
ATOM   1326 C  CA  . GLN A 1 188 ? -0.943  -4.221  -7.803  1.00 16.69 ? 182 GLN A CA  1 
ATOM   1327 C  C   . GLN A 1 188 ? -1.449  -3.620  -6.480  1.00 16.56 ? 182 GLN A C   1 
ATOM   1328 O  O   . GLN A 1 188 ? -1.739  -4.357  -5.542  1.00 15.87 ? 182 GLN A O   1 
ATOM   1329 C  CB  . GLN A 1 188 ? 0.551   -3.956  -8.000  1.00 17.07 ? 182 GLN A CB  1 
ATOM   1330 C  CG  . GLN A 1 188 ? 1.223   -4.934  -8.951  1.00 17.31 ? 182 GLN A CG  1 
ATOM   1331 C  CD  . GLN A 1 188 ? 2.685   -4.609  -9.182  1.00 17.80 ? 182 GLN A CD  1 
ATOM   1332 O  OE1 . GLN A 1 188 ? 3.565   -5.220  -8.580  1.00 17.84 ? 182 GLN A OE1 1 
ATOM   1333 N  NE2 . GLN A 1 188 ? 2.953   -3.646  -10.061 1.00 17.79 ? 182 GLN A NE2 1 
ATOM   1334 N  N   . TYR A 1 189 ? -1.573  -2.295  -6.410  1.00 16.91 ? 183 TYR A N   1 
ATOM   1335 C  CA  . TYR A 1 189 ? -2.075  -1.638  -5.192  1.00 17.06 ? 183 TYR A CA  1 
ATOM   1336 C  C   . TYR A 1 189 ? -3.480  -2.143  -4.820  1.00 17.32 ? 183 TYR A C   1 
ATOM   1337 O  O   . TYR A 1 189 ? -3.755  -2.462  -3.660  1.00 17.68 ? 183 TYR A O   1 
ATOM   1338 C  CB  . TYR A 1 189 ? -2.116  -0.126  -5.370  1.00 16.85 ? 183 TYR A CB  1 
ATOM   1339 C  CG  . TYR A 1 189 ? -0.836  0.614   -5.055  1.00 17.08 ? 183 TYR A CG  1 
ATOM   1340 C  CD1 . TYR A 1 189 ? 0.104   0.881   -6.058  1.00 16.90 ? 183 TYR A CD1 1 
ATOM   1341 C  CD2 . TYR A 1 189 ? -0.577  1.087   -3.765  1.00 16.92 ? 183 TYR A CD2 1 
ATOM   1342 C  CE1 . TYR A 1 189 ? 1.266   1.583   -5.789  1.00 16.84 ? 183 TYR A CE1 1 
ATOM   1343 C  CE2 . TYR A 1 189 ? 0.590   1.793   -3.485  1.00 17.21 ? 183 TYR A CE2 1 
ATOM   1344 C  CZ  . TYR A 1 189 ? 1.503   2.039   -4.504  1.00 17.02 ? 183 TYR A CZ  1 
ATOM   1345 O  OH  . TYR A 1 189 ? 2.660   2.729   -4.245  1.00 17.19 ? 183 TYR A OH  1 
ATOM   1346 N  N   . LYS A 1 190 ? -4.365  -2.213  -5.809  1.00 17.35 ? 184 LYS A N   1 
ATOM   1347 C  CA  . LYS A 1 190 ? -5.692  -2.774  -5.601  1.00 17.61 ? 184 LYS A CA  1 
ATOM   1348 C  C   . LYS A 1 190 ? -5.633  -4.226  -5.152  1.00 17.74 ? 184 LYS A C   1 
ATOM   1349 O  O   . LYS A 1 190 ? -6.483  -4.657  -4.369  1.00 17.99 ? 184 LYS A O   1 
ATOM   1350 C  CB  . LYS A 1 190 ? -6.543  -2.653  -6.864  1.00 17.95 ? 184 LYS A CB  1 
ATOM   1351 C  CG  . LYS A 1 190 ? -7.033  -1.240  -7.133  1.00 18.35 ? 184 LYS A CG  1 
ATOM   1352 C  CD  . LYS A 1 190 ? -7.821  -1.177  -8.426  1.00 18.92 ? 184 LYS A CD  1 
ATOM   1353 C  CE  . LYS A 1 190 ? -8.298  0.237   -8.687  1.00 19.37 ? 184 LYS A CE  1 
ATOM   1354 N  NZ  . LYS A 1 190 ? -9.067  0.290   -9.960  1.00 20.10 ? 184 LYS A NZ  1 
ATOM   1355 N  N   . ALA A 1 191 ? -4.634  -4.968  -5.641  1.00 17.41 ? 185 ALA A N   1 
ATOM   1356 C  CA  . ALA A 1 191 ? -4.485  -6.384  -5.306  1.00 17.64 ? 185 ALA A CA  1 
ATOM   1357 C  C   . ALA A 1 191 ? -4.126  -6.559  -3.840  1.00 18.04 ? 185 ALA A C   1 
ATOM   1358 O  O   . ALA A 1 191 ? -4.729  -7.385  -3.141  1.00 18.16 ? 185 ALA A O   1 
ATOM   1359 C  CB  . ALA A 1 191 ? -3.456  -7.062  -6.203  1.00 16.96 ? 185 ALA A CB  1 
ATOM   1360 N  N   . VAL A 1 192 ? -3.138  -5.778  -3.396  1.00 17.92 ? 186 VAL A N   1 
ATOM   1361 C  CA  . VAL A 1 192 ? -2.738  -5.684  -1.998  1.00 17.86 ? 186 VAL A CA  1 
ATOM   1362 C  C   . VAL A 1 192 ? -3.938  -5.325  -1.121  1.00 18.91 ? 186 VAL A C   1 
ATOM   1363 O  O   . VAL A 1 192 ? -4.166  -5.952  -0.084  1.00 19.22 ? 186 VAL A O   1 
ATOM   1364 C  CB  . VAL A 1 192 ? -1.618  -4.630  -1.821  1.00 17.66 ? 186 VAL A CB  1 
ATOM   1365 C  CG1 . VAL A 1 192 ? -1.275  -4.422  -0.348  1.00 16.94 ? 186 VAL A CG1 1 
ATOM   1366 C  CG2 . VAL A 1 192 ? -0.377  -5.043  -2.602  1.00 16.98 ? 186 VAL A CG2 1 
ATOM   1367 N  N   . ALA A 1 193 ? -4.712  -4.332  -1.566  1.00 19.64 ? 187 ALA A N   1 
ATOM   1368 C  CA  . ALA A 1 193 ? -5.876  -3.838  -0.835  1.00 20.31 ? 187 ALA A CA  1 
ATOM   1369 C  C   . ALA A 1 193 ? -6.907  -4.924  -0.531  1.00 20.99 ? 187 ALA A C   1 
ATOM   1370 O  O   . ALA A 1 193 ? -7.336  -5.072  0.615   1.00 20.67 ? 187 ALA A O   1 
ATOM   1371 C  CB  . ALA A 1 193 ? -6.523  -2.689  -1.587  1.00 19.73 ? 187 ALA A CB  1 
ATOM   1372 N  N   . ARG A 1 194 ? -7.297  -5.682  -1.551  1.00 21.83 ? 188 ARG A N   1 
ATOM   1373 C  CA  . ARG A 1 194 ? -8.336  -6.690  -1.377  1.00 22.62 ? 188 ARG A CA  1 
ATOM   1374 C  C   . ARG A 1 194 ? -7.837  -7.965  -0.715  1.00 22.34 ? 188 ARG A C   1 
ATOM   1375 O  O   . ARG A 1 194 ? -8.627  -8.695  -0.113  1.00 22.34 ? 188 ARG A O   1 
ATOM   1376 C  CB  . ARG A 1 194 ? -9.025  -6.991  -2.694  1.00 23.96 ? 188 ARG A CB  1 
ATOM   1377 C  CG  . ARG A 1 194 ? -9.796  -5.795  -3.202  1.00 26.90 ? 188 ARG A CG  1 
ATOM   1378 C  CD  . ARG A 1 194 ? -10.798 -6.144  -4.282  1.00 28.58 ? 188 ARG A CD  1 
ATOM   1379 N  NE  . ARG A 1 194 ? -11.698 -5.005  -4.434  1.00 32.10 ? 188 ARG A NE  1 
ATOM   1380 C  CZ  . ARG A 1 194 ? -12.948 -4.954  -3.983  1.00 32.39 ? 188 ARG A CZ  1 
ATOM   1381 N  NH1 . ARG A 1 194 ? -13.499 -6.002  -3.373  1.00 31.95 ? 188 ARG A NH1 1 
ATOM   1382 N  NH2 . ARG A 1 194 ? -13.657 -3.850  -4.168  1.00 33.04 ? 188 ARG A NH2 1 
ATOM   1383 N  N   . ALA A 1 195 ? -6.534  -8.229  -0.830  1.00 22.04 ? 189 ALA A N   1 
ATOM   1384 C  CA  . ALA A 1 195 ? -5.903  -9.339  -0.119  1.00 21.51 ? 189 ALA A CA  1 
ATOM   1385 C  C   . ALA A 1 195 ? -5.938  -9.009  1.360   1.00 21.36 ? 189 ALA A C   1 
ATOM   1386 O  O   . ALA A 1 195 ? -6.362  -9.823  2.175   1.00 20.83 ? 189 ALA A O   1 
ATOM   1387 C  CB  . ALA A 1 195 ? -4.472  -9.544  -0.592  1.00 21.68 ? 189 ALA A CB  1 
ATOM   1388 N  N   . LEU A 1 196 ? -5.514  -7.788  1.680   1.00 21.75 ? 190 LEU A N   1 
ATOM   1389 C  CA  . LEU A 1 196 ? -5.603  -7.238  3.028   1.00 22.39 ? 190 LEU A CA  1 
ATOM   1390 C  C   . LEU A 1 196 ? -7.024  -7.271  3.587   1.00 23.10 ? 190 LEU A C   1 
ATOM   1391 O  O   . LEU A 1 196 ? -7.233  -7.679  4.732   1.00 23.43 ? 190 LEU A O   1 
ATOM   1392 C  CB  . LEU A 1 196 ? -5.076  -5.801  3.042   1.00 22.20 ? 190 LEU A CB  1 
ATOM   1393 C  CG  . LEU A 1 196 ? -3.761  -5.431  3.736   1.00 22.45 ? 190 LEU A CG  1 
ATOM   1394 C  CD1 . LEU A 1 196 ? -2.731  -6.557  3.814   1.00 21.53 ? 190 LEU A CD1 1 
ATOM   1395 C  CD2 . LEU A 1 196 ? -3.171  -4.181  3.093   1.00 22.07 ? 190 LEU A CD2 1 
ATOM   1396 N  N   . ARG A 1 197 ? -7.995  -6.852  2.779   1.00 23.55 ? 191 ARG A N   1 
ATOM   1397 C  CA  . ARG A 1 197 ? -9.377  -6.787  3.229   1.00 24.38 ? 191 ARG A CA  1 
ATOM   1398 C  C   . ARG A 1 197 ? -9.901  -8.149  3.674   1.00 25.09 ? 191 ARG A C   1 
ATOM   1399 O  O   . ARG A 1 197 ? -10.476 -8.272  4.757   1.00 26.38 ? 191 ARG A O   1 
ATOM   1400 C  CB  . ARG A 1 197 ? -10.278 -6.207  2.153   1.00 24.98 ? 191 ARG A CB  1 
ATOM   1401 C  CG  . ARG A 1 197 ? -11.723 -6.187  2.593   1.00 25.63 ? 191 ARG A CG  1 
ATOM   1402 C  CD  . ARG A 1 197 ? -12.657 -5.908  1.444   1.00 26.37 ? 191 ARG A CD  1 
ATOM   1403 N  NE  . ARG A 1 197 ? -13.993 -6.388  1.777   1.00 26.81 ? 191 ARG A NE  1 
ATOM   1404 C  CZ  . ARG A 1 197 ? -15.105 -5.997  1.169   1.00 27.02 ? 191 ARG A CZ  1 
ATOM   1405 N  NH1 . ARG A 1 197 ? -15.062 -5.094  0.185   1.00 25.93 ? 191 ARG A NH1 1 
ATOM   1406 N  NH2 . ARG A 1 197 ? -16.263 -6.512  1.561   1.00 27.31 ? 191 ARG A NH2 1 
ATOM   1407 N  N   . GLN A 1 198 ? -9.691  -9.162  2.837   1.00 24.87 ? 192 GLN A N   1 
ATOM   1408 C  CA  . GLN A 1 198 ? -10.076 -10.535 3.145   1.00 24.00 ? 192 GLN A CA  1 
ATOM   1409 C  C   . GLN A 1 198 ? -9.387  -11.062 4.408   1.00 24.55 ? 192 GLN A C   1 
ATOM   1410 O  O   . GLN A 1 198 ? -10.018 -11.724 5.243   1.00 24.86 ? 192 GLN A O   1 
ATOM   1411 C  CB  . GLN A 1 198 ? -9.758  -11.448 1.962   1.00 23.77 ? 192 GLN A CB  1 
ATOM   1412 C  CG  . GLN A 1 198 ? -10.303 -12.857 2.111   1.00 23.62 ? 192 GLN A CG  1 
ATOM   1413 C  CD  . GLN A 1 198 ? -10.093 -13.685 0.871   1.00 23.39 ? 192 GLN A CD  1 
ATOM   1414 O  OE1 . GLN A 1 198 ? -8.959  -13.956 0.469   1.00 23.42 ? 192 GLN A OE1 1 
ATOM   1415 N  NE2 . GLN A 1 198 ? -11.185 -14.090 0.251   1.00 22.79 ? 192 GLN A NE2 1 
ATOM   1416 N  N   . ALA A 1 199 ? -8.101  -10.756 4.545   1.00 24.43 ? 193 ALA A N   1 
ATOM   1417 C  CA  . ALA A 1 199 ? -7.301  -11.237 5.665   1.00 24.89 ? 193 ALA A CA  1 
ATOM   1418 C  C   . ALA A 1 199 ? -7.751  -10.673 7.029   1.00 25.75 ? 193 ALA A C   1 
ATOM   1419 O  O   . ALA A 1 199 ? -7.859  -11.419 8.009   1.00 25.30 ? 193 ALA A O   1 
ATOM   1420 C  CB  . ALA A 1 199 ? -5.832  -10.946 5.413   1.00 24.57 ? 193 ALA A CB  1 
ATOM   1421 N  N   . VAL A 1 200 ? -8.027  -9.370  7.079   1.00 26.42 ? 194 VAL A N   1 
ATOM   1422 C  CA  . VAL A 1 200 ? -8.363  -8.695  8.339   1.00 27.14 ? 194 VAL A CA  1 
ATOM   1423 C  C   . VAL A 1 200 ? -9.763  -9.006  8.875   1.00 28.54 ? 194 VAL A C   1 
ATOM   1424 O  O   . VAL A 1 200 ? -10.050 -8.739  10.046  1.00 29.16 ? 194 VAL A O   1 
ATOM   1425 C  CB  . VAL A 1 200 ? -8.183  -7.155  8.262   1.00 26.58 ? 194 VAL A CB  1 
ATOM   1426 C  CG1 . VAL A 1 200 ? -6.760  -6.793  7.872   1.00 26.60 ? 194 VAL A CG1 1 
ATOM   1427 C  CG2 . VAL A 1 200 ? -9.193  -6.514  7.321   1.00 26.04 ? 194 VAL A CG2 1 
ATOM   1428 N  N   . GLU A 1 201 ? -10.626 -9.554  8.020   1.00 29.69 ? 195 GLU A N   1 
ATOM   1429 C  CA  . GLU A 1 201 ? -12.014 -9.834  8.386   1.00 31.44 ? 195 GLU A CA  1 
ATOM   1430 C  C   . GLU A 1 201 ? -12.124 -10.911 9.468   1.00 32.80 ? 195 GLU A C   1 
ATOM   1431 O  O   . GLU A 1 201 ? -11.353 -11.875 9.463   1.00 32.18 ? 195 GLU A O   1 
ATOM   1432 C  CB  . GLU A 1 201 ? -12.835 -10.226 7.151   1.00 32.46 ? 195 GLU A CB  1 
ATOM   1433 C  CG  . GLU A 1 201 ? -13.346 -9.031  6.349   1.00 33.92 ? 195 GLU A CG  1 
ATOM   1434 C  CD  . GLU A 1 201 ? -13.943 -9.400  4.994   1.00 34.35 ? 195 GLU A CD  1 
ATOM   1435 O  OE1 . GLU A 1 201 ? -13.865 -10.578 4.579   1.00 33.94 ? 195 GLU A OE1 1 
ATOM   1436 O  OE2 . GLU A 1 201 ? -14.497 -8.491  4.336   1.00 35.62 ? 195 GLU A OE2 1 
ATOM   1437 N  N   . PRO A 1 202 ? -13.075 -10.742 10.408  1.00 34.75 ? 196 PRO A N   1 
ATOM   1438 C  CA  . PRO A 1 202 ? -13.299 -11.741 11.451  1.00 36.14 ? 196 PRO A CA  1 
ATOM   1439 C  C   . PRO A 1 202 ? -13.636 -13.107 10.859  1.00 37.54 ? 196 PRO A C   1 
ATOM   1440 O  O   . PRO A 1 202 ? -14.372 -13.190 9.872   1.00 37.10 ? 196 PRO A O   1 
ATOM   1441 C  CB  . PRO A 1 202 ? -14.505 -11.183 12.222  1.00 36.70 ? 196 PRO A CB  1 
ATOM   1442 C  CG  . PRO A 1 202 ? -15.156 -10.207 11.295  1.00 36.15 ? 196 PRO A CG  1 
ATOM   1443 C  CD  . PRO A 1 202 ? -14.012 -9.608  10.534  1.00 35.75 ? 196 PRO A CD  1 
ATOM   1444 N  N   . ASP A 1 203 ? -13.078 -14.159 11.447  1.00 39.86 ? 197 ASP A N   1 
ATOM   1445 C  CA  . ASP A 1 203 ? -13.371 -15.523 11.036  1.00 42.60 ? 197 ASP A CA  1 
ATOM   1446 C  C   . ASP A 1 203 ? -14.340 -16.148 12.031  1.00 45.96 ? 197 ASP A C   1 
ATOM   1447 O  O   . ASP A 1 203 ? -14.033 -16.240 13.224  1.00 47.69 ? 197 ASP A O   1 
ATOM   1448 C  CB  . ASP A 1 203 ? -12.091 -16.355 10.951  1.00 43.05 ? 197 ASP A CB  1 
ATOM   1449 C  CG  . ASP A 1 203 ? -12.306 -17.688 10.259  1.00 43.83 ? 197 ASP A CG  1 
ATOM   1450 O  OD1 . ASP A 1 203 ? -13.243 -18.422 10.627  1.00 45.19 ? 197 ASP A OD1 1 
ATOM   1451 O  OD2 . ASP A 1 203 ? -11.532 -18.014 9.341   1.00 44.26 ? 197 ASP A OD2 1 
ATOM   1452 N  N   . PRO A 1 204 ? -15.511 -16.594 11.543  1.00 48.17 ? 198 PRO A N   1 
ATOM   1453 C  CA  . PRO A 1 204 ? -16.570 -17.126 12.405  1.00 50.18 ? 198 PRO A CA  1 
ATOM   1454 C  C   . PRO A 1 204 ? -16.361 -18.585 12.868  1.00 50.31 ? 198 PRO A C   1 
ATOM   1455 O  O   . PRO A 1 204 ? -17.339 -19.304 13.091  1.00 50.31 ? 198 PRO A O   1 
ATOM   1456 C  CB  . PRO A 1 204 ? -17.814 -17.011 11.515  1.00 51.86 ? 198 PRO A CB  1 
ATOM   1457 C  CG  . PRO A 1 204 ? -17.287 -17.168 10.124  1.00 50.50 ? 198 PRO A CG  1 
ATOM   1458 C  CD  . PRO A 1 204 ? -15.903 -16.584 10.118  1.00 48.32 ? 198 PRO A CD  1 
ATOM   1459 N  N   . ARG A 1 205 ? -15.106 -19.004 13.026  1.00 49.87 ? 199 ARG A N   1 
ATOM   1460 C  CA  . ARG A 1 205 ? -14.783 -20.401 13.339  1.00 49.45 ? 199 ARG A CA  1 
ATOM   1461 C  C   . ARG A 1 205 ? -13.806 -20.510 14.505  1.00 50.64 ? 199 ARG A C   1 
ATOM   1462 O  O   . ARG A 1 205 ? -12.851 -19.739 14.601  1.00 51.61 ? 199 ARG A O   1 
ATOM   1463 C  CB  . ARG A 1 205 ? -14.204 -21.113 12.108  1.00 48.19 ? 199 ARG A CB  1 
ATOM   1464 C  CG  . ARG A 1 205 ? -15.197 -21.415 10.990  1.00 46.31 ? 199 ARG A CG  1 
ATOM   1465 C  CD  . ARG A 1 205 ? -15.671 -22.860 11.037  1.00 46.89 ? 199 ARG A CD  1 
ATOM   1466 N  NE  . ARG A 1 205 ? -15.656 -23.463 9.705   1.00 47.16 ? 199 ARG A NE  1 
ATOM   1467 C  CZ  . ARG A 1 205 ? -15.543 -24.768 9.451   1.00 47.42 ? 199 ARG A CZ  1 
ATOM   1468 N  NH1 . ARG A 1 205 ? -15.433 -25.653 10.440  1.00 46.17 ? 199 ARG A NH1 1 
ATOM   1469 N  NH2 . ARG A 1 205 ? -15.534 -25.193 8.190   1.00 46.58 ? 199 ARG A NH2 1 
HETATM 1470 N  N1  . 3TR B 2 .   ? 17.154  7.676   0.470   1.00 31.52 ? 301 3TR A N1  1 
HETATM 1471 N  N2  . 3TR B 2 .   ? 17.224  7.312   1.829   1.00 32.17 ? 301 3TR A N2  1 
HETATM 1472 C  C3  . 3TR B 2 .   ? 16.630  6.114   1.842   1.00 31.82 ? 301 3TR A C3  1 
HETATM 1473 N  N4  . 3TR B 2 .   ? 16.193  5.684   0.648   1.00 31.38 ? 301 3TR A N4  1 
HETATM 1474 C  C5  . 3TR B 2 .   ? 16.525  6.680   -0.211  1.00 31.36 ? 301 3TR A C5  1 
HETATM 1475 N  N3A . 3TR B 2 .   ? 16.487  5.394   2.978   1.00 32.51 ? 301 3TR A N3A 1 
HETATM 1476 MN MN  . MN  C 3 .   ? 14.675  4.130   0.095   1.00 23.10 ? 302 MN  A MN  1 
HETATM 1477 MN MN  . MN  D 3 .   ? -5.929  5.251   -12.337 1.00 23.80 ? 303 MN  A MN  1 
HETATM 1478 MN MN  . MN  E 3 .   ? -1.876  -18.246 -10.252 0.33 40.65 ? 304 MN  A MN  1 
HETATM 1479 O  O   . HOH F 4 .   ? 13.474  12.191  -1.889  1.00 19.01 ? 501 HOH A O   1 
HETATM 1480 O  O   . HOH F 4 .   ? 10.920  -9.448  -4.178  1.00 24.66 ? 502 HOH A O   1 
HETATM 1481 O  O   . HOH F 4 .   ? 11.078  4.313   -12.334 1.00 16.11 ? 503 HOH A O   1 
HETATM 1482 O  O   . HOH F 4 .   ? 8.743   -1.420  -8.746  1.00 17.06 ? 504 HOH A O   1 
HETATM 1483 O  O   . HOH F 4 .   ? 5.994   -11.196 12.480  1.00 34.11 ? 505 HOH A O   1 
HETATM 1484 O  O   . HOH F 4 .   ? -7.537  -17.236 -5.755  0.33 18.08 ? 506 HOH A O   1 
HETATM 1485 O  O   . HOH F 4 .   ? -5.346  -14.636 -19.472 1.00 24.21 ? 507 HOH A O   1 
HETATM 1486 O  O   . HOH F 4 .   ? 5.047   15.200  -13.068 1.00 14.00 ? 508 HOH A O   1 
HETATM 1487 O  O   . HOH F 4 .   ? 10.223  13.299  -0.832  1.00 20.53 ? 509 HOH A O   1 
HETATM 1488 O  O   . HOH F 4 .   ? 3.603   -8.880  -19.352 1.00 17.09 ? 510 HOH A O   1 
HETATM 1489 O  O   . HOH F 4 .   ? 2.441   15.045  -11.473 1.00 20.34 ? 511 HOH A O   1 
HETATM 1490 O  O   . HOH F 4 .   ? 9.540   11.680  -7.927  1.00 17.23 ? 512 HOH A O   1 
HETATM 1491 O  O   . HOH F 4 .   ? 5.389   16.065  0.383   1.00 23.31 ? 513 HOH A O   1 
HETATM 1492 O  O   . HOH F 4 .   ? 8.646   -7.681  -10.034 1.00 23.76 ? 514 HOH A O   1 
HETATM 1493 O  O   . HOH F 4 .   ? -12.231 2.936   -10.744 1.00 32.31 ? 515 HOH A O   1 
HETATM 1494 O  O   . HOH F 4 .   ? -11.308 1.527   -8.836  1.00 17.16 ? 516 HOH A O   1 
HETATM 1495 O  O   . HOH F 4 .   ? -13.874 -27.344 7.795   1.00 21.10 ? 517 HOH A O   1 
HETATM 1496 O  O   . HOH F 4 .   ? 5.034   -5.554  -20.705 1.00 24.96 ? 518 HOH A O   1 
HETATM 1497 O  O   . HOH F 4 .   ? 2.800   11.607  -8.855  1.00 17.55 ? 519 HOH A O   1 
HETATM 1498 O  O   . HOH F 4 .   ? 10.090  -3.627  -12.520 1.00 19.52 ? 520 HOH A O   1 
HETATM 1499 O  O   . HOH F 4 .   ? -1.417  -0.954  -22.969 1.00 9.82  ? 521 HOH A O   1 
HETATM 1500 O  O   . HOH F 4 .   ? -0.265  5.328   -19.205 1.00 14.02 ? 522 HOH A O   1 
HETATM 1501 O  O   . HOH F 4 .   ? -1.110  -11.532 -21.956 1.00 24.28 ? 523 HOH A O   1 
HETATM 1502 O  O   . HOH F 4 .   ? 1.476   6.012   -17.239 1.00 26.56 ? 524 HOH A O   1 
HETATM 1503 O  O   . HOH F 4 .   ? 15.235  2.977   1.827   1.00 17.57 ? 525 HOH A O   1 
HETATM 1504 O  O   . HOH F 4 .   ? 12.656  0.732   -5.445  1.00 16.00 ? 526 HOH A O   1 
HETATM 1505 O  O   . HOH F 4 .   ? 2.704   12.218  -11.543 1.00 20.12 ? 527 HOH A O   1 
HETATM 1506 O  O   . HOH F 4 .   ? 11.013  7.363   -6.245  1.00 13.52 ? 528 HOH A O   1 
HETATM 1507 O  O   . HOH F 4 .   ? 8.820   8.784   -7.398  1.00 16.74 ? 529 HOH A O   1 
HETATM 1508 O  O   . HOH F 4 .   ? 3.993   18.645  -4.083  1.00 14.22 ? 530 HOH A O   1 
HETATM 1509 O  O   . HOH F 4 .   ? 10.362  -10.155 -11.618 1.00 30.05 ? 531 HOH A O   1 
HETATM 1510 O  O   . HOH F 4 .   ? 4.430   -13.410 -11.923 1.00 24.00 ? 532 HOH A O   1 
HETATM 1511 O  O   . HOH F 4 .   ? 15.533  3.797   -12.879 1.00 19.46 ? 533 HOH A O   1 
HETATM 1512 O  O   . HOH F 4 .   ? -2.344  -8.815  -21.781 1.00 16.35 ? 534 HOH A O   1 
HETATM 1513 O  O   . HOH F 4 .   ? -9.959  -0.422  -21.753 1.00 22.44 ? 535 HOH A O   1 
HETATM 1514 O  O   . HOH F 4 .   ? -4.455  12.200  -6.668  1.00 16.79 ? 536 HOH A O   1 
HETATM 1515 O  O   . HOH F 4 .   ? 11.378  -9.803  2.878   1.00 23.48 ? 537 HOH A O   1 
HETATM 1516 O  O   . HOH F 4 .   ? 4.118   6.542   -17.640 1.00 16.09 ? 538 HOH A O   1 
HETATM 1517 O  O   . HOH F 4 .   ? 13.414  5.651   -12.610 1.00 22.14 ? 539 HOH A O   1 
HETATM 1518 O  O   . HOH F 4 .   ? 13.557  7.683   -14.937 1.00 23.85 ? 540 HOH A O   1 
HETATM 1519 O  O   . HOH F 4 .   ? 0.920   17.357  1.041   1.00 25.04 ? 541 HOH A O   1 
HETATM 1520 O  O   . HOH F 4 .   ? 13.775  -8.866  -9.578  1.00 29.37 ? 542 HOH A O   1 
HETATM 1521 O  O   . HOH F 4 .   ? -8.706  -18.476 9.401   1.00 28.59 ? 543 HOH A O   1 
HETATM 1522 O  O   . HOH F 4 .   ? 1.525   15.651  7.971   1.00 25.57 ? 544 HOH A O   1 
HETATM 1523 O  O   . HOH F 4 .   ? 11.347  -0.230  6.369   1.00 18.18 ? 545 HOH A O   1 
HETATM 1524 O  O   . HOH F 4 .   ? -0.179  -7.272  -21.370 1.00 15.52 ? 546 HOH A O   1 
HETATM 1525 O  O   . HOH F 4 .   ? -8.749  -16.513 3.069   1.00 22.33 ? 547 HOH A O   1 
HETATM 1526 O  O   . HOH F 4 .   ? -6.423  12.987  -3.029  1.00 37.15 ? 548 HOH A O   1 
HETATM 1527 O  O   . HOH F 4 .   ? 2.884   7.704   16.350  1.00 17.22 ? 549 HOH A O   1 
HETATM 1528 O  O   . HOH F 4 .   ? 18.689  9.672   2.229   1.00 24.81 ? 550 HOH A O   1 
HETATM 1529 O  O   . HOH F 4 .   ? -7.054  6.081   17.095  1.00 33.75 ? 551 HOH A O   1 
HETATM 1530 O  O   . HOH F 4 .   ? 3.336   -11.514 12.136  1.00 27.63 ? 552 HOH A O   1 
HETATM 1531 O  O   . HOH F 4 .   ? 13.271  8.888   6.253   1.00 34.15 ? 553 HOH A O   1 
HETATM 1532 O  O   . HOH F 4 .   ? -3.730  14.358  -5.160  1.00 23.92 ? 554 HOH A O   1 
HETATM 1533 O  O   . HOH F 4 .   ? -0.839  16.015  -2.894  1.00 23.88 ? 555 HOH A O   1 
HETATM 1534 O  O   . HOH F 4 .   ? 0.815   -13.446 -5.519  1.00 33.48 ? 556 HOH A O   1 
HETATM 1535 O  O   . HOH F 4 .   ? 15.677  -2.058  -17.482 1.00 25.71 ? 557 HOH A O   1 
HETATM 1536 O  O   . HOH F 4 .   ? 7.763   10.916  14.926  1.00 36.64 ? 558 HOH A O   1 
HETATM 1537 O  O   . HOH F 4 .   ? 5.452   -15.732 6.421   1.00 37.83 ? 559 HOH A O   1 
HETATM 1538 O  O   . HOH F 4 .   ? 12.258  9.323   -19.022 0.25 18.49 ? 560 HOH A O   1 
HETATM 1539 O  O   . HOH F 4 .   ? 13.542  5.852   5.716   1.00 31.37 ? 561 HOH A O   1 
HETATM 1540 O  O   . HOH F 4 .   ? 6.431   4.970   11.682  1.00 26.57 ? 562 HOH A O   1 
HETATM 1541 O  O   . HOH F 4 .   ? -5.506  14.272  3.794   1.00 25.15 ? 563 HOH A O   1 
HETATM 1542 O  O   . HOH F 4 .   ? -7.472  10.739  -1.402  1.00 22.78 ? 564 HOH A O   1 
HETATM 1543 O  O   . HOH F 4 .   ? 2.264   -18.894 6.273   1.00 21.88 ? 565 HOH A O   1 
HETATM 1544 O  O   . HOH F 4 .   ? 0.797   -18.723 -12.375 0.33 27.05 ? 566 HOH A O   1 
HETATM 1545 O  O   . HOH F 4 .   ? 11.859  1.118   3.763   1.00 15.31 ? 567 HOH A O   1 
HETATM 1546 O  O   . HOH F 4 .   ? 4.748   -11.195 -15.830 1.00 23.40 ? 568 HOH A O   1 
HETATM 1547 O  O   . HOH F 4 .   ? -6.312  10.513  -5.246  1.00 25.19 ? 569 HOH A O   1 
HETATM 1548 O  O   . HOH F 4 .   ? 11.615  7.792   -16.707 1.00 21.83 ? 570 HOH A O   1 
HETATM 1549 O  O   . HOH F 4 .   ? -9.625  7.302   9.128   1.00 35.23 ? 571 HOH A O   1 
# 
loop_
_pdbx_poly_seq_scheme.asym_id 
_pdbx_poly_seq_scheme.entity_id 
_pdbx_poly_seq_scheme.seq_id 
_pdbx_poly_seq_scheme.mon_id 
_pdbx_poly_seq_scheme.ndb_seq_num 
_pdbx_poly_seq_scheme.pdb_seq_num 
_pdbx_poly_seq_scheme.auth_seq_num 
_pdbx_poly_seq_scheme.pdb_mon_id 
_pdbx_poly_seq_scheme.auth_mon_id 
_pdbx_poly_seq_scheme.pdb_strand_id 
_pdbx_poly_seq_scheme.pdb_ins_code 
_pdbx_poly_seq_scheme.hetero 
A 1 1   MET 1   -5  ?   ?   ?   A . n 
A 1 2   HIS 2   -4  ?   ?   ?   A . n 
A 1 3   HIS 3   -3  ?   ?   ?   A . n 
A 1 4   HIS 4   -2  ?   ?   ?   A . n 
A 1 5   HIS 5   -1  ?   ?   ?   A . n 
A 1 6   HIS 6   0   ?   ?   ?   A . n 
A 1 7   HIS 7   1   ?   ?   ?   A . n 
A 1 8   THR 8   2   ?   ?   ?   A . n 
A 1 9   THR 9   3   ?   ?   ?   A . n 
A 1 10  THR 10  4   ?   ?   ?   A . n 
A 1 11  GLN 11  5   ?   ?   ?   A . n 
A 1 12  THR 12  6   ?   ?   ?   A . n 
A 1 13  ALA 13  7   ?   ?   ?   A . n 
A 1 14  LYS 14  8   ?   ?   ?   A . n 
A 1 15  ALA 15  9   ?   ?   ?   A . n 
A 1 16  SER 16  10  10  SER SER A . n 
A 1 17  ARG 17  11  11  ARG ARG A . n 
A 1 18  ARG 18  12  12  ARG ARG A . n 
A 1 19  ALA 19  13  13  ALA ALA A . n 
A 1 20  ARG 20  14  14  ARG ARG A . n 
A 1 21  ILE 21  15  15  ILE ILE A . n 
A 1 22  GLU 22  16  16  GLU GLU A . n 
A 1 23  ARG 23  17  17  ARG ARG A . n 
A 1 24  ARG 24  18  18  ARG ARG A . n 
A 1 25  THR 25  19  19  THR THR A . n 
A 1 26  ARG 26  20  20  ARG ARG A . n 
A 1 27  GLU 27  21  21  GLU GLU A . n 
A 1 28  SER 28  22  22  SER SER A . n 
A 1 29  ASP 29  23  23  ASP ASP A . n 
A 1 30  ILE 30  24  24  ILE ILE A . n 
A 1 31  VAL 31  25  25  VAL VAL A . n 
A 1 32  ILE 32  26  26  ILE ILE A . n 
A 1 33  GLU 33  27  27  GLU GLU A . n 
A 1 34  LEU 34  28  28  LEU LEU A . n 
A 1 35  ASP 35  29  29  ASP ASP A . n 
A 1 36  LEU 36  30  30  LEU LEU A . n 
A 1 37  ASP 37  31  31  ASP ASP A . n 
A 1 38  GLY 38  32  32  GLY GLY A . n 
A 1 39  THR 39  33  33  THR THR A . n 
A 1 40  GLY 40  34  34  GLY GLY A . n 
A 1 41  GLN 41  35  35  GLN GLN A . n 
A 1 42  VAL 42  36  36  VAL VAL A . n 
A 1 43  ALA 43  37  37  ALA ALA A . n 
A 1 44  VAL 44  38  38  VAL VAL A . n 
A 1 45  ASP 45  39  39  ASP ASP A . n 
A 1 46  THR 46  40  40  THR THR A . n 
A 1 47  GLY 47  41  41  GLY GLY A . n 
A 1 48  VAL 48  42  42  VAL VAL A . n 
A 1 49  PRO 49  43  43  PRO PRO A . n 
A 1 50  PHE 50  44  44  PHE PHE A . n 
A 1 51  TYR 51  45  45  TYR TYR A . n 
A 1 52  ASP 52  46  46  ASP ASP A . n 
A 1 53  HIS 53  47  47  HIS HIS A . n 
A 1 54  MET 54  48  48  MET MET A . n 
A 1 55  LEU 55  49  49  LEU LEU A . n 
A 1 56  THR 56  50  50  THR THR A . n 
A 1 57  ALA 57  51  51  ALA ALA A . n 
A 1 58  LEU 58  52  52  LEU LEU A . n 
A 1 59  GLY 59  53  53  GLY GLY A . n 
A 1 60  SER 60  54  54  SER SER A . n 
A 1 61  HIS 61  55  55  HIS HIS A . n 
A 1 62  ALA 62  56  56  ALA ALA A . n 
A 1 63  SER 63  57  57  SER SER A . n 
A 1 64  PHE 64  58  58  PHE PHE A . n 
A 1 65  ASP 65  59  59  ASP ASP A . n 
A 1 66  LEU 66  60  60  LEU LEU A . n 
A 1 67  THR 67  61  61  THR THR A . n 
A 1 68  VAL 68  62  62  VAL VAL A . n 
A 1 69  ARG 69  63  63  ARG ARG A . n 
A 1 70  ALA 70  64  64  ALA ALA A . n 
A 1 71  THR 71  65  65  THR THR A . n 
A 1 72  GLY 72  66  66  GLY GLY A . n 
A 1 73  ASP 73  67  67  ASP ASP A . n 
A 1 74  VAL 74  68  68  VAL VAL A . n 
A 1 75  GLU 75  69  69  GLU GLU A . n 
A 1 76  ILE 76  70  70  ILE ILE A . n 
A 1 77  GLU 77  71  71  GLU GLU A . n 
A 1 78  ALA 78  72  72  ALA ALA A . n 
A 1 79  HIS 79  73  73  HIS HIS A . n 
A 1 80  HIS 80  74  74  HIS HIS A . n 
A 1 81  THR 81  75  75  THR THR A . n 
A 1 82  ILE 82  76  76  ILE ILE A . n 
A 1 83  GLU 83  77  77  GLU GLU A . n 
A 1 84  ASP 84  78  78  ASP ASP A . n 
A 1 85  THR 85  79  79  THR THR A . n 
A 1 86  ALA 86  80  80  ALA ALA A . n 
A 1 87  ILE 87  81  81  ILE ILE A . n 
A 1 88  ALA 88  82  82  ALA ALA A . n 
A 1 89  LEU 89  83  83  LEU LEU A . n 
A 1 90  GLY 90  84  84  GLY GLY A . n 
A 1 91  THR 91  85  85  THR THR A . n 
A 1 92  ALA 92  86  86  ALA ALA A . n 
A 1 93  LEU 93  87  87  LEU LEU A . n 
A 1 94  GLY 94  88  88  GLY GLY A . n 
A 1 95  GLN 95  89  89  GLN GLN A . n 
A 1 96  ALA 96  90  90  ALA ALA A . n 
A 1 97  LEU 97  91  91  LEU LEU A . n 
A 1 98  GLY 98  92  92  GLY GLY A . n 
A 1 99  ASP 99  93  93  ASP ASP A . n 
A 1 100 LYS 100 94  94  LYS LYS A . n 
A 1 101 ARG 101 95  95  ARG ARG A . n 
A 1 102 GLY 102 96  96  GLY GLY A . n 
A 1 103 ILE 103 97  97  ILE ILE A . n 
A 1 104 ARG 104 98  98  ARG ARG A . n 
A 1 105 ARG 105 99  99  ARG ARG A . n 
A 1 106 PHE 106 100 100 PHE PHE A . n 
A 1 107 GLY 107 101 101 GLY GLY A . n 
A 1 108 ASP 108 102 102 ASP ASP A . n 
A 1 109 ALA 109 103 103 ALA ALA A . n 
A 1 110 PHE 110 104 104 PHE PHE A . n 
A 1 111 ILE 111 105 105 ILE ILE A . n 
A 1 112 PRO 112 106 106 PRO PRO A . n 
A 1 113 MET 113 107 107 MET MET A . n 
A 1 114 ASP 114 108 108 ASP ASP A . n 
A 1 115 GLU 115 109 109 GLU GLU A . n 
A 1 116 THR 116 110 110 THR THR A . n 
A 1 117 LEU 117 111 111 LEU LEU A . n 
A 1 118 ALA 118 112 112 ALA ALA A . n 
A 1 119 HIS 119 113 113 HIS HIS A . n 
A 1 120 ALA 120 114 114 ALA ALA A . n 
A 1 121 ALA 121 115 115 ALA ALA A . n 
A 1 122 VAL 122 116 116 VAL VAL A . n 
A 1 123 ASP 123 117 117 ASP ASP A . n 
A 1 124 LEU 124 118 118 LEU LEU A . n 
A 1 125 SER 125 119 119 SER SER A . n 
A 1 126 GLY 126 120 120 GLY GLY A . n 
A 1 127 ARG 127 121 121 ARG ARG A . n 
A 1 128 PRO 128 122 122 PRO PRO A . n 
A 1 129 TYR 129 123 123 TYR TYR A . n 
A 1 130 CYS 130 124 124 CYS CYS A . n 
A 1 131 VAL 131 125 125 VAL VAL A . n 
A 1 132 HIS 132 126 126 HIS HIS A . n 
A 1 133 THR 133 127 127 THR THR A . n 
A 1 134 GLY 134 128 128 GLY GLY A . n 
A 1 135 GLU 135 129 129 GLU GLU A . n 
A 1 136 PRO 136 130 130 PRO PRO A . n 
A 1 137 ASP 137 131 131 ASP ASP A . n 
A 1 138 HIS 138 132 132 HIS HIS A . n 
A 1 139 LEU 139 133 133 LEU LEU A . n 
A 1 140 GLN 140 134 134 GLN GLN A . n 
A 1 141 HIS 141 135 135 HIS HIS A . n 
A 1 142 THR 142 136 136 THR THR A . n 
A 1 143 THR 143 137 137 THR THR A . n 
A 1 144 ILE 144 138 138 ILE ILE A . n 
A 1 145 ALA 145 139 139 ALA ALA A . n 
A 1 146 GLY 146 140 140 GLY GLY A . n 
A 1 147 SER 147 141 141 SER SER A . n 
A 1 148 SER 148 142 142 SER SER A . n 
A 1 149 VAL 149 143 143 VAL VAL A . n 
A 1 150 PRO 150 144 144 PRO PRO A . n 
A 1 151 TYR 151 145 145 TYR TYR A . n 
A 1 152 HIS 152 146 146 HIS HIS A . n 
A 1 153 THR 153 147 147 THR THR A . n 
A 1 154 VAL 154 148 148 VAL VAL A . n 
A 1 155 ILE 155 149 149 ILE ILE A . n 
A 1 156 ASN 156 150 150 ASN ASN A . n 
A 1 157 ARG 157 151 151 ARG ARG A . n 
A 1 158 HIS 158 152 152 HIS HIS A . n 
A 1 159 VAL 159 153 153 VAL VAL A . n 
A 1 160 PHE 160 154 154 PHE PHE A . n 
A 1 161 GLU 161 155 155 GLU GLU A . n 
A 1 162 SER 162 156 156 SER SER A . n 
A 1 163 LEU 163 157 157 LEU LEU A . n 
A 1 164 ALA 164 158 158 ALA ALA A . n 
A 1 165 ALA 165 159 159 ALA ALA A . n 
A 1 166 ASN 166 160 160 ASN ASN A . n 
A 1 167 ALA 167 161 161 ALA ALA A . n 
A 1 168 ARG 168 162 162 ARG ARG A . n 
A 1 169 ILE 169 163 163 ILE ILE A . n 
A 1 170 ALA 170 164 164 ALA ALA A . n 
A 1 171 LEU 171 165 165 LEU LEU A . n 
A 1 172 HIS 172 166 166 HIS HIS A . n 
A 1 173 VAL 173 167 167 VAL VAL A . n 
A 1 174 ARG 174 168 168 ARG ARG A . n 
A 1 175 VAL 175 169 169 VAL VAL A . n 
A 1 176 LEU 176 170 170 LEU LEU A . n 
A 1 177 TYR 177 171 171 TYR TYR A . n 
A 1 178 GLY 178 172 172 GLY GLY A . n 
A 1 179 ARG 179 173 173 ARG ARG A . n 
A 1 180 ASP 180 174 174 ASP ASP A . n 
A 1 181 PRO 181 175 175 PRO PRO A . n 
A 1 182 HIS 182 176 176 HIS HIS A . n 
A 1 183 HIS 183 177 177 HIS HIS A . n 
A 1 184 ILE 184 178 178 ILE ILE A . n 
A 1 185 THR 185 179 179 THR THR A . n 
A 1 186 GLU 186 180 180 GLU GLU A . n 
A 1 187 ALA 187 181 181 ALA ALA A . n 
A 1 188 GLN 188 182 182 GLN GLN A . n 
A 1 189 TYR 189 183 183 TYR TYR A . n 
A 1 190 LYS 190 184 184 LYS LYS A . n 
A 1 191 ALA 191 185 185 ALA ALA A . n 
A 1 192 VAL 192 186 186 VAL VAL A . n 
A 1 193 ALA 193 187 187 ALA ALA A . n 
A 1 194 ARG 194 188 188 ARG ARG A . n 
A 1 195 ALA 195 189 189 ALA ALA A . n 
A 1 196 LEU 196 190 190 LEU LEU A . n 
A 1 197 ARG 197 191 191 ARG ARG A . n 
A 1 198 GLN 198 192 192 GLN GLN A . n 
A 1 199 ALA 199 193 193 ALA ALA A . n 
A 1 200 VAL 200 194 194 VAL VAL A . n 
A 1 201 GLU 201 195 195 GLU GLU A . n 
A 1 202 PRO 202 196 196 PRO PRO A . n 
A 1 203 ASP 203 197 197 ASP ASP A . n 
A 1 204 PRO 204 198 198 PRO PRO A . n 
A 1 205 ARG 205 199 199 ARG ARG A . n 
A 1 206 VAL 206 200 ?   ?   ?   A . n 
A 1 207 SER 207 201 ?   ?   ?   A . n 
A 1 208 GLY 208 202 ?   ?   ?   A . n 
A 1 209 VAL 209 203 ?   ?   ?   A . n 
A 1 210 PRO 210 204 ?   ?   ?   A . n 
A 1 211 SER 211 205 ?   ?   ?   A . n 
A 1 212 THR 212 206 ?   ?   ?   A . n 
A 1 213 LYS 213 207 ?   ?   ?   A . n 
A 1 214 GLY 214 208 ?   ?   ?   A . n 
A 1 215 ALA 215 209 ?   ?   ?   A . n 
A 1 216 LEU 216 210 ?   ?   ?   A . n 
# 
loop_
_pdbx_nonpoly_scheme.asym_id 
_pdbx_nonpoly_scheme.entity_id 
_pdbx_nonpoly_scheme.mon_id 
_pdbx_nonpoly_scheme.ndb_seq_num 
_pdbx_nonpoly_scheme.pdb_seq_num 
_pdbx_nonpoly_scheme.auth_seq_num 
_pdbx_nonpoly_scheme.pdb_mon_id 
_pdbx_nonpoly_scheme.auth_mon_id 
_pdbx_nonpoly_scheme.pdb_strand_id 
_pdbx_nonpoly_scheme.pdb_ins_code 
B 2 3TR 1  301 300 3TR 3TR A . 
C 3 MN  1  302 401 MN  MN  A . 
D 3 MN  1  303 402 MN  MN  A . 
E 3 MN  1  304 403 MN  MN  A . 
F 4 HOH 1  501 501 HOH HOH A . 
F 4 HOH 2  502 502 HOH HOH A . 
F 4 HOH 3  503 504 HOH HOH A . 
F 4 HOH 4  504 505 HOH HOH A . 
F 4 HOH 5  505 506 HOH HOH A . 
F 4 HOH 6  506 507 HOH HOH A . 
F 4 HOH 7  507 508 HOH HOH A . 
F 4 HOH 8  508 509 HOH HOH A . 
F 4 HOH 9  509 510 HOH HOH A . 
F 4 HOH 10 510 511 HOH HOH A . 
F 4 HOH 11 511 512 HOH HOH A . 
F 4 HOH 12 512 513 HOH HOH A . 
F 4 HOH 13 513 514 HOH HOH A . 
F 4 HOH 14 514 515 HOH HOH A . 
F 4 HOH 15 515 516 HOH HOH A . 
F 4 HOH 16 516 517 HOH HOH A . 
F 4 HOH 17 517 518 HOH HOH A . 
F 4 HOH 18 518 519 HOH HOH A . 
F 4 HOH 19 519 520 HOH HOH A . 
F 4 HOH 20 520 521 HOH HOH A . 
F 4 HOH 21 521 522 HOH HOH A . 
F 4 HOH 22 522 523 HOH HOH A . 
F 4 HOH 23 523 524 HOH HOH A . 
F 4 HOH 24 524 525 HOH HOH A . 
F 4 HOH 25 525 526 HOH HOH A . 
F 4 HOH 26 526 527 HOH HOH A . 
F 4 HOH 27 527 528 HOH HOH A . 
F 4 HOH 28 528 529 HOH HOH A . 
F 4 HOH 29 529 530 HOH HOH A . 
F 4 HOH 30 530 531 HOH HOH A . 
F 4 HOH 31 531 532 HOH HOH A . 
F 4 HOH 32 532 533 HOH HOH A . 
F 4 HOH 33 533 534 HOH HOH A . 
F 4 HOH 34 534 535 HOH HOH A . 
F 4 HOH 35 535 536 HOH HOH A . 
F 4 HOH 36 536 537 HOH HOH A . 
F 4 HOH 37 537 538 HOH HOH A . 
F 4 HOH 38 538 540 HOH HOH A . 
F 4 HOH 39 539 542 HOH HOH A . 
F 4 HOH 40 540 543 HOH HOH A . 
F 4 HOH 41 541 544 HOH HOH A . 
F 4 HOH 42 542 545 HOH HOH A . 
F 4 HOH 43 543 546 HOH HOH A . 
F 4 HOH 44 544 547 HOH HOH A . 
F 4 HOH 45 545 548 HOH HOH A . 
F 4 HOH 46 546 549 HOH HOH A . 
F 4 HOH 47 547 550 HOH HOH A . 
F 4 HOH 48 548 551 HOH HOH A . 
F 4 HOH 49 549 552 HOH HOH A . 
F 4 HOH 50 550 553 HOH HOH A . 
F 4 HOH 51 551 554 HOH HOH A . 
F 4 HOH 52 552 555 HOH HOH A . 
F 4 HOH 53 553 556 HOH HOH A . 
F 4 HOH 54 554 557 HOH HOH A . 
F 4 HOH 55 555 560 HOH HOH A . 
F 4 HOH 56 556 561 HOH HOH A . 
F 4 HOH 57 557 562 HOH HOH A . 
F 4 HOH 58 558 563 HOH HOH A . 
F 4 HOH 59 559 564 HOH HOH A . 
F 4 HOH 60 560 565 HOH HOH A . 
F 4 HOH 61 561 566 HOH HOH A . 
F 4 HOH 62 562 567 HOH HOH A . 
F 4 HOH 63 563 568 HOH HOH A . 
F 4 HOH 64 564 570 HOH HOH A . 
F 4 HOH 65 565 571 HOH HOH A . 
F 4 HOH 66 566 572 HOH HOH A . 
F 4 HOH 67 567 573 HOH HOH A . 
F 4 HOH 68 568 574 HOH HOH A . 
F 4 HOH 69 569 575 HOH HOH A . 
F 4 HOH 70 570 576 HOH HOH A . 
F 4 HOH 71 571 577 HOH HOH A . 
# 
_pdbx_struct_assembly.id                   1 
_pdbx_struct_assembly.details              author_and_software_defined_assembly 
_pdbx_struct_assembly.method_details       PISA 
_pdbx_struct_assembly.oligomeric_details   24-meric 
_pdbx_struct_assembly.oligomeric_count     24 
# 
_pdbx_struct_assembly_gen.assembly_id       1 
_pdbx_struct_assembly_gen.oper_expression   1,2,3,4,5,6,7,8,9,10,11,12,13,14,15,16,17,18,19,20,21,22,23,24 
_pdbx_struct_assembly_gen.asym_id_list      A,B,C,D,E,F 
# 
loop_
_pdbx_struct_assembly_prop.biol_id 
_pdbx_struct_assembly_prop.type 
_pdbx_struct_assembly_prop.value 
_pdbx_struct_assembly_prop.details 
1 'ABSA (A^2)' 82570  ? 
1 MORE         -155   ? 
1 'SSA (A^2)'  136540 ? 
# 
loop_
_pdbx_struct_oper_list.id 
_pdbx_struct_oper_list.type 
_pdbx_struct_oper_list.name 
_pdbx_struct_oper_list.symmetry_operation 
_pdbx_struct_oper_list.matrix[1][1] 
_pdbx_struct_oper_list.matrix[1][2] 
_pdbx_struct_oper_list.matrix[1][3] 
_pdbx_struct_oper_list.vector[1] 
_pdbx_struct_oper_list.matrix[2][1] 
_pdbx_struct_oper_list.matrix[2][2] 
_pdbx_struct_oper_list.matrix[2][3] 
_pdbx_struct_oper_list.vector[2] 
_pdbx_struct_oper_list.matrix[3][1] 
_pdbx_struct_oper_list.matrix[3][2] 
_pdbx_struct_oper_list.matrix[3][3] 
_pdbx_struct_oper_list.vector[3] 
1  'identity operation'         1_555  x,y,z    1.0000000000  0.0000000000  0.0000000000  0.0000000000   0.0000000000  1.0000000000  0.0000000000  0.0000000000   0.0000000000  0.0000000000  1.0000000000  0.0000000000   
2  'crystal symmetry operation' 2_555  -x,-y,z  -0.7867362856 -0.5791654845 -0.2135728414 23.2385711964  -0.5791654845 0.5728538692  0.5800049880  22.1146726542  -0.2135728414 0.5800049880  -0.7861175836 -36.7654943396 
3  'crystal symmetry operation' 3_555  -x,y,-z  0.7756592964  0.5242376405  0.3514648661  28.2657388115  0.5242376405  -0.8452264439 0.1037649016  -51.6595978173 0.3514648661  0.1037649016  -0.9304328525 -65.7488655281 
4  'crystal symmetry operation' 4_555  x,-y,-z  -0.9889230109 0.0549278440  -0.1378920248 44.9625168615  0.0549278440  -0.7276274253 -0.6837698896 -61.9839381125 -0.1378920248 -0.6837698896 0.7165504362  -21.0787736086 
5  'crystal symmetry operation' 5_555  z,x,y    0.2132615224  -0.1908843968 0.9581663061  44.2113772059  -0.9768007219 -0.0220937575 0.2130075480  6.7510141650   -0.0194903233 -0.9813638535 -0.1911677649 -58.7907762211 
6  'crystal symmetry operation' 6_555  z,-x,-y  -0.2618652243 0.3228786587  -0.9094921528 9.7184664242   0.7357878862  0.6766182093  0.0283546372  -24.2683629706 0.6245340590  -0.6617682152 -0.4147529849 -73.9178664838 
7  'crystal symmetry operation' 7_555  -z,-x,y  0.4021112892  0.3725642896  -0.8363625776 -2.8979647517  -0.6943822707 -0.4712987704 -0.5437929121 -33.7226299180 -0.5967744744 0.7994206146  0.0691874813  3.9242410427   
8  'crystal symmetry operation' 8_555  -z,x,-y  -0.3535075872 -0.5045585516 0.7876884243  45.4349479909  0.9353951064  -0.1832256814 0.3024307269  -40.2888845520 -0.0082692612 0.8437114541  0.5367332686  5.1912681860   
9  'crystal symmetry operation' 9_555  y,z,x    0.2132615224  -0.9768007219 -0.0194903233 -3.9800413365  -0.1908843968 -0.0220937575 -0.9813638535 -49.1067253651 0.9581663061  0.2130075480  -0.1911677649 -55.0387702466 
10 'crystal symmetry operation' 10_555 -y,z,-x  0.4021112892  -0.6943822707 -0.5967744744 -19.9092051072 0.3725642896  -0.4712987704 0.7994206146  -17.9508750224 -0.8363625776 -0.5437929121 0.0691874813  -21.0333847485 
11 'crystal symmetry operation' 11_555 y,-z,-x  -0.3535075872 0.9353951064  -0.0082692612 53.7905522444  -0.5045585516 -0.1832256814 0.8437114541  11.1627007950  0.7876884243  0.3024307269  0.5367332686  -26.3903122938 
12 'crystal symmetry operation' 12_555 -y,-z,x  -0.2618652243 0.7357878862  0.6245340590  66.5655210686  0.3228786587  0.6766182093  -0.6617682152 -35.6339636830 -0.9094921528 0.0283546372  -0.4147529849 -21.1306661874 
13 'crystal symmetry operation' 13_555 y,x,-z   -0.2468779221 -0.0788415397 0.9658339936  58.1091324542  -0.0788415397 -0.9917463734 -0.1011095563 -46.7982838057 0.9658339936  -0.1011095563 0.2386242955  -49.1315481180 
14 'crystal symmetry operation' 14_555 -y,-x,-z 0.0336142076  0.6580070242  -0.7522611522 15.1191232188  0.6580070242  -0.5811074957 -0.4788954317 -66.8452521241 -0.7522611522 -0.4788954317 -0.4525067119 -37.6960910187 
15 'crystal symmetry operation' 15_555 y,-x,z   0.1066318572  0.0374359242  -0.9935935782 -8.2986215463  -0.6166014087 0.7864269346  -0.0365428432 8.8542592355   0.7800207368  0.6165478312  0.1069412082  -32.2975344224 
16 'crystal symmetry operation' 16_555 -y,x,z   0.1066318572  -0.6166014087 0.7800207368  31.5371927426  0.0374359242  0.7864269346  0.6165478312  13.2604134187  -0.9935935782 -0.0365428432 0.1069412082  -4.4679599172  
17 'crystal symmetry operation' 17_555 x,z,-y   0.0055384946  -0.8989675207 -0.4379802755 -10.1200710182 0.9538953647  0.1361862874  -0.2674638822 -51.0349613735 0.3000882507  -0.4163060074 0.8582752181  -21.1421967126 
18 'crystal symmetry operation' 18_555 -x,z,y   0.6098343170  -0.7722154719 -0.1782845222 -13.7691754255 -0.7722154719 -0.6295788152 0.0855206434  -16.0226390140 -0.1782845222 0.0855206434  -0.9802555017 -54.9299582825 
19 'crystal symmetry operation' 19_555 -x,-z,-y -0.6209113061 0.7172876279  0.3161765470  65.2734854333  0.7172876279  0.3572062405  0.5982492463  -13.5222861490 0.3161765470  0.5982492463  -0.7362949344 -47.5844015852 
20 'crystal symmetry operation' 20_555 x,-z,y   0.0055384946  0.9538953647  0.3000882507  55.0825878797  -0.8989675207 0.1361862874  -0.4163060074 -10.9489767389 -0.4379802755 -0.2674638822 0.8582752181  0.0634231040   
21 'crystal symmetry operation' 21_555 z,y,-x   0.8878296482  0.4486223691  -0.1024523581 9.8050513547   0.0756152714  0.0773867780  0.9941295777  7.7818712126   0.4539172243  -0.8903646761 0.0347835737  -61.1440358995 
22 'crystal symmetry operation' 22_555 z,-y,x   -0.9364333502 -0.3166281071 0.1511265114  44.1247922754  -0.3166281071 0.5771376738  -0.7527673926 -25.2992200182 0.1511265114  -0.7527673926 -0.6407043236 -71.5646068054 
23 'crystal symmetry operation' 23_555 -z,y,x   0.8878296482  0.0756152714  0.4539172243  18.4606874567  0.4486223691  0.0773867780  -0.8903646761 -59.4414690299 -0.1024523581 0.9941295777  0.0347835737  -4.6048296286  
24 'crystal symmetry operation' 24_555 -z,-y,-x -0.8392259463 -0.2076095334 -0.5025913775 24.0762957825  -0.2076095334 -0.7319112299 0.6490024910  -14.5700454401 -0.5025913775 0.6490024910  0.5711371761  13.7203388573 
# 
loop_
_pdbx_struct_special_symmetry.id 
_pdbx_struct_special_symmetry.PDB_model_num 
_pdbx_struct_special_symmetry.auth_asym_id 
_pdbx_struct_special_symmetry.auth_comp_id 
_pdbx_struct_special_symmetry.auth_seq_id 
_pdbx_struct_special_symmetry.PDB_ins_code 
_pdbx_struct_special_symmetry.label_asym_id 
_pdbx_struct_special_symmetry.label_comp_id 
_pdbx_struct_special_symmetry.label_seq_id 
1 1 A MN  304 ? E MN  . 
2 1 A HOH 506 ? F HOH . 
3 1 A HOH 560 ? F HOH . 
4 1 A HOH 566 ? F HOH . 
# 
loop_
_pdbx_struct_conn_angle.id 
_pdbx_struct_conn_angle.ptnr1_label_atom_id 
_pdbx_struct_conn_angle.ptnr1_label_alt_id 
_pdbx_struct_conn_angle.ptnr1_label_asym_id 
_pdbx_struct_conn_angle.ptnr1_label_comp_id 
_pdbx_struct_conn_angle.ptnr1_label_seq_id 
_pdbx_struct_conn_angle.ptnr1_auth_atom_id 
_pdbx_struct_conn_angle.ptnr1_auth_asym_id 
_pdbx_struct_conn_angle.ptnr1_auth_comp_id 
_pdbx_struct_conn_angle.ptnr1_auth_seq_id 
_pdbx_struct_conn_angle.ptnr1_PDB_ins_code 
_pdbx_struct_conn_angle.ptnr1_symmetry 
_pdbx_struct_conn_angle.ptnr2_label_atom_id 
_pdbx_struct_conn_angle.ptnr2_label_alt_id 
_pdbx_struct_conn_angle.ptnr2_label_asym_id 
_pdbx_struct_conn_angle.ptnr2_label_comp_id 
_pdbx_struct_conn_angle.ptnr2_label_seq_id 
_pdbx_struct_conn_angle.ptnr2_auth_atom_id 
_pdbx_struct_conn_angle.ptnr2_auth_asym_id 
_pdbx_struct_conn_angle.ptnr2_auth_comp_id 
_pdbx_struct_conn_angle.ptnr2_auth_seq_id 
_pdbx_struct_conn_angle.ptnr2_PDB_ins_code 
_pdbx_struct_conn_angle.ptnr2_symmetry 
_pdbx_struct_conn_angle.ptnr3_label_atom_id 
_pdbx_struct_conn_angle.ptnr3_label_alt_id 
_pdbx_struct_conn_angle.ptnr3_label_asym_id 
_pdbx_struct_conn_angle.ptnr3_label_comp_id 
_pdbx_struct_conn_angle.ptnr3_label_seq_id 
_pdbx_struct_conn_angle.ptnr3_auth_atom_id 
_pdbx_struct_conn_angle.ptnr3_auth_asym_id 
_pdbx_struct_conn_angle.ptnr3_auth_comp_id 
_pdbx_struct_conn_angle.ptnr3_auth_seq_id 
_pdbx_struct_conn_angle.ptnr3_PDB_ins_code 
_pdbx_struct_conn_angle.ptnr3_symmetry 
_pdbx_struct_conn_angle.value 
_pdbx_struct_conn_angle.value_esd 
1  NE2 ? A HIS 53  ? A HIS 47  ? 1_555 MN ? D MN . ? A MN 303 ? 1_555 NE2 ? A HIS 182 ? A HIS 176 ? 1_555 104.5 ? 
2  NE2 ? A HIS 53  ? A HIS 47  ? 1_555 MN ? D MN . ? A MN 303 ? 1_555 OE1 ? A GLU 186 ? A GLU 180 ? 1_555 91.6  ? 
3  NE2 ? A HIS 182 ? A HIS 176 ? 1_555 MN ? D MN . ? A MN 303 ? 1_555 OE1 ? A GLU 186 ? A GLU 180 ? 1_555 83.2  ? 
4  NE2 ? A HIS 79  ? A HIS 73  ? 1_555 MN ? C MN . ? A MN 302 ? 1_555 OE1 ? A GLU 83  ? A GLU 77  ? 1_555 90.6  ? 
5  NE2 ? A HIS 79  ? A HIS 73  ? 1_555 MN ? C MN . ? A MN 302 ? 1_555 NE2 ? A HIS 158 ? A HIS 152 ? 1_555 91.9  ? 
6  OE1 ? A GLU 83  ? A GLU 77  ? 1_555 MN ? C MN . ? A MN 302 ? 1_555 NE2 ? A HIS 158 ? A HIS 152 ? 1_555 87.2  ? 
7  NE2 ? A HIS 79  ? A HIS 73  ? 1_555 MN ? C MN . ? A MN 302 ? 1_555 N4  ? B 3TR .   ? A 3TR 301 ? 1_555 92.3  ? 
8  OE1 ? A GLU 83  ? A GLU 77  ? 1_555 MN ? C MN . ? A MN 302 ? 1_555 N4  ? B 3TR .   ? A 3TR 301 ? 1_555 88.3  ? 
9  NE2 ? A HIS 158 ? A HIS 152 ? 1_555 MN ? C MN . ? A MN 302 ? 1_555 N4  ? B 3TR .   ? A 3TR 301 ? 1_555 173.9 ? 
10 NE2 ? A HIS 79  ? A HIS 73  ? 1_555 MN ? C MN . ? A MN 302 ? 1_555 O   ? F HOH .   ? A HOH 525 ? 1_555 174.8 ? 
11 OE1 ? A GLU 83  ? A GLU 77  ? 1_555 MN ? C MN . ? A MN 302 ? 1_555 O   ? F HOH .   ? A HOH 525 ? 1_555 84.8  ? 
12 NE2 ? A HIS 158 ? A HIS 152 ? 1_555 MN ? C MN . ? A MN 302 ? 1_555 O   ? F HOH .   ? A HOH 525 ? 1_555 85.6  ? 
13 N4  ? B 3TR .   ? A 3TR 301 ? 1_555 MN ? C MN . ? A MN 302 ? 1_555 O   ? F HOH .   ? A HOH 525 ? 1_555 89.8  ? 
# 
loop_
_pdbx_audit_revision_history.ordinal 
_pdbx_audit_revision_history.data_content_type 
_pdbx_audit_revision_history.major_revision 
_pdbx_audit_revision_history.minor_revision 
_pdbx_audit_revision_history.revision_date 
1 'Structure model' 1 0 2013-08-28 
2 'Structure model' 1 1 2023-11-08 
# 
_pdbx_audit_revision_details.ordinal             1 
_pdbx_audit_revision_details.revision_ordinal    1 
_pdbx_audit_revision_details.data_content_type   'Structure model' 
_pdbx_audit_revision_details.provider            repository 
_pdbx_audit_revision_details.type                'Initial release' 
_pdbx_audit_revision_details.description         ? 
_pdbx_audit_revision_details.details             ? 
# 
loop_
_pdbx_audit_revision_group.ordinal 
_pdbx_audit_revision_group.revision_ordinal 
_pdbx_audit_revision_group.data_content_type 
_pdbx_audit_revision_group.group 
1 2 'Structure model' 'Data collection'        
2 2 'Structure model' 'Database references'    
3 2 'Structure model' 'Derived calculations'   
4 2 'Structure model' 'Refinement description' 
# 
loop_
_pdbx_audit_revision_category.ordinal 
_pdbx_audit_revision_category.revision_ordinal 
_pdbx_audit_revision_category.data_content_type 
_pdbx_audit_revision_category.category 
1 2 'Structure model' chem_comp_atom                
2 2 'Structure model' chem_comp_bond                
3 2 'Structure model' database_2                    
4 2 'Structure model' pdbx_initial_refinement_model 
5 2 'Structure model' pdbx_struct_conn_angle        
6 2 'Structure model' struct_conn                   
7 2 'Structure model' struct_ref_seq_dif            
8 2 'Structure model' struct_site                   
# 
loop_
_pdbx_audit_revision_item.ordinal 
_pdbx_audit_revision_item.revision_ordinal 
_pdbx_audit_revision_item.data_content_type 
_pdbx_audit_revision_item.item 
1  2 'Structure model' '_database_2.pdbx_DOI'                        
2  2 'Structure model' '_database_2.pdbx_database_accession'         
3  2 'Structure model' '_pdbx_struct_conn_angle.ptnr1_auth_comp_id'  
4  2 'Structure model' '_pdbx_struct_conn_angle.ptnr1_auth_seq_id'   
5  2 'Structure model' '_pdbx_struct_conn_angle.ptnr1_label_asym_id' 
6  2 'Structure model' '_pdbx_struct_conn_angle.ptnr1_label_atom_id' 
7  2 'Structure model' '_pdbx_struct_conn_angle.ptnr1_label_comp_id' 
8  2 'Structure model' '_pdbx_struct_conn_angle.ptnr1_label_seq_id'  
9  2 'Structure model' '_pdbx_struct_conn_angle.ptnr2_auth_seq_id'   
10 2 'Structure model' '_pdbx_struct_conn_angle.ptnr2_label_asym_id' 
11 2 'Structure model' '_pdbx_struct_conn_angle.ptnr3_auth_comp_id'  
12 2 'Structure model' '_pdbx_struct_conn_angle.ptnr3_auth_seq_id'   
13 2 'Structure model' '_pdbx_struct_conn_angle.ptnr3_label_asym_id' 
14 2 'Structure model' '_pdbx_struct_conn_angle.ptnr3_label_atom_id' 
15 2 'Structure model' '_pdbx_struct_conn_angle.ptnr3_label_comp_id' 
16 2 'Structure model' '_pdbx_struct_conn_angle.ptnr3_label_seq_id'  
17 2 'Structure model' '_pdbx_struct_conn_angle.value'               
18 2 'Structure model' '_struct_conn.pdbx_dist_value'                
19 2 'Structure model' '_struct_conn.ptnr1_auth_comp_id'             
20 2 'Structure model' '_struct_conn.ptnr1_auth_seq_id'              
21 2 'Structure model' '_struct_conn.ptnr1_label_asym_id'            
22 2 'Structure model' '_struct_conn.ptnr1_label_atom_id'            
23 2 'Structure model' '_struct_conn.ptnr1_label_comp_id'            
24 2 'Structure model' '_struct_conn.ptnr1_label_seq_id'             
25 2 'Structure model' '_struct_conn.ptnr2_auth_comp_id'             
26 2 'Structure model' '_struct_conn.ptnr2_auth_seq_id'              
27 2 'Structure model' '_struct_conn.ptnr2_label_asym_id'            
28 2 'Structure model' '_struct_conn.ptnr2_label_atom_id'            
29 2 'Structure model' '_struct_conn.ptnr2_label_comp_id'            
30 2 'Structure model' '_struct_ref_seq_dif.details'                 
31 2 'Structure model' '_struct_site.pdbx_auth_asym_id'              
32 2 'Structure model' '_struct_site.pdbx_auth_comp_id'              
33 2 'Structure model' '_struct_site.pdbx_auth_seq_id'               
# 
loop_
_software.name 
_software.classification 
_software.version 
_software.citation_id 
_software.pdbx_ordinal 
StructureStudio 'data collection' .        ? 1 
PHASER          phasing           .        ? 2 
REFMAC          refinement        5.7.0029 ? 3 
HKL-2000        'data reduction'  .        ? 4 
SCALEPACK       'data scaling'    .        ? 5 
# 
loop_
_pdbx_validate_torsion.id 
_pdbx_validate_torsion.PDB_model_num 
_pdbx_validate_torsion.auth_comp_id 
_pdbx_validate_torsion.auth_asym_id 
_pdbx_validate_torsion.auth_seq_id 
_pdbx_validate_torsion.PDB_ins_code 
_pdbx_validate_torsion.label_alt_id 
_pdbx_validate_torsion.phi 
_pdbx_validate_torsion.psi 
1 1 ARG A 11  ? ? -113.86 72.50   
2 1 ASP A 31  ? ? -105.45 55.29   
3 1 GLU A 71  ? ? 163.87  -178.67 
4 1 ARG A 99  ? ? 73.18   -48.05  
5 1 ASP A 108 ? ? 53.16   -120.31 
6 1 HIS A 135 ? ? -142.60 16.42   
7 1 SER A 142 ? ? -126.40 -150.25 
8 1 ARG A 173 ? ? -124.52 -53.06  
9 1 PRO A 198 ? ? -79.54  30.99   
# 
loop_
_pdbx_unobs_or_zero_occ_residues.id 
_pdbx_unobs_or_zero_occ_residues.PDB_model_num 
_pdbx_unobs_or_zero_occ_residues.polymer_flag 
_pdbx_unobs_or_zero_occ_residues.occupancy_flag 
_pdbx_unobs_or_zero_occ_residues.auth_asym_id 
_pdbx_unobs_or_zero_occ_residues.auth_comp_id 
_pdbx_unobs_or_zero_occ_residues.auth_seq_id 
_pdbx_unobs_or_zero_occ_residues.PDB_ins_code 
_pdbx_unobs_or_zero_occ_residues.label_asym_id 
_pdbx_unobs_or_zero_occ_residues.label_comp_id 
_pdbx_unobs_or_zero_occ_residues.label_seq_id 
1  1 Y 1 A MET -5  ? A MET 1   
2  1 Y 1 A HIS -4  ? A HIS 2   
3  1 Y 1 A HIS -3  ? A HIS 3   
4  1 Y 1 A HIS -2  ? A HIS 4   
5  1 Y 1 A HIS -1  ? A HIS 5   
6  1 Y 1 A HIS 0   ? A HIS 6   
7  1 Y 1 A HIS 1   ? A HIS 7   
8  1 Y 1 A THR 2   ? A THR 8   
9  1 Y 1 A THR 3   ? A THR 9   
10 1 Y 1 A THR 4   ? A THR 10  
11 1 Y 1 A GLN 5   ? A GLN 11  
12 1 Y 1 A THR 6   ? A THR 12  
13 1 Y 1 A ALA 7   ? A ALA 13  
14 1 Y 1 A LYS 8   ? A LYS 14  
15 1 Y 1 A ALA 9   ? A ALA 15  
16 1 Y 1 A VAL 200 ? A VAL 206 
17 1 Y 1 A SER 201 ? A SER 207 
18 1 Y 1 A GLY 202 ? A GLY 208 
19 1 Y 1 A VAL 203 ? A VAL 209 
20 1 Y 1 A PRO 204 ? A PRO 210 
21 1 Y 1 A SER 205 ? A SER 211 
22 1 Y 1 A THR 206 ? A THR 212 
23 1 Y 1 A LYS 207 ? A LYS 213 
24 1 Y 1 A GLY 208 ? A GLY 214 
25 1 Y 1 A ALA 209 ? A ALA 215 
26 1 Y 1 A LEU 210 ? A LEU 216 
# 
loop_
_chem_comp_atom.comp_id 
_chem_comp_atom.atom_id 
_chem_comp_atom.type_symbol 
_chem_comp_atom.pdbx_aromatic_flag 
_chem_comp_atom.pdbx_stereo_config 
_chem_comp_atom.pdbx_ordinal 
3TR N1   N  Y N 1   
3TR N2   N  Y N 2   
3TR C3   C  Y N 3   
3TR N4   N  Y N 4   
3TR C5   C  Y N 5   
3TR N3A  N  N N 6   
3TR HN1  H  N N 7   
3TR H5   H  N N 8   
3TR H3A1 H  N N 9   
3TR H3A2 H  N N 10  
ALA N    N  N N 11  
ALA CA   C  N S 12  
ALA C    C  N N 13  
ALA O    O  N N 14  
ALA CB   C  N N 15  
ALA OXT  O  N N 16  
ALA H    H  N N 17  
ALA H2   H  N N 18  
ALA HA   H  N N 19  
ALA HB1  H  N N 20  
ALA HB2  H  N N 21  
ALA HB3  H  N N 22  
ALA HXT  H  N N 23  
ARG N    N  N N 24  
ARG CA   C  N S 25  
ARG C    C  N N 26  
ARG O    O  N N 27  
ARG CB   C  N N 28  
ARG CG   C  N N 29  
ARG CD   C  N N 30  
ARG NE   N  N N 31  
ARG CZ   C  N N 32  
ARG NH1  N  N N 33  
ARG NH2  N  N N 34  
ARG OXT  O  N N 35  
ARG H    H  N N 36  
ARG H2   H  N N 37  
ARG HA   H  N N 38  
ARG HB2  H  N N 39  
ARG HB3  H  N N 40  
ARG HG2  H  N N 41  
ARG HG3  H  N N 42  
ARG HD2  H  N N 43  
ARG HD3  H  N N 44  
ARG HE   H  N N 45  
ARG HH11 H  N N 46  
ARG HH12 H  N N 47  
ARG HH21 H  N N 48  
ARG HH22 H  N N 49  
ARG HXT  H  N N 50  
ASN N    N  N N 51  
ASN CA   C  N S 52  
ASN C    C  N N 53  
ASN O    O  N N 54  
ASN CB   C  N N 55  
ASN CG   C  N N 56  
ASN OD1  O  N N 57  
ASN ND2  N  N N 58  
ASN OXT  O  N N 59  
ASN H    H  N N 60  
ASN H2   H  N N 61  
ASN HA   H  N N 62  
ASN HB2  H  N N 63  
ASN HB3  H  N N 64  
ASN HD21 H  N N 65  
ASN HD22 H  N N 66  
ASN HXT  H  N N 67  
ASP N    N  N N 68  
ASP CA   C  N S 69  
ASP C    C  N N 70  
ASP O    O  N N 71  
ASP CB   C  N N 72  
ASP CG   C  N N 73  
ASP OD1  O  N N 74  
ASP OD2  O  N N 75  
ASP OXT  O  N N 76  
ASP H    H  N N 77  
ASP H2   H  N N 78  
ASP HA   H  N N 79  
ASP HB2  H  N N 80  
ASP HB3  H  N N 81  
ASP HD2  H  N N 82  
ASP HXT  H  N N 83  
CYS N    N  N N 84  
CYS CA   C  N R 85  
CYS C    C  N N 86  
CYS O    O  N N 87  
CYS CB   C  N N 88  
CYS SG   S  N N 89  
CYS OXT  O  N N 90  
CYS H    H  N N 91  
CYS H2   H  N N 92  
CYS HA   H  N N 93  
CYS HB2  H  N N 94  
CYS HB3  H  N N 95  
CYS HG   H  N N 96  
CYS HXT  H  N N 97  
GLN N    N  N N 98  
GLN CA   C  N S 99  
GLN C    C  N N 100 
GLN O    O  N N 101 
GLN CB   C  N N 102 
GLN CG   C  N N 103 
GLN CD   C  N N 104 
GLN OE1  O  N N 105 
GLN NE2  N  N N 106 
GLN OXT  O  N N 107 
GLN H    H  N N 108 
GLN H2   H  N N 109 
GLN HA   H  N N 110 
GLN HB2  H  N N 111 
GLN HB3  H  N N 112 
GLN HG2  H  N N 113 
GLN HG3  H  N N 114 
GLN HE21 H  N N 115 
GLN HE22 H  N N 116 
GLN HXT  H  N N 117 
GLU N    N  N N 118 
GLU CA   C  N S 119 
GLU C    C  N N 120 
GLU O    O  N N 121 
GLU CB   C  N N 122 
GLU CG   C  N N 123 
GLU CD   C  N N 124 
GLU OE1  O  N N 125 
GLU OE2  O  N N 126 
GLU OXT  O  N N 127 
GLU H    H  N N 128 
GLU H2   H  N N 129 
GLU HA   H  N N 130 
GLU HB2  H  N N 131 
GLU HB3  H  N N 132 
GLU HG2  H  N N 133 
GLU HG3  H  N N 134 
GLU HE2  H  N N 135 
GLU HXT  H  N N 136 
GLY N    N  N N 137 
GLY CA   C  N N 138 
GLY C    C  N N 139 
GLY O    O  N N 140 
GLY OXT  O  N N 141 
GLY H    H  N N 142 
GLY H2   H  N N 143 
GLY HA2  H  N N 144 
GLY HA3  H  N N 145 
GLY HXT  H  N N 146 
HIS N    N  N N 147 
HIS CA   C  N S 148 
HIS C    C  N N 149 
HIS O    O  N N 150 
HIS CB   C  N N 151 
HIS CG   C  Y N 152 
HIS ND1  N  Y N 153 
HIS CD2  C  Y N 154 
HIS CE1  C  Y N 155 
HIS NE2  N  Y N 156 
HIS OXT  O  N N 157 
HIS H    H  N N 158 
HIS H2   H  N N 159 
HIS HA   H  N N 160 
HIS HB2  H  N N 161 
HIS HB3  H  N N 162 
HIS HD1  H  N N 163 
HIS HD2  H  N N 164 
HIS HE1  H  N N 165 
HIS HE2  H  N N 166 
HIS HXT  H  N N 167 
HOH O    O  N N 168 
HOH H1   H  N N 169 
HOH H2   H  N N 170 
ILE N    N  N N 171 
ILE CA   C  N S 172 
ILE C    C  N N 173 
ILE O    O  N N 174 
ILE CB   C  N S 175 
ILE CG1  C  N N 176 
ILE CG2  C  N N 177 
ILE CD1  C  N N 178 
ILE OXT  O  N N 179 
ILE H    H  N N 180 
ILE H2   H  N N 181 
ILE HA   H  N N 182 
ILE HB   H  N N 183 
ILE HG12 H  N N 184 
ILE HG13 H  N N 185 
ILE HG21 H  N N 186 
ILE HG22 H  N N 187 
ILE HG23 H  N N 188 
ILE HD11 H  N N 189 
ILE HD12 H  N N 190 
ILE HD13 H  N N 191 
ILE HXT  H  N N 192 
LEU N    N  N N 193 
LEU CA   C  N S 194 
LEU C    C  N N 195 
LEU O    O  N N 196 
LEU CB   C  N N 197 
LEU CG   C  N N 198 
LEU CD1  C  N N 199 
LEU CD2  C  N N 200 
LEU OXT  O  N N 201 
LEU H    H  N N 202 
LEU H2   H  N N 203 
LEU HA   H  N N 204 
LEU HB2  H  N N 205 
LEU HB3  H  N N 206 
LEU HG   H  N N 207 
LEU HD11 H  N N 208 
LEU HD12 H  N N 209 
LEU HD13 H  N N 210 
LEU HD21 H  N N 211 
LEU HD22 H  N N 212 
LEU HD23 H  N N 213 
LEU HXT  H  N N 214 
LYS N    N  N N 215 
LYS CA   C  N S 216 
LYS C    C  N N 217 
LYS O    O  N N 218 
LYS CB   C  N N 219 
LYS CG   C  N N 220 
LYS CD   C  N N 221 
LYS CE   C  N N 222 
LYS NZ   N  N N 223 
LYS OXT  O  N N 224 
LYS H    H  N N 225 
LYS H2   H  N N 226 
LYS HA   H  N N 227 
LYS HB2  H  N N 228 
LYS HB3  H  N N 229 
LYS HG2  H  N N 230 
LYS HG3  H  N N 231 
LYS HD2  H  N N 232 
LYS HD3  H  N N 233 
LYS HE2  H  N N 234 
LYS HE3  H  N N 235 
LYS HZ1  H  N N 236 
LYS HZ2  H  N N 237 
LYS HZ3  H  N N 238 
LYS HXT  H  N N 239 
MET N    N  N N 240 
MET CA   C  N S 241 
MET C    C  N N 242 
MET O    O  N N 243 
MET CB   C  N N 244 
MET CG   C  N N 245 
MET SD   S  N N 246 
MET CE   C  N N 247 
MET OXT  O  N N 248 
MET H    H  N N 249 
MET H2   H  N N 250 
MET HA   H  N N 251 
MET HB2  H  N N 252 
MET HB3  H  N N 253 
MET HG2  H  N N 254 
MET HG3  H  N N 255 
MET HE1  H  N N 256 
MET HE2  H  N N 257 
MET HE3  H  N N 258 
MET HXT  H  N N 259 
MN  MN   MN N N 260 
PHE N    N  N N 261 
PHE CA   C  N S 262 
PHE C    C  N N 263 
PHE O    O  N N 264 
PHE CB   C  N N 265 
PHE CG   C  Y N 266 
PHE CD1  C  Y N 267 
PHE CD2  C  Y N 268 
PHE CE1  C  Y N 269 
PHE CE2  C  Y N 270 
PHE CZ   C  Y N 271 
PHE OXT  O  N N 272 
PHE H    H  N N 273 
PHE H2   H  N N 274 
PHE HA   H  N N 275 
PHE HB2  H  N N 276 
PHE HB3  H  N N 277 
PHE HD1  H  N N 278 
PHE HD2  H  N N 279 
PHE HE1  H  N N 280 
PHE HE2  H  N N 281 
PHE HZ   H  N N 282 
PHE HXT  H  N N 283 
PRO N    N  N N 284 
PRO CA   C  N S 285 
PRO C    C  N N 286 
PRO O    O  N N 287 
PRO CB   C  N N 288 
PRO CG   C  N N 289 
PRO CD   C  N N 290 
PRO OXT  O  N N 291 
PRO H    H  N N 292 
PRO HA   H  N N 293 
PRO HB2  H  N N 294 
PRO HB3  H  N N 295 
PRO HG2  H  N N 296 
PRO HG3  H  N N 297 
PRO HD2  H  N N 298 
PRO HD3  H  N N 299 
PRO HXT  H  N N 300 
SER N    N  N N 301 
SER CA   C  N S 302 
SER C    C  N N 303 
SER O    O  N N 304 
SER CB   C  N N 305 
SER OG   O  N N 306 
SER OXT  O  N N 307 
SER H    H  N N 308 
SER H2   H  N N 309 
SER HA   H  N N 310 
SER HB2  H  N N 311 
SER HB3  H  N N 312 
SER HG   H  N N 313 
SER HXT  H  N N 314 
THR N    N  N N 315 
THR CA   C  N S 316 
THR C    C  N N 317 
THR O    O  N N 318 
THR CB   C  N R 319 
THR OG1  O  N N 320 
THR CG2  C  N N 321 
THR OXT  O  N N 322 
THR H    H  N N 323 
THR H2   H  N N 324 
THR HA   H  N N 325 
THR HB   H  N N 326 
THR HG1  H  N N 327 
THR HG21 H  N N 328 
THR HG22 H  N N 329 
THR HG23 H  N N 330 
THR HXT  H  N N 331 
TYR N    N  N N 332 
TYR CA   C  N S 333 
TYR C    C  N N 334 
TYR O    O  N N 335 
TYR CB   C  N N 336 
TYR CG   C  Y N 337 
TYR CD1  C  Y N 338 
TYR CD2  C  Y N 339 
TYR CE1  C  Y N 340 
TYR CE2  C  Y N 341 
TYR CZ   C  Y N 342 
TYR OH   O  N N 343 
TYR OXT  O  N N 344 
TYR H    H  N N 345 
TYR H2   H  N N 346 
TYR HA   H  N N 347 
TYR HB2  H  N N 348 
TYR HB3  H  N N 349 
TYR HD1  H  N N 350 
TYR HD2  H  N N 351 
TYR HE1  H  N N 352 
TYR HE2  H  N N 353 
TYR HH   H  N N 354 
TYR HXT  H  N N 355 
VAL N    N  N N 356 
VAL CA   C  N S 357 
VAL C    C  N N 358 
VAL O    O  N N 359 
VAL CB   C  N N 360 
VAL CG1  C  N N 361 
VAL CG2  C  N N 362 
VAL OXT  O  N N 363 
VAL H    H  N N 364 
VAL H2   H  N N 365 
VAL HA   H  N N 366 
VAL HB   H  N N 367 
VAL HG11 H  N N 368 
VAL HG12 H  N N 369 
VAL HG13 H  N N 370 
VAL HG21 H  N N 371 
VAL HG22 H  N N 372 
VAL HG23 H  N N 373 
VAL HXT  H  N N 374 
# 
loop_
_chem_comp_bond.comp_id 
_chem_comp_bond.atom_id_1 
_chem_comp_bond.atom_id_2 
_chem_comp_bond.value_order 
_chem_comp_bond.pdbx_aromatic_flag 
_chem_comp_bond.pdbx_stereo_config 
_chem_comp_bond.pdbx_ordinal 
3TR N1  N2   sing Y N 1   
3TR N1  C5   sing Y N 2   
3TR N1  HN1  sing N N 3   
3TR N2  C3   doub Y N 4   
3TR C3  N4   sing Y N 5   
3TR C3  N3A  sing N N 6   
3TR N4  C5   doub Y N 7   
3TR C5  H5   sing N N 8   
3TR N3A H3A1 sing N N 9   
3TR N3A H3A2 sing N N 10  
ALA N   CA   sing N N 11  
ALA N   H    sing N N 12  
ALA N   H2   sing N N 13  
ALA CA  C    sing N N 14  
ALA CA  CB   sing N N 15  
ALA CA  HA   sing N N 16  
ALA C   O    doub N N 17  
ALA C   OXT  sing N N 18  
ALA CB  HB1  sing N N 19  
ALA CB  HB2  sing N N 20  
ALA CB  HB3  sing N N 21  
ALA OXT HXT  sing N N 22  
ARG N   CA   sing N N 23  
ARG N   H    sing N N 24  
ARG N   H2   sing N N 25  
ARG CA  C    sing N N 26  
ARG CA  CB   sing N N 27  
ARG CA  HA   sing N N 28  
ARG C   O    doub N N 29  
ARG C   OXT  sing N N 30  
ARG CB  CG   sing N N 31  
ARG CB  HB2  sing N N 32  
ARG CB  HB3  sing N N 33  
ARG CG  CD   sing N N 34  
ARG CG  HG2  sing N N 35  
ARG CG  HG3  sing N N 36  
ARG CD  NE   sing N N 37  
ARG CD  HD2  sing N N 38  
ARG CD  HD3  sing N N 39  
ARG NE  CZ   sing N N 40  
ARG NE  HE   sing N N 41  
ARG CZ  NH1  sing N N 42  
ARG CZ  NH2  doub N N 43  
ARG NH1 HH11 sing N N 44  
ARG NH1 HH12 sing N N 45  
ARG NH2 HH21 sing N N 46  
ARG NH2 HH22 sing N N 47  
ARG OXT HXT  sing N N 48  
ASN N   CA   sing N N 49  
ASN N   H    sing N N 50  
ASN N   H2   sing N N 51  
ASN CA  C    sing N N 52  
ASN CA  CB   sing N N 53  
ASN CA  HA   sing N N 54  
ASN C   O    doub N N 55  
ASN C   OXT  sing N N 56  
ASN CB  CG   sing N N 57  
ASN CB  HB2  sing N N 58  
ASN CB  HB3  sing N N 59  
ASN CG  OD1  doub N N 60  
ASN CG  ND2  sing N N 61  
ASN ND2 HD21 sing N N 62  
ASN ND2 HD22 sing N N 63  
ASN OXT HXT  sing N N 64  
ASP N   CA   sing N N 65  
ASP N   H    sing N N 66  
ASP N   H2   sing N N 67  
ASP CA  C    sing N N 68  
ASP CA  CB   sing N N 69  
ASP CA  HA   sing N N 70  
ASP C   O    doub N N 71  
ASP C   OXT  sing N N 72  
ASP CB  CG   sing N N 73  
ASP CB  HB2  sing N N 74  
ASP CB  HB3  sing N N 75  
ASP CG  OD1  doub N N 76  
ASP CG  OD2  sing N N 77  
ASP OD2 HD2  sing N N 78  
ASP OXT HXT  sing N N 79  
CYS N   CA   sing N N 80  
CYS N   H    sing N N 81  
CYS N   H2   sing N N 82  
CYS CA  C    sing N N 83  
CYS CA  CB   sing N N 84  
CYS CA  HA   sing N N 85  
CYS C   O    doub N N 86  
CYS C   OXT  sing N N 87  
CYS CB  SG   sing N N 88  
CYS CB  HB2  sing N N 89  
CYS CB  HB3  sing N N 90  
CYS SG  HG   sing N N 91  
CYS OXT HXT  sing N N 92  
GLN N   CA   sing N N 93  
GLN N   H    sing N N 94  
GLN N   H2   sing N N 95  
GLN CA  C    sing N N 96  
GLN CA  CB   sing N N 97  
GLN CA  HA   sing N N 98  
GLN C   O    doub N N 99  
GLN C   OXT  sing N N 100 
GLN CB  CG   sing N N 101 
GLN CB  HB2  sing N N 102 
GLN CB  HB3  sing N N 103 
GLN CG  CD   sing N N 104 
GLN CG  HG2  sing N N 105 
GLN CG  HG3  sing N N 106 
GLN CD  OE1  doub N N 107 
GLN CD  NE2  sing N N 108 
GLN NE2 HE21 sing N N 109 
GLN NE2 HE22 sing N N 110 
GLN OXT HXT  sing N N 111 
GLU N   CA   sing N N 112 
GLU N   H    sing N N 113 
GLU N   H2   sing N N 114 
GLU CA  C    sing N N 115 
GLU CA  CB   sing N N 116 
GLU CA  HA   sing N N 117 
GLU C   O    doub N N 118 
GLU C   OXT  sing N N 119 
GLU CB  CG   sing N N 120 
GLU CB  HB2  sing N N 121 
GLU CB  HB3  sing N N 122 
GLU CG  CD   sing N N 123 
GLU CG  HG2  sing N N 124 
GLU CG  HG3  sing N N 125 
GLU CD  OE1  doub N N 126 
GLU CD  OE2  sing N N 127 
GLU OE2 HE2  sing N N 128 
GLU OXT HXT  sing N N 129 
GLY N   CA   sing N N 130 
GLY N   H    sing N N 131 
GLY N   H2   sing N N 132 
GLY CA  C    sing N N 133 
GLY CA  HA2  sing N N 134 
GLY CA  HA3  sing N N 135 
GLY C   O    doub N N 136 
GLY C   OXT  sing N N 137 
GLY OXT HXT  sing N N 138 
HIS N   CA   sing N N 139 
HIS N   H    sing N N 140 
HIS N   H2   sing N N 141 
HIS CA  C    sing N N 142 
HIS CA  CB   sing N N 143 
HIS CA  HA   sing N N 144 
HIS C   O    doub N N 145 
HIS C   OXT  sing N N 146 
HIS CB  CG   sing N N 147 
HIS CB  HB2  sing N N 148 
HIS CB  HB3  sing N N 149 
HIS CG  ND1  sing Y N 150 
HIS CG  CD2  doub Y N 151 
HIS ND1 CE1  doub Y N 152 
HIS ND1 HD1  sing N N 153 
HIS CD2 NE2  sing Y N 154 
HIS CD2 HD2  sing N N 155 
HIS CE1 NE2  sing Y N 156 
HIS CE1 HE1  sing N N 157 
HIS NE2 HE2  sing N N 158 
HIS OXT HXT  sing N N 159 
HOH O   H1   sing N N 160 
HOH O   H2   sing N N 161 
ILE N   CA   sing N N 162 
ILE N   H    sing N N 163 
ILE N   H2   sing N N 164 
ILE CA  C    sing N N 165 
ILE CA  CB   sing N N 166 
ILE CA  HA   sing N N 167 
ILE C   O    doub N N 168 
ILE C   OXT  sing N N 169 
ILE CB  CG1  sing N N 170 
ILE CB  CG2  sing N N 171 
ILE CB  HB   sing N N 172 
ILE CG1 CD1  sing N N 173 
ILE CG1 HG12 sing N N 174 
ILE CG1 HG13 sing N N 175 
ILE CG2 HG21 sing N N 176 
ILE CG2 HG22 sing N N 177 
ILE CG2 HG23 sing N N 178 
ILE CD1 HD11 sing N N 179 
ILE CD1 HD12 sing N N 180 
ILE CD1 HD13 sing N N 181 
ILE OXT HXT  sing N N 182 
LEU N   CA   sing N N 183 
LEU N   H    sing N N 184 
LEU N   H2   sing N N 185 
LEU CA  C    sing N N 186 
LEU CA  CB   sing N N 187 
LEU CA  HA   sing N N 188 
LEU C   O    doub N N 189 
LEU C   OXT  sing N N 190 
LEU CB  CG   sing N N 191 
LEU CB  HB2  sing N N 192 
LEU CB  HB3  sing N N 193 
LEU CG  CD1  sing N N 194 
LEU CG  CD2  sing N N 195 
LEU CG  HG   sing N N 196 
LEU CD1 HD11 sing N N 197 
LEU CD1 HD12 sing N N 198 
LEU CD1 HD13 sing N N 199 
LEU CD2 HD21 sing N N 200 
LEU CD2 HD22 sing N N 201 
LEU CD2 HD23 sing N N 202 
LEU OXT HXT  sing N N 203 
LYS N   CA   sing N N 204 
LYS N   H    sing N N 205 
LYS N   H2   sing N N 206 
LYS CA  C    sing N N 207 
LYS CA  CB   sing N N 208 
LYS CA  HA   sing N N 209 
LYS C   O    doub N N 210 
LYS C   OXT  sing N N 211 
LYS CB  CG   sing N N 212 
LYS CB  HB2  sing N N 213 
LYS CB  HB3  sing N N 214 
LYS CG  CD   sing N N 215 
LYS CG  HG2  sing N N 216 
LYS CG  HG3  sing N N 217 
LYS CD  CE   sing N N 218 
LYS CD  HD2  sing N N 219 
LYS CD  HD3  sing N N 220 
LYS CE  NZ   sing N N 221 
LYS CE  HE2  sing N N 222 
LYS CE  HE3  sing N N 223 
LYS NZ  HZ1  sing N N 224 
LYS NZ  HZ2  sing N N 225 
LYS NZ  HZ3  sing N N 226 
LYS OXT HXT  sing N N 227 
MET N   CA   sing N N 228 
MET N   H    sing N N 229 
MET N   H2   sing N N 230 
MET CA  C    sing N N 231 
MET CA  CB   sing N N 232 
MET CA  HA   sing N N 233 
MET C   O    doub N N 234 
MET C   OXT  sing N N 235 
MET CB  CG   sing N N 236 
MET CB  HB2  sing N N 237 
MET CB  HB3  sing N N 238 
MET CG  SD   sing N N 239 
MET CG  HG2  sing N N 240 
MET CG  HG3  sing N N 241 
MET SD  CE   sing N N 242 
MET CE  HE1  sing N N 243 
MET CE  HE2  sing N N 244 
MET CE  HE3  sing N N 245 
MET OXT HXT  sing N N 246 
PHE N   CA   sing N N 247 
PHE N   H    sing N N 248 
PHE N   H2   sing N N 249 
PHE CA  C    sing N N 250 
PHE CA  CB   sing N N 251 
PHE CA  HA   sing N N 252 
PHE C   O    doub N N 253 
PHE C   OXT  sing N N 254 
PHE CB  CG   sing N N 255 
PHE CB  HB2  sing N N 256 
PHE CB  HB3  sing N N 257 
PHE CG  CD1  doub Y N 258 
PHE CG  CD2  sing Y N 259 
PHE CD1 CE1  sing Y N 260 
PHE CD1 HD1  sing N N 261 
PHE CD2 CE2  doub Y N 262 
PHE CD2 HD2  sing N N 263 
PHE CE1 CZ   doub Y N 264 
PHE CE1 HE1  sing N N 265 
PHE CE2 CZ   sing Y N 266 
PHE CE2 HE2  sing N N 267 
PHE CZ  HZ   sing N N 268 
PHE OXT HXT  sing N N 269 
PRO N   CA   sing N N 270 
PRO N   CD   sing N N 271 
PRO N   H    sing N N 272 
PRO CA  C    sing N N 273 
PRO CA  CB   sing N N 274 
PRO CA  HA   sing N N 275 
PRO C   O    doub N N 276 
PRO C   OXT  sing N N 277 
PRO CB  CG   sing N N 278 
PRO CB  HB2  sing N N 279 
PRO CB  HB3  sing N N 280 
PRO CG  CD   sing N N 281 
PRO CG  HG2  sing N N 282 
PRO CG  HG3  sing N N 283 
PRO CD  HD2  sing N N 284 
PRO CD  HD3  sing N N 285 
PRO OXT HXT  sing N N 286 
SER N   CA   sing N N 287 
SER N   H    sing N N 288 
SER N   H2   sing N N 289 
SER CA  C    sing N N 290 
SER CA  CB   sing N N 291 
SER CA  HA   sing N N 292 
SER C   O    doub N N 293 
SER C   OXT  sing N N 294 
SER CB  OG   sing N N 295 
SER CB  HB2  sing N N 296 
SER CB  HB3  sing N N 297 
SER OG  HG   sing N N 298 
SER OXT HXT  sing N N 299 
THR N   CA   sing N N 300 
THR N   H    sing N N 301 
THR N   H2   sing N N 302 
THR CA  C    sing N N 303 
THR CA  CB   sing N N 304 
THR CA  HA   sing N N 305 
THR C   O    doub N N 306 
THR C   OXT  sing N N 307 
THR CB  OG1  sing N N 308 
THR CB  CG2  sing N N 309 
THR CB  HB   sing N N 310 
THR OG1 HG1  sing N N 311 
THR CG2 HG21 sing N N 312 
THR CG2 HG22 sing N N 313 
THR CG2 HG23 sing N N 314 
THR OXT HXT  sing N N 315 
TYR N   CA   sing N N 316 
TYR N   H    sing N N 317 
TYR N   H2   sing N N 318 
TYR CA  C    sing N N 319 
TYR CA  CB   sing N N 320 
TYR CA  HA   sing N N 321 
TYR C   O    doub N N 322 
TYR C   OXT  sing N N 323 
TYR CB  CG   sing N N 324 
TYR CB  HB2  sing N N 325 
TYR CB  HB3  sing N N 326 
TYR CG  CD1  doub Y N 327 
TYR CG  CD2  sing Y N 328 
TYR CD1 CE1  sing Y N 329 
TYR CD1 HD1  sing N N 330 
TYR CD2 CE2  doub Y N 331 
TYR CD2 HD2  sing N N 332 
TYR CE1 CZ   doub Y N 333 
TYR CE1 HE1  sing N N 334 
TYR CE2 CZ   sing Y N 335 
TYR CE2 HE2  sing N N 336 
TYR CZ  OH   sing N N 337 
TYR OH  HH   sing N N 338 
TYR OXT HXT  sing N N 339 
VAL N   CA   sing N N 340 
VAL N   H    sing N N 341 
VAL N   H2   sing N N 342 
VAL CA  C    sing N N 343 
VAL CA  CB   sing N N 344 
VAL CA  HA   sing N N 345 
VAL C   O    doub N N 346 
VAL C   OXT  sing N N 347 
VAL CB  CG1  sing N N 348 
VAL CB  CG2  sing N N 349 
VAL CB  HB   sing N N 350 
VAL CG1 HG11 sing N N 351 
VAL CG1 HG12 sing N N 352 
VAL CG1 HG13 sing N N 353 
VAL CG2 HG21 sing N N 354 
VAL CG2 HG22 sing N N 355 
VAL CG2 HG23 sing N N 356 
VAL OXT HXT  sing N N 357 
# 
loop_
_pdbx_entity_nonpoly.entity_id 
_pdbx_entity_nonpoly.name 
_pdbx_entity_nonpoly.comp_id 
2 3-AMINO-1,2,4-TRIAZOLE 3TR 
3 'MANGANESE (II) ION'   MN  
4 water                  HOH 
# 
_pdbx_initial_refinement_model.id               1 
_pdbx_initial_refinement_model.entity_id_list   ? 
_pdbx_initial_refinement_model.type             'experimental model' 
_pdbx_initial_refinement_model.source_name      PDB 
_pdbx_initial_refinement_model.accession_code   4GQU 
_pdbx_initial_refinement_model.details          ? 
# 
